data_8TR3
#
_entry.id   8TR3
#
_cell.length_a   1.00
_cell.length_b   1.00
_cell.length_c   1.00
_cell.angle_alpha   90.00
_cell.angle_beta   90.00
_cell.angle_gamma   90.00
#
_symmetry.space_group_name_H-M   'P 1'
#
loop_
_entity.id
_entity.type
_entity.pdbx_description
1 polymer 'CNE40 SOSIP Envelope glycoprotein gp120'
2 polymer 'CNE40 SOSIP Transmembrane protein gp41'
3 polymer 'HmAb64 Fv heavy chain'
4 polymer 'HmAb64 Fv light chain'
5 branched 2-acetamido-2-deoxy-beta-D-glucopyranose-(1-4)-2-acetamido-2-deoxy-beta-D-glucopyranose
6 non-polymer 2-acetamido-2-deoxy-beta-D-glucopyranose
#
loop_
_entity_poly.entity_id
_entity_poly.type
_entity_poly.pdbx_seq_one_letter_code
_entity_poly.pdbx_strand_id
1 'polypeptide(L)'
;GNLWVTVYYGVPVWKEATTTLFCASDAKAYDTEVHNVWATHACVPADPNPQEMLLKNVTENFNMWKNEMVNQMHEDVISL
WDQSLKPCVKLTPLCVTLNCTNVKINSTSNETCIDSGNNSTCNETYKEMRNCSFNATTVVRDKQQKMYALFYKLDIVPLN
SGYKNSSDETYRLINCNTSAITQACPKVSFDPIPIHYCTPAGYALLKCNNKTFNGTGPCNNVSTVQCTHGIKPVVSTQLL
LNGSLAEEEIIIRSENLTNNAKTIIVHLKEPVNITCERPNNNTRKSIRIGPGQTFYATGDIIGNIREAHCNISRSQWNKT
LQGVGEKLAELFPNKTIVFKNSSGGDLEITTHSFNCRGEFFYCNTTDLFNSTYWSNGTYITQSNSSSINITLPCRIKQII
NMWQEVGRAIYAPPIAGQITCISNITGLLLLRDGGKEANGTEIFRPGGGDMRDNWRSELYKYKVVEIKPLGVAPTKCRRR
VVERRRRRR
;
A,C,E
2 'polypeptide(L)'
;AVGIGAVFLGFLGAAGSTMGAASITLTVQARQLLSGIVQQQSNLLKAPEAQQHLLQLTVWGIKQLQTRVLAIERYLKDQQ
LLGIWGCSGKLICCTAVPWNSSWSNKSQTEIWNNMTWMQWDREINNYTDIIYRLLEESQNQQENNEEDLLALD
;
B,D,F
3 'polypeptide(L)'
;QVQLVQSGAEVKKPGASVKVSCKASGYTFTSYDITWVRQAPGQGLEWMGWISAYNGDTNYAQRLQGRVTMTTDTSTSTAY
MELRSLRSDDTAVYYCARAKHTVLVTAMRWFDPWGQGTLVTVSS
;
H,I,J
4 'polypeptide(L)'
;DIQMTQSPSSLSASVGDRVTITCRASQSISNYLNWYQQKPGKAPKLLISATSSLQSGVPSRFSGSGSGTDFTLTISSLQP
DDFATYYCQQSYSTPWTFGQGTKLEIKRT
;
L,M,N
#
loop_
_chem_comp.id
_chem_comp.type
_chem_comp.name
_chem_comp.formula
NAG D-saccharide, beta linking 2-acetamido-2-deoxy-beta-D-glucopyranose 'C8 H15 N O6'
#
# COMPACT_ATOMS: atom_id res chain seq x y z
N LEU A 3 -46.34 -17.58 -11.20
CA LEU A 3 -46.29 -18.02 -12.58
C LEU A 3 -45.12 -17.39 -13.33
N TRP A 4 -44.47 -16.42 -12.68
CA TRP A 4 -43.34 -15.73 -13.28
C TRP A 4 -42.13 -15.82 -12.36
N VAL A 5 -40.95 -15.79 -12.96
CA VAL A 5 -39.73 -15.87 -12.18
C VAL A 5 -39.49 -14.56 -11.45
N THR A 6 -38.68 -14.63 -10.40
CA THR A 6 -38.22 -13.45 -9.68
C THR A 6 -36.78 -13.69 -9.26
N VAL A 7 -35.96 -12.64 -9.38
CA VAL A 7 -34.53 -12.72 -9.11
C VAL A 7 -34.28 -12.11 -7.74
N TYR A 8 -33.81 -12.94 -6.82
CA TYR A 8 -33.50 -12.50 -5.46
C TYR A 8 -32.00 -12.36 -5.31
N TYR A 9 -31.56 -11.18 -4.90
CA TYR A 9 -30.17 -10.96 -4.49
C TYR A 9 -30.16 -10.88 -2.97
N GLY A 10 -29.70 -11.96 -2.35
CA GLY A 10 -29.69 -12.03 -0.90
C GLY A 10 -29.99 -13.38 -0.30
N VAL A 11 -30.30 -14.37 -1.13
CA VAL A 11 -30.61 -15.70 -0.63
C VAL A 11 -29.35 -16.31 -0.01
N PRO A 12 -29.47 -17.15 1.02
CA PRO A 12 -28.29 -17.79 1.64
C PRO A 12 -27.90 -19.10 0.96
N VAL A 13 -27.20 -18.99 -0.16
CA VAL A 13 -26.80 -20.13 -0.98
C VAL A 13 -25.29 -20.18 -1.03
N TRP A 14 -24.72 -21.36 -0.79
CA TRP A 14 -23.28 -21.56 -0.91
C TRP A 14 -22.97 -22.74 -1.81
N LYS A 15 -21.74 -22.72 -2.34
CA LYS A 15 -21.22 -23.77 -3.21
C LYS A 15 -19.87 -24.22 -2.65
N GLU A 16 -19.44 -25.41 -3.06
CA GLU A 16 -18.32 -26.11 -2.43
C GLU A 16 -17.00 -25.96 -3.18
N ALA A 17 -16.74 -24.81 -3.79
CA ALA A 17 -15.50 -24.61 -4.51
C ALA A 17 -14.32 -24.49 -3.54
N THR A 18 -13.12 -24.32 -4.09
CA THR A 18 -11.90 -24.22 -3.29
C THR A 18 -11.05 -23.05 -3.78
N THR A 19 -10.37 -22.41 -2.83
CA THR A 19 -9.52 -21.25 -3.13
C THR A 19 -8.13 -21.43 -2.55
N THR A 20 -7.34 -20.36 -2.57
CA THR A 20 -6.03 -20.33 -1.93
C THR A 20 -6.16 -19.47 -0.68
N LEU A 21 -6.40 -20.12 0.45
CA LEU A 21 -6.51 -19.41 1.72
C LEU A 21 -5.17 -18.82 2.13
N PHE A 22 -5.22 -17.73 2.88
CA PHE A 22 -4.00 -17.02 3.27
C PHE A 22 -3.75 -17.17 4.77
N CYS A 23 -2.47 -17.22 5.12
CA CYS A 23 -2.04 -17.45 6.49
C CYS A 23 -2.27 -16.20 7.34
N ALA A 24 -2.36 -16.43 8.65
CA ALA A 24 -2.56 -15.37 9.63
C ALA A 24 -1.78 -15.72 10.89
N SER A 25 -1.25 -14.70 11.55
CA SER A 25 -0.49 -14.86 12.77
C SER A 25 -1.01 -13.90 13.83
N ASP A 26 -0.90 -14.32 15.08
CA ASP A 26 -1.38 -13.52 16.20
C ASP A 26 -0.41 -12.39 16.53
N THR A 40 11.35 -14.28 8.25
CA THR A 40 10.03 -14.91 8.30
C THR A 40 9.13 -14.37 7.20
N HIS A 41 8.32 -15.25 6.61
CA HIS A 41 7.44 -14.83 5.53
C HIS A 41 6.30 -13.95 6.03
N ALA A 42 5.94 -14.07 7.30
CA ALA A 42 4.89 -13.27 7.94
C ALA A 42 3.52 -13.52 7.33
N CYS A 43 2.47 -13.08 8.01
CA CYS A 43 1.10 -13.35 7.57
C CYS A 43 0.23 -12.14 7.91
N VAL A 44 -1.09 -12.33 7.83
CA VAL A 44 -2.07 -11.28 8.01
C VAL A 44 -2.52 -11.29 9.48
N PRO A 45 -3.29 -10.30 9.95
CA PRO A 45 -3.67 -10.30 11.38
C PRO A 45 -4.60 -11.43 11.74
N ALA A 46 -4.57 -11.79 13.03
CA ALA A 46 -5.44 -12.80 13.61
C ALA A 46 -6.32 -12.11 14.65
N ASP A 47 -7.63 -12.03 14.37
CA ASP A 47 -8.53 -11.29 15.23
C ASP A 47 -8.89 -12.08 16.50
N PRO A 48 -9.13 -11.38 17.63
CA PRO A 48 -9.51 -12.04 18.87
C PRO A 48 -11.02 -12.20 19.04
N ASN A 49 -11.69 -12.70 18.01
CA ASN A 49 -13.14 -12.91 18.06
C ASN A 49 -13.59 -13.78 16.89
N PRO A 50 -14.54 -14.67 17.11
CA PRO A 50 -15.15 -15.38 15.99
C PRO A 50 -16.47 -14.78 15.52
N GLN A 51 -16.68 -14.88 14.20
CA GLN A 51 -17.98 -14.60 13.61
C GLN A 51 -18.88 -15.83 13.64
N GLU A 52 -18.64 -16.72 14.59
CA GLU A 52 -19.40 -17.96 14.68
C GLU A 52 -20.88 -17.67 14.86
N MET A 53 -21.69 -18.22 13.96
CA MET A 53 -23.15 -18.06 14.02
C MET A 53 -23.77 -19.41 13.69
N LEU A 54 -24.44 -20.00 14.66
CA LEU A 54 -25.00 -21.33 14.49
C LEU A 54 -26.13 -21.30 13.47
N LEU A 55 -26.08 -22.22 12.51
CA LEU A 55 -27.12 -22.36 11.50
C LEU A 55 -28.05 -23.48 11.96
N LYS A 56 -29.15 -23.11 12.60
CA LYS A 56 -30.13 -24.11 13.02
C LYS A 56 -30.82 -24.71 11.80
N ASN A 57 -31.35 -25.91 11.98
CA ASN A 57 -32.22 -26.56 10.99
C ASN A 57 -31.49 -26.83 9.68
N VAL A 58 -30.20 -27.15 9.73
CA VAL A 58 -29.44 -27.48 8.53
C VAL A 58 -28.42 -28.56 8.88
N THR A 59 -28.17 -29.45 7.91
CA THR A 59 -27.16 -30.49 8.02
C THR A 59 -26.31 -30.47 6.76
N GLU A 60 -24.99 -30.44 6.91
CA GLU A 60 -24.07 -30.36 5.80
C GLU A 60 -23.27 -31.66 5.69
N ASN A 61 -23.11 -32.14 4.46
CA ASN A 61 -22.41 -33.39 4.19
C ASN A 61 -20.91 -33.11 4.11
N PHE A 62 -20.19 -33.37 5.20
CA PHE A 62 -18.78 -33.08 5.27
C PHE A 62 -17.94 -34.16 4.60
N ASN A 63 -16.65 -33.88 4.48
CA ASN A 63 -15.65 -34.84 4.03
C ASN A 63 -14.26 -34.33 4.35
N MET A 64 -13.43 -35.16 4.99
CA MET A 64 -12.11 -34.75 5.41
C MET A 64 -10.99 -35.35 4.56
N TRP A 65 -11.22 -36.47 3.89
CA TRP A 65 -10.19 -37.07 3.05
C TRP A 65 -10.07 -36.40 1.69
N LYS A 66 -10.95 -35.47 1.36
CA LYS A 66 -10.89 -34.73 0.09
C LYS A 66 -10.70 -33.24 0.35
N ASN A 67 -9.82 -32.90 1.28
CA ASN A 67 -9.55 -31.52 1.63
C ASN A 67 -8.32 -31.01 0.89
N GLU A 68 -8.32 -29.72 0.58
CA GLU A 68 -7.16 -29.07 -0.02
C GLU A 68 -6.30 -28.35 1.02
N MET A 69 -6.87 -27.97 2.16
CA MET A 69 -6.11 -27.25 3.18
C MET A 69 -4.92 -28.05 3.66
N VAL A 70 -5.03 -29.38 3.70
CA VAL A 70 -3.93 -30.21 4.18
C VAL A 70 -2.72 -30.06 3.26
N ASN A 71 -2.94 -30.11 1.94
CA ASN A 71 -1.83 -29.94 1.01
C ASN A 71 -1.22 -28.55 1.11
N GLN A 72 -2.07 -27.53 1.27
CA GLN A 72 -1.57 -26.17 1.44
C GLN A 72 -0.68 -26.07 2.66
N MET A 73 -1.10 -26.65 3.78
CA MET A 73 -0.31 -26.55 4.99
C MET A 73 0.96 -27.39 4.90
N HIS A 74 0.90 -28.51 4.20
CA HIS A 74 2.11 -29.30 3.97
C HIS A 74 3.13 -28.49 3.17
N GLU A 75 2.67 -27.80 2.13
CA GLU A 75 3.56 -26.94 1.36
C GLU A 75 4.14 -25.83 2.22
N ASP A 76 3.29 -25.21 3.04
CA ASP A 76 3.76 -24.13 3.91
C ASP A 76 4.80 -24.62 4.92
N VAL A 77 4.57 -25.80 5.49
CA VAL A 77 5.53 -26.37 6.44
C VAL A 77 6.85 -26.68 5.75
N ILE A 78 6.78 -27.24 4.55
CA ILE A 78 8.01 -27.54 3.81
C ILE A 78 8.78 -26.25 3.53
N SER A 79 8.08 -25.21 3.08
CA SER A 79 8.73 -23.94 2.81
C SER A 79 9.34 -23.34 4.08
N LEU A 80 8.62 -23.42 5.20
CA LEU A 80 9.13 -22.87 6.44
C LEU A 80 10.38 -23.61 6.90
N TRP A 81 10.38 -24.94 6.79
CA TRP A 81 11.56 -25.69 7.21
C TRP A 81 12.74 -25.42 6.28
N ASP A 82 12.47 -25.24 4.99
CA ASP A 82 13.54 -24.87 4.06
C ASP A 82 14.12 -23.51 4.42
N GLN A 83 13.26 -22.54 4.73
CA GLN A 83 13.73 -21.20 5.07
C GLN A 83 14.52 -21.20 6.37
N SER A 84 14.07 -21.96 7.36
CA SER A 84 14.75 -21.97 8.66
C SER A 84 16.16 -22.54 8.53
N LEU A 85 16.32 -23.62 7.78
CA LEU A 85 17.62 -24.25 7.61
C LEU A 85 18.46 -23.50 6.58
N VAL A 188 20.25 -25.74 15.82
CA VAL A 188 19.22 -25.81 14.80
C VAL A 188 17.83 -25.67 15.43
N SER A 189 16.87 -26.43 14.90
CA SER A 189 15.50 -26.45 15.38
C SER A 189 14.83 -25.10 15.24
N PHE A 190 13.60 -24.99 15.74
CA PHE A 190 12.82 -23.75 15.62
C PHE A 190 11.69 -23.80 16.62
N ASP A 191 11.03 -22.66 16.81
CA ASP A 191 9.88 -22.56 17.70
C ASP A 191 8.61 -22.42 16.88
N PRO A 192 7.74 -23.43 16.86
CA PRO A 192 6.48 -23.31 16.12
C PRO A 192 5.56 -22.29 16.77
N ILE A 193 4.74 -21.66 15.94
CA ILE A 193 3.78 -20.66 16.41
C ILE A 193 2.39 -21.03 15.91
N PRO A 194 1.33 -20.64 16.61
CA PRO A 194 -0.02 -20.87 16.08
C PRO A 194 -0.21 -20.15 14.76
N ILE A 195 -0.87 -20.82 13.82
CA ILE A 195 -1.07 -20.31 12.47
C ILE A 195 -2.55 -20.43 12.14
N HIS A 196 -3.18 -19.31 11.85
CA HIS A 196 -4.59 -19.29 11.45
C HIS A 196 -4.67 -19.29 9.92
N TYR A 197 -5.76 -19.84 9.41
CA TYR A 197 -6.04 -19.82 7.97
C TYR A 197 -7.30 -19.02 7.72
N CYS A 198 -7.21 -18.02 6.85
CA CYS A 198 -8.34 -17.15 6.56
C CYS A 198 -8.66 -17.19 5.08
N THR A 199 -9.94 -17.07 4.77
CA THR A 199 -10.51 -17.18 3.44
C THR A 199 -10.74 -15.79 2.84
N PRO A 200 -10.69 -15.66 1.51
CA PRO A 200 -10.89 -14.34 0.90
C PRO A 200 -12.36 -13.94 0.93
N ALA A 201 -12.62 -12.70 0.50
CA ALA A 201 -13.97 -12.18 0.49
C ALA A 201 -14.84 -12.97 -0.49
N GLY A 202 -16.05 -13.30 -0.05
CA GLY A 202 -16.95 -14.12 -0.83
C GLY A 202 -16.96 -15.60 -0.47
N TYR A 203 -16.22 -15.99 0.55
CA TYR A 203 -16.13 -17.38 0.96
C TYR A 203 -16.27 -17.47 2.47
N ALA A 204 -16.58 -18.68 2.95
CA ALA A 204 -16.76 -18.91 4.38
C ALA A 204 -16.19 -20.28 4.74
N LEU A 205 -15.93 -20.49 6.04
CA LEU A 205 -15.43 -21.76 6.53
C LEU A 205 -16.51 -22.41 7.39
N LEU A 206 -17.10 -23.48 6.89
CA LEU A 206 -18.06 -24.21 7.71
C LEU A 206 -17.33 -24.97 8.81
N LYS A 207 -18.08 -25.36 9.83
CA LYS A 207 -17.50 -26.04 10.98
C LYS A 207 -18.54 -26.96 11.59
N CYS A 208 -18.12 -28.17 11.93
CA CYS A 208 -18.99 -29.19 12.51
C CYS A 208 -18.81 -29.23 14.01
N ASN A 209 -19.93 -29.34 14.73
CA ASN A 209 -19.91 -29.32 16.19
C ASN A 209 -20.21 -30.68 16.82
N ASN A 210 -20.65 -31.66 16.04
CA ASN A 210 -20.92 -32.99 16.57
C ASN A 210 -19.64 -33.58 17.14
N LYS A 211 -19.73 -34.13 18.36
CA LYS A 211 -18.54 -34.55 19.08
C LYS A 211 -18.08 -35.95 18.72
N THR A 212 -18.98 -36.83 18.31
CA THR A 212 -18.62 -38.18 17.89
C THR A 212 -18.34 -38.26 16.39
N PHE A 213 -18.25 -37.12 15.71
CA PHE A 213 -17.92 -37.06 14.30
C PHE A 213 -16.58 -37.71 14.02
N ASN A 214 -16.56 -38.84 13.30
CA ASN A 214 -15.31 -39.54 13.07
C ASN A 214 -14.45 -38.89 12.00
N GLY A 215 -15.03 -38.04 11.16
CA GLY A 215 -14.25 -37.35 10.14
C GLY A 215 -14.95 -37.22 8.81
N THR A 216 -15.80 -38.16 8.45
CA THR A 216 -16.58 -38.13 7.22
C THR A 216 -18.06 -38.23 7.53
N GLY A 217 -18.87 -38.30 6.49
CA GLY A 217 -20.29 -38.46 6.65
C GLY A 217 -20.99 -37.19 7.05
N PRO A 218 -22.28 -37.29 7.39
CA PRO A 218 -23.07 -36.08 7.68
C PRO A 218 -22.68 -35.42 8.99
N CYS A 219 -23.32 -34.30 9.29
CA CYS A 219 -23.03 -33.53 10.50
C CYS A 219 -24.23 -32.65 10.83
N ASN A 220 -24.32 -32.26 12.09
CA ASN A 220 -25.33 -31.34 12.58
C ASN A 220 -24.67 -30.25 13.39
N ASN A 221 -25.46 -29.23 13.74
CA ASN A 221 -24.97 -28.06 14.48
C ASN A 221 -23.84 -27.37 13.71
N VAL A 222 -24.13 -27.02 12.45
CA VAL A 222 -23.15 -26.37 11.59
C VAL A 222 -22.98 -24.92 12.00
N SER A 223 -21.73 -24.47 12.06
CA SER A 223 -21.44 -23.08 12.39
C SER A 223 -20.43 -22.51 11.40
N THR A 224 -20.68 -21.28 10.94
CA THR A 224 -19.82 -20.63 9.96
C THR A 224 -18.81 -19.73 10.65
N VAL A 225 -17.60 -19.67 10.07
CA VAL A 225 -16.47 -18.98 10.67
C VAL A 225 -15.67 -18.33 9.55
N GLN A 226 -14.87 -17.32 9.90
CA GLN A 226 -13.97 -16.67 8.97
C GLN A 226 -12.55 -17.20 9.03
N CYS A 227 -12.03 -17.52 10.20
CA CYS A 227 -10.64 -17.95 10.34
C CYS A 227 -10.53 -19.09 11.35
N THR A 228 -9.62 -20.02 11.08
CA THR A 228 -9.46 -21.21 11.91
C THR A 228 -8.80 -20.84 13.24
N HIS A 229 -8.50 -21.84 14.04
CA HIS A 229 -7.87 -21.65 15.34
C HIS A 229 -6.36 -21.81 15.22
N GLY A 230 -5.68 -21.84 16.37
CA GLY A 230 -4.23 -21.83 16.41
C GLY A 230 -3.56 -23.17 16.19
N ILE A 231 -3.51 -23.62 14.94
CA ILE A 231 -2.85 -24.88 14.63
C ILE A 231 -1.35 -24.78 14.86
N LYS A 232 -0.76 -25.88 15.32
CA LYS A 232 0.67 -25.95 15.59
C LYS A 232 1.33 -26.92 14.62
N PRO A 233 2.24 -26.46 13.77
CA PRO A 233 2.94 -27.35 12.83
C PRO A 233 4.03 -28.18 13.49
N VAL A 234 3.62 -29.30 14.07
CA VAL A 234 4.53 -30.20 14.79
C VAL A 234 4.65 -31.49 13.98
N VAL A 235 5.89 -31.93 13.76
CA VAL A 235 6.17 -33.18 13.05
C VAL A 235 6.67 -34.20 14.06
N SER A 236 5.98 -35.34 14.12
CA SER A 236 6.33 -36.43 15.01
C SER A 236 5.88 -37.74 14.39
N THR A 237 6.42 -38.84 14.90
CA THR A 237 6.13 -40.17 14.40
C THR A 237 5.57 -41.02 15.53
N GLN A 238 4.55 -41.81 15.23
CA GLN A 238 4.08 -42.89 16.11
C GLN A 238 3.39 -42.35 17.36
N LEU A 239 3.44 -41.03 17.58
CA LEU A 239 2.84 -40.42 18.76
C LEU A 239 2.60 -38.95 18.43
N LEU A 240 1.33 -38.57 18.22
CA LEU A 240 0.99 -37.19 17.90
C LEU A 240 1.13 -36.34 19.16
N LEU A 241 2.22 -35.58 19.25
CA LEU A 241 2.52 -34.80 20.44
C LEU A 241 1.94 -33.40 20.35
N ASN A 242 1.52 -32.88 21.51
CA ASN A 242 1.04 -31.51 21.66
C ASN A 242 -0.19 -31.23 20.79
N GLY A 243 -0.98 -32.25 20.49
CA GLY A 243 -2.14 -32.06 19.66
C GLY A 243 -3.35 -31.59 20.44
N SER A 244 -4.38 -31.20 19.68
CA SER A 244 -5.66 -30.84 20.29
C SER A 244 -6.34 -32.08 20.83
N LEU A 245 -7.03 -31.92 21.96
CA LEU A 245 -7.65 -33.03 22.67
C LEU A 245 -9.12 -33.15 22.28
N ALA A 246 -9.48 -34.25 21.65
CA ALA A 246 -10.89 -34.52 21.36
C ALA A 246 -11.61 -34.86 22.67
N GLU A 247 -12.83 -34.34 22.79
CA GLU A 247 -13.59 -34.50 24.01
C GLU A 247 -14.40 -35.79 23.98
N GLU A 248 -15.28 -35.96 24.95
CA GLU A 248 -16.16 -37.13 25.07
C GLU A 248 -15.38 -38.44 25.10
N GLU A 249 -15.28 -39.10 23.96
CA GLU A 249 -14.78 -40.48 23.90
C GLU A 249 -13.59 -40.58 22.95
N ILE A 250 -13.13 -41.81 22.77
CA ILE A 250 -12.00 -42.10 21.89
C ILE A 250 -12.47 -42.02 20.43
N ILE A 251 -11.63 -41.49 19.56
CA ILE A 251 -11.96 -41.32 18.15
C ILE A 251 -11.02 -42.16 17.31
N ILE A 252 -11.58 -42.92 16.37
CA ILE A 252 -10.80 -43.71 15.42
C ILE A 252 -11.16 -43.26 14.02
N ARG A 253 -10.15 -42.89 13.23
CA ARG A 253 -10.40 -42.41 11.88
C ARG A 253 -9.45 -43.09 10.90
N SER A 254 -9.93 -43.26 9.68
CA SER A 254 -9.14 -43.84 8.60
C SER A 254 -9.83 -43.52 7.28
N GLU A 255 -9.15 -43.85 6.19
CA GLU A 255 -9.69 -43.61 4.85
C GLU A 255 -10.54 -44.78 4.37
N ASN A 256 -9.93 -45.96 4.28
CA ASN A 256 -10.62 -47.19 3.88
C ASN A 256 -10.25 -48.27 4.88
N LEU A 257 -11.13 -48.47 5.88
CA LEU A 257 -10.77 -49.34 6.99
C LEU A 257 -10.55 -50.78 6.55
N THR A 258 -11.25 -51.23 5.50
CA THR A 258 -11.06 -52.59 5.02
C THR A 258 -9.64 -52.81 4.54
N ASN A 259 -9.08 -51.85 3.80
CA ASN A 259 -7.71 -51.94 3.35
C ASN A 259 -6.74 -51.88 4.53
N ASN A 260 -5.62 -52.59 4.40
CA ASN A 260 -4.57 -52.58 5.41
C ASN A 260 -3.37 -51.74 4.99
N ALA A 261 -3.53 -50.88 3.99
CA ALA A 261 -2.47 -50.00 3.53
C ALA A 261 -2.74 -48.54 3.89
N LYS A 262 -3.68 -48.28 4.79
CA LYS A 262 -4.02 -46.92 5.21
C LYS A 262 -3.80 -46.80 6.72
N THR A 263 -3.04 -45.79 7.12
CA THR A 263 -2.75 -45.60 8.54
C THR A 263 -4.01 -45.23 9.30
N ILE A 264 -4.15 -45.78 10.50
CA ILE A 264 -5.30 -45.52 11.37
C ILE A 264 -4.89 -44.47 12.38
N ILE A 265 -5.69 -43.41 12.49
CA ILE A 265 -5.41 -42.30 13.39
C ILE A 265 -6.29 -42.42 14.61
N VAL A 266 -5.68 -42.42 15.79
CA VAL A 266 -6.36 -42.58 17.07
C VAL A 266 -6.28 -41.25 17.80
N HIS A 267 -7.43 -40.62 18.00
CA HIS A 267 -7.56 -39.38 18.75
C HIS A 267 -7.97 -39.72 20.17
N LEU A 268 -7.13 -39.31 21.13
CA LEU A 268 -7.28 -39.68 22.53
C LEU A 268 -8.11 -38.65 23.28
N LYS A 269 -8.87 -39.13 24.27
CA LYS A 269 -9.67 -38.23 25.08
C LYS A 269 -8.80 -37.43 26.06
N GLU A 270 -7.86 -38.10 26.72
CA GLU A 270 -7.09 -37.44 27.76
C GLU A 270 -5.60 -37.49 27.45
N PRO A 271 -4.85 -36.46 27.84
CA PRO A 271 -3.41 -36.45 27.57
C PRO A 271 -2.66 -37.39 28.49
N VAL A 272 -1.50 -37.83 28.00
CA VAL A 272 -0.56 -38.64 28.78
C VAL A 272 0.78 -37.92 28.75
N ASN A 273 1.33 -37.62 29.93
CA ASN A 273 2.56 -36.86 30.01
C ASN A 273 3.75 -37.70 29.56
N ILE A 274 4.63 -37.09 28.77
CA ILE A 274 5.91 -37.66 28.39
C ILE A 274 7.01 -36.70 28.83
N THR A 275 8.04 -37.25 29.47
CA THR A 275 9.11 -36.44 30.04
C THR A 275 10.44 -37.09 29.70
N CYS A 276 11.21 -36.49 28.80
CA CYS A 276 12.43 -37.12 28.33
C CYS A 276 13.61 -36.16 28.46
N GLU A 277 14.74 -36.69 28.92
CA GLU A 277 15.90 -35.92 29.32
C GLU A 277 17.17 -36.63 28.87
N ARG A 278 18.16 -35.83 28.45
CA ARG A 278 19.46 -36.38 28.06
C ARG A 278 20.50 -36.01 29.10
N PRO A 279 21.24 -36.98 29.66
CA PRO A 279 22.28 -36.69 30.65
C PRO A 279 23.60 -36.28 30.01
N ALA A 308 20.43 -41.37 27.84
CA ALA A 308 19.19 -40.70 27.46
C ALA A 308 17.99 -41.47 28.01
N HIS A 309 17.08 -40.75 28.67
CA HIS A 309 15.90 -41.35 29.27
C HIS A 309 14.65 -40.67 28.74
N CYS A 310 13.55 -41.41 28.76
CA CYS A 310 12.28 -40.94 28.20
C CYS A 310 11.18 -41.65 28.99
N ASN A 311 10.49 -40.92 29.86
CA ASN A 311 9.68 -41.49 30.92
C ASN A 311 8.19 -41.23 30.68
N ILE A 312 7.39 -42.24 31.01
CA ILE A 312 5.94 -42.23 30.91
C ILE A 312 5.38 -42.80 32.21
N SER A 313 4.15 -42.39 32.55
CA SER A 313 3.44 -42.98 33.66
C SER A 313 2.84 -44.33 33.25
N ARG A 314 3.12 -45.37 34.04
CA ARG A 314 2.72 -46.72 33.66
C ARG A 314 1.21 -46.90 33.75
N SER A 315 0.61 -46.48 34.86
CA SER A 315 -0.81 -46.77 35.08
C SER A 315 -1.70 -46.04 34.08
N GLN A 316 -1.44 -44.75 33.86
CA GLN A 316 -2.27 -43.98 32.94
C GLN A 316 -2.13 -44.51 31.51
N TRP A 317 -0.91 -44.85 31.11
CA TRP A 317 -0.73 -45.39 29.76
C TRP A 317 -1.40 -46.74 29.60
N ASN A 318 -1.35 -47.58 30.65
CA ASN A 318 -2.04 -48.87 30.58
C ASN A 318 -3.55 -48.66 30.43
N LYS A 319 -4.11 -47.72 31.19
CA LYS A 319 -5.54 -47.44 31.06
C LYS A 319 -5.88 -46.91 29.67
N THR A 320 -5.02 -46.04 29.13
CA THR A 320 -5.24 -45.50 27.79
C THR A 320 -5.21 -46.61 26.74
N LEU A 321 -4.26 -47.53 26.86
CA LEU A 321 -4.20 -48.64 25.92
C LEU A 321 -5.42 -49.55 26.08
N GLN A 322 -5.91 -49.73 27.31
CA GLN A 322 -7.13 -50.51 27.50
C GLN A 322 -8.30 -49.86 26.79
N GLY A 323 -8.42 -48.53 26.90
CA GLY A 323 -9.49 -47.84 26.19
C GLY A 323 -9.36 -47.97 24.68
N VAL A 324 -8.14 -47.81 24.16
CA VAL A 324 -7.92 -47.96 22.72
C VAL A 324 -8.28 -49.36 22.27
N GLY A 325 -7.89 -50.37 23.06
CA GLY A 325 -8.19 -51.74 22.69
C GLY A 325 -9.68 -52.03 22.70
N GLU A 326 -10.40 -51.54 23.71
CA GLU A 326 -11.84 -51.79 23.75
C GLU A 326 -12.55 -51.06 22.60
N LYS A 327 -12.11 -49.85 22.27
CA LYS A 327 -12.71 -49.15 21.13
C LYS A 327 -12.44 -49.90 19.82
N LEU A 328 -11.21 -50.37 19.64
CA LEU A 328 -10.87 -51.09 18.42
C LEU A 328 -11.62 -52.43 18.33
N ALA A 329 -11.82 -53.10 19.46
CA ALA A 329 -12.62 -54.32 19.48
C ALA A 329 -14.08 -54.02 19.17
N GLU A 330 -14.56 -52.84 19.59
CA GLU A 330 -15.90 -52.42 19.18
C GLU A 330 -15.96 -52.23 17.67
N LEU A 331 -14.92 -51.63 17.09
CA LEU A 331 -14.90 -51.41 15.64
C LEU A 331 -14.65 -52.69 14.87
N PHE A 332 -13.83 -53.60 15.41
CA PHE A 332 -13.52 -54.84 14.73
C PHE A 332 -14.30 -55.98 15.38
N PRO A 333 -15.32 -56.52 14.73
CA PRO A 333 -16.10 -57.60 15.36
C PRO A 333 -15.24 -58.81 15.66
N ASN A 334 -15.32 -59.28 16.92
CA ASN A 334 -14.48 -60.36 17.42
C ASN A 334 -13.01 -60.08 17.13
N LYS A 335 -12.27 -61.13 16.74
CA LYS A 335 -10.91 -61.01 16.23
C LYS A 335 -10.01 -60.28 17.23
N THR A 336 -9.81 -60.95 18.37
CA THR A 336 -8.98 -60.46 19.47
C THR A 336 -7.72 -59.77 18.96
N ILE A 337 -7.50 -58.55 19.44
CA ILE A 337 -6.45 -57.68 18.92
C ILE A 337 -5.16 -57.91 19.68
N VAL A 338 -4.05 -57.96 18.95
CA VAL A 338 -2.72 -58.12 19.52
C VAL A 338 -1.85 -56.97 19.03
N PHE A 339 -1.09 -56.37 19.94
CA PHE A 339 -0.20 -55.26 19.61
C PHE A 339 1.23 -55.77 19.49
N LYS A 340 1.94 -55.25 18.49
CA LYS A 340 3.33 -55.66 18.24
C LYS A 340 4.15 -54.43 17.87
N ASN A 341 5.47 -54.59 17.95
CA ASN A 341 6.40 -53.54 17.60
C ASN A 341 6.70 -53.56 16.11
N SER A 342 7.53 -52.62 15.66
CA SER A 342 7.98 -52.60 14.28
C SER A 342 8.87 -53.81 13.99
N SER A 343 8.87 -54.24 12.73
CA SER A 343 9.45 -55.54 12.39
C SER A 343 10.92 -55.47 12.01
N GLY A 344 11.24 -54.73 10.94
CA GLY A 344 12.59 -54.79 10.40
C GLY A 344 13.13 -53.54 9.77
N GLY A 345 12.56 -52.38 10.10
CA GLY A 345 13.00 -51.14 9.51
C GLY A 345 14.40 -50.74 9.96
N ASP A 346 14.91 -49.69 9.33
CA ASP A 346 16.21 -49.16 9.71
C ASP A 346 16.12 -48.45 11.05
N LEU A 347 17.26 -47.92 11.51
CA LEU A 347 17.32 -47.21 12.77
C LEU A 347 16.55 -45.89 12.74
N GLU A 348 15.87 -45.58 11.65
CA GLU A 348 15.09 -44.36 11.50
C GLU A 348 13.58 -44.58 11.52
N ILE A 349 13.12 -45.71 10.98
CA ILE A 349 11.68 -45.97 10.86
C ILE A 349 11.24 -46.86 12.02
N THR A 350 12.16 -47.68 12.51
CA THR A 350 11.82 -48.61 13.60
C THR A 350 11.38 -47.87 14.86
N THR A 351 12.08 -46.80 15.22
CA THR A 351 11.87 -46.14 16.49
C THR A 351 10.91 -44.97 16.34
N HIS A 352 10.48 -44.44 17.49
CA HIS A 352 9.66 -43.25 17.54
C HIS A 352 10.57 -42.04 17.44
N SER A 353 10.45 -41.29 16.36
CA SER A 353 11.30 -40.14 16.09
C SER A 353 10.53 -38.87 16.38
N PHE A 354 11.10 -37.99 17.20
CA PHE A 354 10.42 -36.74 17.52
C PHE A 354 11.44 -35.64 17.75
N ASN A 355 10.92 -34.42 17.78
CA ASN A 355 11.73 -33.20 17.82
C ASN A 355 11.35 -32.36 19.02
N CYS A 356 12.37 -31.87 19.72
CA CYS A 356 12.20 -30.88 20.79
C CYS A 356 13.46 -30.02 20.78
N ARG A 357 13.72 -29.33 21.88
CA ARG A 357 14.86 -28.41 21.97
C ARG A 357 16.12 -29.03 21.41
N GLY A 358 16.61 -28.46 20.32
CA GLY A 358 17.91 -28.82 19.77
C GLY A 358 17.96 -30.02 18.86
N GLU A 359 17.88 -31.22 19.44
CA GLU A 359 18.27 -32.45 18.76
C GLU A 359 17.04 -33.27 18.38
N PHE A 360 17.30 -34.36 17.66
CA PHE A 360 16.29 -35.32 17.25
C PHE A 360 16.38 -36.56 18.13
N PHE A 361 15.24 -37.05 18.62
CA PHE A 361 15.21 -38.20 19.51
C PHE A 361 14.62 -39.38 18.75
N TYR A 362 15.41 -40.46 18.64
CA TYR A 362 14.96 -41.72 18.05
C TYR A 362 14.87 -42.71 19.19
N CYS A 363 13.66 -43.17 19.53
CA CYS A 363 13.46 -43.91 20.75
C CYS A 363 12.82 -45.27 20.53
N ASN A 364 13.48 -46.30 21.04
CA ASN A 364 13.07 -47.70 20.95
C ASN A 364 11.84 -47.92 21.80
N THR A 365 10.69 -48.12 21.16
CA THR A 365 9.41 -48.19 21.86
C THR A 365 8.95 -49.61 22.14
N THR A 366 9.72 -50.61 21.71
CA THR A 366 9.21 -51.98 21.77
C THR A 366 9.01 -52.47 23.20
N ASP A 367 9.60 -51.77 24.17
CA ASP A 367 9.43 -52.14 25.57
C ASP A 367 8.06 -51.77 26.12
N LEU A 368 7.28 -50.95 25.40
CA LEU A 368 5.94 -50.57 25.85
C LEU A 368 4.85 -51.14 24.95
N PHE A 369 5.05 -52.34 24.41
CA PHE A 369 4.09 -52.97 23.53
C PHE A 369 4.06 -54.46 23.81
N ASN A 370 3.55 -55.23 22.84
CA ASN A 370 3.39 -56.68 22.92
C ASN A 370 2.31 -57.08 23.92
N SER A 371 1.25 -56.27 24.00
CA SER A 371 0.10 -56.58 24.84
C SER A 371 -0.93 -57.37 24.03
N THR A 372 -2.05 -57.70 24.67
CA THR A 372 -3.09 -58.48 24.01
C THR A 372 -4.45 -58.02 24.51
N TYR A 373 -5.46 -58.19 23.66
CA TYR A 373 -6.85 -57.89 24.00
C TYR A 373 -7.72 -59.00 23.44
N TRP A 374 -8.13 -59.92 24.30
CA TRP A 374 -9.00 -61.01 23.87
C TRP A 374 -10.44 -60.51 23.71
N SER A 375 -11.34 -61.45 23.42
CA SER A 375 -12.68 -61.07 22.98
C SER A 375 -13.47 -60.36 24.07
N ASN A 376 -13.54 -60.97 25.26
CA ASN A 376 -14.53 -60.50 26.23
C ASN A 376 -14.03 -59.32 27.06
N GLY A 377 -13.08 -59.55 27.95
CA GLY A 377 -12.64 -58.49 28.84
C GLY A 377 -11.21 -58.55 29.33
N THR A 378 -10.40 -59.43 28.74
CA THR A 378 -9.18 -59.91 29.39
C THR A 378 -7.91 -59.24 28.86
N TYR A 379 -7.95 -57.94 28.61
CA TYR A 379 -6.73 -57.22 28.24
C TYR A 379 -5.73 -57.28 29.40
N ILE A 380 -4.66 -58.05 29.22
CA ILE A 380 -3.60 -58.18 30.22
C ILE A 380 -2.25 -58.01 29.52
N THR A 381 -1.36 -57.26 30.16
CA THR A 381 -0.03 -57.04 29.63
C THR A 381 0.92 -58.09 30.19
N GLN A 382 2.22 -57.90 29.98
CA GLN A 382 3.21 -58.82 30.51
C GLN A 382 3.87 -58.25 31.77
N SER A 386 6.23 -53.35 38.05
CA SER A 386 7.46 -52.81 38.61
C SER A 386 7.22 -51.43 39.21
N SER A 387 7.72 -50.39 38.53
CA SER A 387 7.56 -49.02 38.95
C SER A 387 6.71 -48.25 37.95
N ILE A 388 6.02 -47.21 38.44
CA ILE A 388 5.15 -46.43 37.58
C ILE A 388 5.91 -45.65 36.53
N ASN A 389 7.21 -45.43 36.73
CA ASN A 389 8.06 -44.86 35.70
C ASN A 389 8.38 -45.94 34.67
N ILE A 390 8.02 -45.72 33.41
CA ILE A 390 8.47 -46.57 32.31
C ILE A 390 9.40 -45.73 31.44
N THR A 391 10.62 -46.22 31.26
CA THR A 391 11.71 -45.46 30.66
C THR A 391 12.08 -46.04 29.31
N LEU A 392 12.42 -45.17 28.37
CA LEU A 392 12.81 -45.58 27.03
C LEU A 392 14.29 -45.28 26.81
N PRO A 393 15.16 -46.30 26.74
CA PRO A 393 16.57 -46.05 26.40
C PRO A 393 16.70 -45.82 24.91
N CYS A 394 17.24 -44.66 24.53
CA CYS A 394 17.13 -44.27 23.13
C CYS A 394 18.21 -43.24 22.79
N ARG A 395 18.28 -42.90 21.50
CA ARG A 395 19.45 -42.24 20.93
C ARG A 395 19.12 -40.86 20.38
N ILE A 396 20.18 -40.09 20.14
CA ILE A 396 20.12 -38.71 19.72
C ILE A 396 20.76 -38.59 18.35
N LYS A 397 20.12 -37.87 17.45
CA LYS A 397 20.67 -37.62 16.12
C LYS A 397 20.49 -36.15 15.77
N GLN A 398 21.44 -35.62 15.01
CA GLN A 398 21.40 -34.23 14.58
C GLN A 398 21.02 -34.11 13.11
N GLY A 417 23.96 -29.46 27.76
CA GLY A 417 22.98 -30.51 27.91
C GLY A 417 22.08 -30.34 29.11
N GLN A 418 21.64 -31.45 29.69
CA GLN A 418 20.76 -31.46 30.86
C GLN A 418 19.49 -30.63 30.59
N ILE A 419 18.82 -30.96 29.51
CA ILE A 419 17.58 -30.28 29.12
C ILE A 419 16.44 -31.27 29.18
N THR A 420 15.23 -30.73 29.37
CA THR A 420 14.03 -31.56 29.43
C THR A 420 12.94 -30.91 28.59
N CYS A 421 12.33 -31.68 27.70
CA CYS A 421 11.20 -31.24 26.90
C CYS A 421 10.00 -32.10 27.24
N ILE A 422 9.04 -31.52 27.94
CA ILE A 422 7.82 -32.20 28.34
C ILE A 422 6.83 -32.13 27.19
N SER A 423 5.93 -33.11 27.11
CA SER A 423 4.92 -33.06 26.06
C SER A 423 3.75 -33.97 26.43
N ASN A 424 2.72 -33.94 25.58
CA ASN A 424 1.53 -34.76 25.73
C ASN A 424 1.48 -35.77 24.60
N ILE A 425 0.93 -36.94 24.89
CA ILE A 425 0.64 -37.96 23.87
C ILE A 425 -0.86 -37.93 23.65
N THR A 426 -1.29 -37.34 22.54
CA THR A 426 -2.71 -37.15 22.26
C THR A 426 -3.20 -37.91 21.05
N GLY A 427 -2.31 -38.59 20.31
CA GLY A 427 -2.72 -39.29 19.12
C GLY A 427 -1.80 -40.45 18.82
N LEU A 428 -2.37 -41.47 18.20
CA LEU A 428 -1.63 -42.67 17.80
C LEU A 428 -1.77 -42.89 16.30
N LEU A 429 -0.69 -43.41 15.69
CA LEU A 429 -0.67 -43.72 14.27
C LEU A 429 -0.42 -45.22 14.12
N LEU A 430 -1.49 -45.99 14.08
CA LEU A 430 -1.37 -47.43 13.99
C LEU A 430 -1.48 -47.90 12.54
N LEU A 431 -1.15 -49.17 12.32
CA LEU A 431 -1.24 -49.77 11.00
C LEU A 431 -1.55 -51.25 11.17
N ARG A 432 -2.48 -51.75 10.36
CA ARG A 432 -2.95 -53.13 10.49
C ARG A 432 -2.07 -54.04 9.65
N ASP A 433 -1.47 -55.04 10.29
CA ASP A 433 -0.61 -55.98 9.59
C ASP A 433 -1.44 -56.84 8.63
N GLY A 434 -0.87 -57.09 7.45
CA GLY A 434 -1.52 -57.94 6.48
C GLY A 434 -1.30 -59.41 6.77
N GLY A 435 -1.99 -59.92 7.79
CA GLY A 435 -1.81 -61.31 8.20
C GLY A 435 -2.30 -62.31 7.18
N LYS A 436 -3.15 -61.89 6.24
CA LYS A 436 -3.65 -62.74 5.16
C LYS A 436 -4.50 -63.88 5.72
N GLU A 437 -3.88 -64.78 6.48
CA GLU A 437 -4.63 -65.84 7.12
C GLU A 437 -5.60 -65.27 8.15
N ALA A 438 -6.76 -65.91 8.29
CA ALA A 438 -7.82 -65.36 9.13
C ALA A 438 -7.51 -65.51 10.60
N ASN A 439 -7.42 -66.76 11.08
CA ASN A 439 -7.28 -67.06 12.50
C ASN A 439 -8.36 -66.33 13.29
N GLY A 440 -8.00 -65.74 14.42
CA GLY A 440 -8.94 -64.97 15.22
C GLY A 440 -8.27 -63.75 15.82
N THR A 441 -7.20 -63.27 15.17
CA THR A 441 -6.39 -62.18 15.69
C THR A 441 -6.10 -61.17 14.60
N GLU A 442 -6.08 -59.90 14.99
CA GLU A 442 -5.63 -58.80 14.15
C GLU A 442 -4.44 -58.14 14.81
N ILE A 443 -3.31 -58.11 14.11
CA ILE A 443 -2.06 -57.60 14.64
C ILE A 443 -1.91 -56.16 14.17
N PHE A 444 -1.68 -55.25 15.11
CA PHE A 444 -1.49 -53.83 14.82
C PHE A 444 -0.08 -53.43 15.24
N ARG A 445 0.57 -52.64 14.40
CA ARG A 445 1.90 -52.12 14.70
C ARG A 445 1.90 -50.63 14.43
N PRO A 446 2.54 -49.83 15.27
CA PRO A 446 2.64 -48.41 14.98
C PRO A 446 3.42 -48.18 13.70
N GLY A 447 2.96 -47.23 12.89
CA GLY A 447 3.53 -47.00 11.58
C GLY A 447 3.94 -45.55 11.40
N GLY A 448 3.71 -45.05 10.20
CA GLY A 448 4.11 -43.71 9.85
C GLY A 448 3.96 -43.45 8.36
N GLY A 449 5.04 -42.99 7.73
CA GLY A 449 5.02 -42.75 6.29
C GLY A 449 4.53 -41.37 5.93
N ASP A 450 3.23 -41.14 6.01
CA ASP A 450 2.68 -39.82 5.73
C ASP A 450 2.92 -38.89 6.91
N MET A 451 3.10 -37.61 6.61
CA MET A 451 3.11 -36.60 7.65
C MET A 451 1.97 -35.60 7.47
N ARG A 452 1.06 -35.85 6.52
CA ARG A 452 -0.15 -35.05 6.45
C ARG A 452 -1.17 -35.44 7.52
N ASP A 453 -0.99 -36.60 8.16
CA ASP A 453 -1.89 -36.98 9.23
C ASP A 453 -1.64 -36.15 10.49
N ASN A 454 -0.42 -35.62 10.65
CA ASN A 454 -0.14 -34.74 11.77
C ASN A 454 -1.01 -33.49 11.76
N TRP A 455 -1.50 -33.08 10.58
CA TRP A 455 -2.39 -31.95 10.48
C TRP A 455 -3.86 -32.34 10.45
N ARG A 456 -4.18 -33.53 9.93
CA ARG A 456 -5.56 -33.91 9.72
C ARG A 456 -6.33 -34.13 11.03
N SER A 457 -5.64 -34.16 12.17
CA SER A 457 -6.34 -34.38 13.43
C SER A 457 -7.09 -33.13 13.88
N GLU A 458 -6.62 -31.94 13.51
CA GLU A 458 -7.31 -30.70 13.86
C GLU A 458 -7.92 -30.00 12.65
N LEU A 459 -7.97 -30.66 11.50
CA LEU A 459 -8.55 -30.06 10.30
C LEU A 459 -9.64 -30.95 9.73
N TYR A 460 -10.28 -31.74 10.57
CA TYR A 460 -11.31 -32.67 10.13
C TYR A 460 -12.72 -32.07 10.20
N LYS A 461 -12.84 -30.79 10.57
CA LYS A 461 -14.14 -30.18 10.69
C LYS A 461 -14.28 -28.88 9.89
N TYR A 462 -13.24 -28.46 9.16
CA TYR A 462 -13.27 -27.22 8.41
C TYR A 462 -13.37 -27.52 6.92
N LYS A 463 -14.32 -26.88 6.25
CA LYS A 463 -14.41 -26.91 4.81
C LYS A 463 -14.70 -25.51 4.31
N VAL A 464 -14.33 -25.23 3.07
CA VAL A 464 -14.44 -23.90 2.48
C VAL A 464 -15.60 -23.87 1.50
N VAL A 465 -16.47 -22.87 1.62
CA VAL A 465 -17.66 -22.76 0.80
C VAL A 465 -17.68 -21.42 0.11
N GLU A 466 -18.23 -21.40 -1.11
CA GLU A 466 -18.31 -20.21 -1.95
C GLU A 466 -19.73 -19.67 -1.95
N ILE A 467 -19.87 -18.37 -1.67
CA ILE A 467 -21.18 -17.74 -1.64
C ILE A 467 -21.66 -17.50 -3.06
N LYS A 468 -22.92 -17.78 -3.32
CA LYS A 468 -23.57 -17.52 -4.60
C LYS A 468 -24.84 -16.72 -4.32
N PRO A 469 -24.72 -15.41 -4.12
CA PRO A 469 -25.86 -14.63 -3.62
C PRO A 469 -27.08 -14.67 -4.52
N LEU A 470 -26.90 -14.70 -5.84
CA LEU A 470 -28.04 -14.64 -6.74
C LEU A 470 -28.89 -15.90 -6.65
N GLY A 471 -30.20 -15.73 -6.83
CA GLY A 471 -31.09 -16.87 -6.89
C GLY A 471 -32.33 -16.52 -7.66
N VAL A 472 -33.05 -17.56 -8.10
CA VAL A 472 -34.28 -17.39 -8.88
C VAL A 472 -35.38 -18.21 -8.22
N ALA A 473 -36.60 -17.70 -8.26
CA ALA A 473 -37.71 -18.45 -7.68
C ALA A 473 -39.02 -18.01 -8.33
N PRO A 474 -39.96 -18.91 -8.55
CA PRO A 474 -41.24 -18.52 -9.17
C PRO A 474 -42.25 -18.01 -8.15
N THR A 475 -43.09 -17.09 -8.61
CA THR A 475 -44.11 -16.49 -7.78
C THR A 475 -45.16 -15.83 -8.66
N LYS A 476 -46.17 -15.25 -8.02
CA LYS A 476 -47.25 -14.56 -8.74
C LYS A 476 -46.96 -13.05 -8.78
N CYS A 477 -45.89 -12.72 -9.49
CA CYS A 477 -45.41 -11.35 -9.60
C CYS A 477 -45.99 -10.60 -10.80
N ARG A 478 -46.86 -11.27 -11.58
CA ARG A 478 -47.46 -10.70 -12.79
C ARG A 478 -46.41 -10.07 -13.71
N GLY B 3 -15.58 -3.53 6.05
CA GLY B 3 -16.63 -2.54 5.87
C GLY B 3 -17.69 -2.97 4.87
N ILE B 4 -17.25 -3.61 3.78
CA ILE B 4 -18.13 -4.10 2.74
C ILE B 4 -18.09 -5.61 2.61
N GLY B 5 -16.89 -6.21 2.72
CA GLY B 5 -16.77 -7.65 2.54
C GLY B 5 -17.52 -8.45 3.59
N ALA B 6 -17.58 -7.93 4.82
CA ALA B 6 -18.23 -8.64 5.91
C ALA B 6 -19.68 -8.96 5.58
N VAL B 7 -20.30 -8.18 4.70
CA VAL B 7 -21.68 -8.46 4.28
C VAL B 7 -21.78 -9.88 3.74
N PHE B 8 -20.83 -10.25 2.87
CA PHE B 8 -20.84 -11.58 2.27
C PHE B 8 -20.75 -12.68 3.32
N LEU B 9 -20.23 -12.37 4.52
CA LEU B 9 -20.23 -13.33 5.60
C LEU B 9 -21.49 -13.27 6.43
N GLY B 10 -22.07 -12.08 6.61
CA GLY B 10 -23.37 -11.99 7.24
C GLY B 10 -24.51 -12.43 6.36
N PHE B 11 -24.18 -12.82 5.12
CA PHE B 11 -25.18 -13.23 4.14
C PHE B 11 -25.89 -14.51 4.54
N LEU B 12 -25.32 -15.26 5.49
CA LEU B 12 -25.73 -16.63 5.80
C LEU B 12 -26.53 -16.72 7.09
N GLY B 13 -27.02 -15.60 7.61
CA GLY B 13 -27.70 -15.62 8.90
C GLY B 13 -28.96 -16.45 8.90
N ALA B 14 -29.77 -16.33 7.86
CA ALA B 14 -31.06 -17.02 7.76
C ALA B 14 -30.96 -18.26 6.89
N ALA B 15 -29.83 -18.97 6.95
CA ALA B 15 -29.66 -20.16 6.12
C ALA B 15 -30.59 -21.29 6.53
N GLY B 16 -31.04 -21.32 7.76
CA GLY B 16 -31.88 -22.41 8.23
C GLY B 16 -33.36 -22.19 8.04
N SER B 17 -33.78 -20.93 8.03
CA SER B 17 -35.20 -20.63 7.91
C SER B 17 -35.72 -20.98 6.52
N THR B 18 -37.03 -21.13 6.42
CA THR B 18 -37.66 -21.40 5.14
C THR B 18 -37.66 -20.13 4.28
N MET B 19 -38.22 -20.23 3.08
CA MET B 19 -38.26 -19.08 2.19
C MET B 19 -39.15 -17.97 2.75
N GLY B 20 -40.25 -18.34 3.41
CA GLY B 20 -41.15 -17.33 3.94
C GLY B 20 -40.49 -16.41 4.93
N ALA B 21 -39.67 -16.97 5.82
CA ALA B 21 -38.96 -16.17 6.82
C ALA B 21 -37.63 -15.63 6.32
N ALA B 22 -37.17 -16.06 5.14
CA ALA B 22 -35.92 -15.54 4.59
C ALA B 22 -36.15 -14.37 3.64
N SER B 23 -37.27 -14.37 2.93
CA SER B 23 -37.56 -13.27 2.00
C SER B 23 -37.98 -12.00 2.72
N ILE B 24 -38.59 -12.12 3.91
CA ILE B 24 -39.07 -10.95 4.62
C ILE B 24 -37.90 -10.13 5.16
N THR B 25 -36.89 -10.80 5.72
CA THR B 25 -35.79 -10.13 6.39
C THR B 25 -34.69 -9.67 5.44
N LEU B 26 -34.85 -9.88 4.13
CA LEU B 26 -33.77 -9.64 3.19
C LEU B 26 -33.36 -8.16 3.15
N THR B 27 -34.35 -7.26 3.13
CA THR B 27 -34.07 -5.84 3.03
C THR B 27 -33.26 -5.36 4.23
N VAL B 28 -33.75 -5.66 5.44
CA VAL B 28 -33.05 -5.23 6.64
C VAL B 28 -31.68 -5.90 6.73
N GLN B 29 -31.60 -7.17 6.30
CA GLN B 29 -30.31 -7.86 6.32
C GLN B 29 -29.29 -7.12 5.47
N ALA B 30 -29.62 -6.85 4.21
CA ALA B 30 -28.65 -6.23 3.31
C ALA B 30 -28.33 -4.81 3.76
N ARG B 31 -29.35 -4.03 4.12
CA ARG B 31 -29.12 -2.63 4.46
C ARG B 31 -28.30 -2.50 5.73
N GLN B 32 -28.64 -3.26 6.77
CA GLN B 32 -27.88 -3.17 8.01
C GLN B 32 -26.51 -3.82 7.86
N LEU B 33 -26.35 -4.75 6.93
CA LEU B 33 -25.04 -5.36 6.71
C LEU B 33 -24.09 -4.37 6.05
N LEU B 34 -24.53 -3.70 4.99
CA LEU B 34 -23.62 -2.78 4.31
C LEU B 34 -23.39 -1.51 5.12
N SER B 35 -24.34 -1.12 5.96
CA SER B 35 -24.16 0.06 6.80
C SER B 35 -23.36 -0.30 8.05
N GLY B 36 -22.21 -0.94 7.86
CA GLY B 36 -21.32 -1.26 8.95
C GLY B 36 -20.28 -0.19 9.18
N ILE B 37 -20.70 0.96 9.70
CA ILE B 37 -19.80 2.09 9.86
C ILE B 37 -18.72 1.74 10.87
N VAL B 38 -17.45 1.84 10.45
CA VAL B 38 -16.31 1.50 11.28
C VAL B 38 -15.08 2.12 10.65
N GLN B 39 -14.02 2.25 11.43
CA GLN B 39 -12.75 2.81 10.96
C GLN B 39 -12.28 2.16 9.66
N ALA B 50 11.76 -0.85 16.29
CA ALA B 50 12.57 0.08 15.51
C ALA B 50 11.90 0.37 14.17
N GLN B 51 12.67 0.93 13.23
CA GLN B 51 12.13 1.22 11.91
C GLN B 51 11.76 -0.04 11.14
N GLN B 52 12.38 -1.17 11.47
CA GLN B 52 11.95 -2.43 10.85
C GLN B 52 10.52 -2.77 11.23
N HIS B 53 10.14 -2.52 12.49
CA HIS B 53 8.75 -2.69 12.89
C HIS B 53 7.85 -1.64 12.24
N LEU B 54 8.38 -0.44 12.00
CA LEU B 54 7.59 0.59 11.33
C LEU B 54 7.31 0.21 9.88
N LEU B 55 8.24 -0.46 9.22
CA LEU B 55 8.03 -0.92 7.85
C LEU B 55 6.85 -1.89 7.77
N GLN B 56 6.60 -2.63 8.85
CA GLN B 56 5.62 -3.72 8.84
C GLN B 56 4.19 -3.20 8.70
N LEU B 57 3.96 -1.92 9.00
CA LEU B 57 2.62 -1.37 8.86
C LEU B 57 2.15 -1.41 7.41
N THR B 58 3.06 -1.18 6.47
CA THR B 58 2.70 -1.17 5.06
C THR B 58 2.22 -2.55 4.60
N VAL B 59 2.95 -3.61 4.98
CA VAL B 59 2.50 -4.95 4.64
C VAL B 59 1.29 -5.36 5.45
N TRP B 60 1.08 -4.74 6.62
CA TRP B 60 -0.20 -4.90 7.31
C TRP B 60 -1.34 -4.41 6.44
N GLY B 61 -1.23 -3.17 5.94
CA GLY B 61 -2.33 -2.53 5.27
C GLY B 61 -2.56 -2.97 3.84
N ILE B 62 -1.52 -3.48 3.17
CA ILE B 62 -1.67 -3.88 1.78
C ILE B 62 -2.68 -5.02 1.64
N LYS B 63 -2.59 -6.01 2.54
CA LYS B 63 -3.50 -7.15 2.45
C LYS B 63 -4.95 -6.72 2.68
N GLN B 64 -5.17 -5.86 3.68
CA GLN B 64 -6.52 -5.38 3.95
C GLN B 64 -7.07 -4.58 2.79
N LEU B 65 -6.22 -3.74 2.18
CA LEU B 65 -6.67 -2.98 1.01
C LEU B 65 -7.02 -3.91 -0.14
N GLN B 66 -6.22 -4.96 -0.35
CA GLN B 66 -6.52 -5.92 -1.40
C GLN B 66 -7.86 -6.61 -1.15
N THR B 67 -8.11 -6.98 0.11
CA THR B 67 -9.39 -7.62 0.43
C THR B 67 -10.56 -6.68 0.16
N ARG B 68 -10.45 -5.42 0.57
CA ARG B 68 -11.53 -4.47 0.34
C ARG B 68 -11.76 -4.25 -1.15
N VAL B 69 -10.69 -4.13 -1.92
CA VAL B 69 -10.84 -3.94 -3.36
C VAL B 69 -11.48 -5.17 -4.01
N LEU B 70 -11.10 -6.37 -3.54
CA LEU B 70 -11.70 -7.58 -4.07
C LEU B 70 -13.20 -7.60 -3.81
N ALA B 71 -13.61 -7.24 -2.59
CA ALA B 71 -15.03 -7.17 -2.28
C ALA B 71 -15.73 -6.16 -3.18
N ILE B 72 -15.09 -5.01 -3.42
CA ILE B 72 -15.71 -3.97 -4.24
C ILE B 72 -15.94 -4.48 -5.66
N GLU B 73 -14.92 -5.13 -6.24
CA GLU B 73 -15.12 -5.60 -7.62
C GLU B 73 -16.11 -6.75 -7.69
N ARG B 74 -16.19 -7.60 -6.66
CA ARG B 74 -17.24 -8.61 -6.65
C ARG B 74 -18.62 -7.96 -6.65
N TYR B 75 -18.80 -6.94 -5.82
CA TYR B 75 -20.07 -6.23 -5.79
C TYR B 75 -20.40 -5.62 -7.14
N LEU B 76 -19.41 -4.97 -7.77
CA LEU B 76 -19.67 -4.34 -9.05
C LEU B 76 -20.02 -5.36 -10.13
N LYS B 77 -19.31 -6.49 -10.15
CA LYS B 77 -19.60 -7.53 -11.13
C LYS B 77 -21.02 -8.06 -10.96
N ASP B 78 -21.40 -8.36 -9.72
CA ASP B 78 -22.74 -8.90 -9.50
C ASP B 78 -23.82 -7.87 -9.83
N GLN B 79 -23.57 -6.60 -9.51
CA GLN B 79 -24.55 -5.58 -9.84
C GLN B 79 -24.71 -5.41 -11.35
N GLN B 80 -23.61 -5.49 -12.10
CA GLN B 80 -23.74 -5.46 -13.55
C GLN B 80 -24.56 -6.65 -14.04
N LEU B 81 -24.30 -7.84 -13.47
CA LEU B 81 -25.05 -9.02 -13.88
C LEU B 81 -26.54 -8.84 -13.62
N LEU B 82 -26.89 -8.26 -12.46
CA LEU B 82 -28.29 -7.96 -12.20
C LEU B 82 -28.82 -6.95 -13.21
N GLY B 83 -28.04 -5.91 -13.52
CA GLY B 83 -28.51 -4.87 -14.42
C GLY B 83 -28.71 -5.32 -15.85
N ILE B 84 -28.03 -6.38 -16.27
CA ILE B 84 -28.23 -6.89 -17.62
C ILE B 84 -29.67 -7.33 -17.81
N TRP B 85 -30.25 -7.94 -16.78
CA TRP B 85 -31.67 -8.32 -16.80
C TRP B 85 -32.51 -7.08 -16.50
N GLY B 86 -33.79 -7.28 -16.24
CA GLY B 86 -34.68 -6.17 -15.95
C GLY B 86 -34.68 -5.75 -14.50
N CYS B 87 -33.51 -5.75 -13.87
CA CYS B 87 -33.37 -5.39 -12.46
C CYS B 87 -32.14 -4.50 -12.33
N SER B 88 -32.36 -3.20 -12.15
CA SER B 88 -31.24 -2.26 -12.11
C SER B 88 -30.43 -2.41 -10.83
N GLY B 89 -31.05 -2.15 -9.68
CA GLY B 89 -30.37 -2.27 -8.41
C GLY B 89 -31.25 -2.83 -7.32
N LYS B 90 -32.49 -3.17 -7.68
CA LYS B 90 -33.46 -3.65 -6.71
C LYS B 90 -33.07 -5.03 -6.19
N LEU B 91 -33.62 -5.38 -5.02
CA LEU B 91 -33.34 -6.68 -4.42
C LEU B 91 -34.40 -7.71 -4.83
N ILE B 92 -35.66 -7.45 -4.48
CA ILE B 92 -36.76 -8.34 -4.85
C ILE B 92 -37.28 -7.84 -6.19
N CYS B 93 -36.64 -8.28 -7.26
CA CYS B 93 -36.97 -7.80 -8.59
C CYS B 93 -38.06 -8.66 -9.22
N CYS B 94 -38.58 -8.20 -10.36
CA CYS B 94 -39.63 -8.91 -11.09
C CYS B 94 -39.25 -9.00 -12.56
N THR B 95 -39.64 -10.12 -13.18
CA THR B 95 -39.35 -10.35 -14.59
C THR B 95 -40.57 -10.98 -15.23
N ALA B 96 -40.68 -10.82 -16.54
CA ALA B 96 -41.87 -11.22 -17.29
C ALA B 96 -41.71 -12.57 -18.01
N VAL B 97 -40.70 -13.35 -17.64
CA VAL B 97 -40.51 -14.67 -18.25
C VAL B 97 -41.49 -15.65 -17.60
N PRO B 98 -42.30 -16.36 -18.37
CA PRO B 98 -43.21 -17.34 -17.79
C PRO B 98 -42.46 -18.52 -17.18
N TRP B 99 -43.07 -19.11 -16.17
CA TRP B 99 -42.50 -20.26 -15.46
C TRP B 99 -43.21 -21.52 -15.93
N ASN B 100 -42.56 -22.28 -16.80
CA ASN B 100 -43.15 -23.52 -17.29
C ASN B 100 -43.05 -24.60 -16.22
N SER B 101 -43.96 -25.59 -16.32
CA SER B 101 -44.01 -26.65 -15.33
C SER B 101 -42.87 -27.64 -15.48
N SER B 102 -42.17 -27.63 -16.61
CA SER B 102 -41.10 -28.60 -16.83
C SER B 102 -39.97 -28.41 -15.83
N TRP B 103 -39.63 -27.16 -15.53
CA TRP B 103 -38.55 -26.90 -14.57
C TRP B 103 -38.86 -27.47 -13.20
N SER B 104 -40.09 -27.27 -12.72
CA SER B 104 -40.54 -27.86 -11.47
C SER B 104 -42.06 -27.77 -11.36
N ASN B 105 -42.71 -28.89 -11.07
CA ASN B 105 -44.16 -28.95 -10.97
C ASN B 105 -44.66 -28.82 -9.53
N LYS B 106 -43.77 -28.61 -8.57
CA LYS B 106 -44.19 -28.51 -7.18
C LYS B 106 -45.02 -27.25 -6.97
N SER B 107 -46.02 -27.36 -6.11
CA SER B 107 -46.94 -26.24 -5.89
C SER B 107 -46.24 -25.11 -5.15
N GLN B 108 -46.84 -23.93 -5.22
CA GLN B 108 -46.23 -22.74 -4.63
C GLN B 108 -46.14 -22.86 -3.11
N THR B 109 -47.21 -23.32 -2.46
CA THR B 109 -47.26 -23.25 -1.01
C THR B 109 -46.20 -24.14 -0.36
N GLU B 110 -45.99 -25.35 -0.88
CA GLU B 110 -45.05 -26.26 -0.24
C GLU B 110 -43.64 -25.69 -0.28
N ILE B 111 -43.22 -25.17 -1.43
CA ILE B 111 -41.89 -24.58 -1.53
C ILE B 111 -41.82 -23.30 -0.70
N TRP B 112 -42.94 -22.59 -0.53
CA TRP B 112 -42.86 -21.29 0.12
C TRP B 112 -43.01 -21.34 1.65
N ASN B 113 -43.39 -22.47 2.25
CA ASN B 113 -43.21 -22.53 3.71
C ASN B 113 -42.53 -23.80 4.20
N ASN B 114 -42.08 -24.70 3.33
CA ASN B 114 -41.52 -25.96 3.76
C ASN B 114 -40.12 -26.24 3.25
N MET B 115 -39.67 -25.58 2.19
CA MET B 115 -38.39 -25.86 1.57
C MET B 115 -37.43 -24.70 1.78
N THR B 116 -36.27 -24.99 2.33
CA THR B 116 -35.24 -23.97 2.46
C THR B 116 -34.66 -23.62 1.09
N TRP B 117 -33.91 -22.53 1.04
CA TRP B 117 -33.39 -22.04 -0.23
C TRP B 117 -32.41 -23.03 -0.84
N MET B 118 -31.53 -23.63 -0.03
CA MET B 118 -30.51 -24.53 -0.55
C MET B 118 -31.12 -25.81 -1.11
N GLN B 119 -32.19 -26.31 -0.49
CA GLN B 119 -32.86 -27.47 -1.05
C GLN B 119 -33.42 -27.15 -2.43
N TRP B 120 -33.96 -25.96 -2.59
CA TRP B 120 -34.41 -25.52 -3.91
C TRP B 120 -33.25 -25.42 -4.88
N ASP B 121 -32.11 -24.91 -4.42
CA ASP B 121 -30.92 -24.81 -5.27
C ASP B 121 -30.52 -26.19 -5.78
N ARG B 122 -30.45 -27.16 -4.86
CA ARG B 122 -30.08 -28.52 -5.23
C ARG B 122 -31.09 -29.11 -6.21
N GLU B 123 -32.38 -28.85 -5.99
CA GLU B 123 -33.39 -29.37 -6.89
C GLU B 123 -33.26 -28.77 -8.29
N ILE B 124 -32.98 -27.47 -8.38
CA ILE B 124 -33.06 -26.75 -9.64
C ILE B 124 -31.69 -26.50 -10.26
N ASN B 125 -30.62 -27.01 -9.67
CA ASN B 125 -29.27 -26.67 -10.11
C ASN B 125 -28.98 -27.07 -11.55
N ASN B 126 -29.75 -28.01 -12.10
CA ASN B 126 -29.50 -28.46 -13.46
C ASN B 126 -30.05 -27.51 -14.52
N TYR B 127 -31.01 -26.65 -14.15
CA TYR B 127 -31.73 -25.84 -15.13
C TYR B 127 -31.39 -24.36 -15.05
N THR B 128 -30.37 -23.98 -14.29
CA THR B 128 -30.16 -22.55 -14.01
C THR B 128 -29.66 -21.79 -15.25
N ASP B 129 -28.85 -22.42 -16.09
CA ASP B 129 -28.28 -21.71 -17.23
C ASP B 129 -29.34 -21.38 -18.27
N ILE B 130 -30.27 -22.31 -18.51
CA ILE B 130 -31.38 -22.03 -19.40
C ILE B 130 -32.20 -20.86 -18.89
N ILE B 131 -32.41 -20.80 -17.56
CA ILE B 131 -33.14 -19.69 -16.97
C ILE B 131 -32.41 -18.38 -17.20
N TYR B 132 -31.10 -18.37 -16.99
CA TYR B 132 -30.33 -17.14 -17.19
C TYR B 132 -30.42 -16.66 -18.63
N ARG B 133 -30.22 -17.58 -19.59
CA ARG B 133 -30.28 -17.21 -20.99
C ARG B 133 -31.67 -16.72 -21.38
N LEU B 134 -32.71 -17.39 -20.89
CA LEU B 134 -34.07 -16.98 -21.21
C LEU B 134 -34.37 -15.59 -20.65
N LEU B 135 -33.94 -15.33 -19.42
CA LEU B 135 -34.14 -14.00 -18.84
C LEU B 135 -33.48 -12.93 -19.69
N GLU B 136 -32.20 -13.13 -20.02
CA GLU B 136 -31.47 -12.12 -20.76
C GLU B 136 -32.08 -11.88 -22.14
N GLU B 137 -32.40 -12.96 -22.85
CA GLU B 137 -32.93 -12.80 -24.21
C GLU B 137 -34.33 -12.21 -24.20
N SER B 138 -35.16 -12.55 -23.21
CA SER B 138 -36.49 -11.95 -23.13
C SER B 138 -36.39 -10.46 -22.80
N GLN B 139 -35.46 -10.08 -21.92
CA GLN B 139 -35.26 -8.66 -21.65
C GLN B 139 -34.82 -7.93 -22.91
N ASN B 140 -33.88 -8.52 -23.66
CA ASN B 140 -33.41 -7.88 -24.89
C ASN B 140 -34.53 -7.75 -25.91
N GLN B 141 -35.36 -8.79 -26.06
CA GLN B 141 -36.47 -8.72 -26.99
C GLN B 141 -37.50 -7.67 -26.56
N GLN B 142 -37.78 -7.59 -25.26
CA GLN B 142 -38.73 -6.58 -24.77
C GLN B 142 -38.21 -5.18 -25.02
N GLU B 143 -36.90 -4.97 -24.85
CA GLU B 143 -36.32 -3.65 -25.12
C GLU B 143 -36.48 -3.29 -26.59
N ASN B 144 -36.27 -4.25 -27.49
CA ASN B 144 -36.42 -3.99 -28.91
C ASN B 144 -37.89 -4.08 -29.32
N GLN C 1 9.62 -25.86 -13.30
CA GLN C 1 10.15 -25.13 -12.16
C GLN C 1 11.42 -25.82 -11.65
N VAL C 2 11.24 -26.95 -10.97
CA VAL C 2 12.35 -27.74 -10.48
C VAL C 2 12.86 -28.61 -11.62
N GLN C 3 14.16 -28.49 -11.92
CA GLN C 3 14.73 -29.24 -13.04
C GLN C 3 16.19 -29.52 -12.78
N LEU C 4 16.64 -30.69 -13.22
CA LEU C 4 18.05 -31.08 -13.17
C LEU C 4 18.57 -31.21 -14.59
N VAL C 5 19.64 -30.49 -14.89
CA VAL C 5 20.26 -30.46 -16.22
C VAL C 5 21.60 -31.16 -16.14
N GLN C 6 21.82 -32.13 -17.02
CA GLN C 6 23.03 -32.93 -17.03
C GLN C 6 23.98 -32.43 -18.12
N SER C 7 25.13 -33.09 -18.22
CA SER C 7 26.11 -32.80 -19.25
C SER C 7 25.83 -33.64 -20.49
N GLY C 8 26.57 -33.35 -21.56
CA GLY C 8 26.38 -34.07 -22.81
C GLY C 8 26.89 -35.50 -22.73
N ALA C 9 26.51 -36.29 -23.73
CA ALA C 9 26.94 -37.67 -23.80
C ALA C 9 28.42 -37.74 -24.16
N GLU C 10 29.18 -38.54 -23.40
CA GLU C 10 30.62 -38.68 -23.57
C GLU C 10 31.00 -40.09 -24.01
N VAL C 11 32.08 -40.15 -24.78
CA VAL C 11 32.75 -41.40 -25.14
C VAL C 11 34.16 -41.34 -24.56
N LYS C 12 34.57 -42.41 -23.90
CA LYS C 12 35.84 -42.46 -23.19
C LYS C 12 36.56 -43.76 -23.49
N LYS C 13 37.89 -43.71 -23.36
CA LYS C 13 38.74 -44.87 -23.56
C LYS C 13 38.69 -45.77 -22.33
N PRO C 14 38.96 -47.07 -22.51
CA PRO C 14 39.03 -47.97 -21.35
C PRO C 14 40.15 -47.54 -20.39
N GLY C 15 39.88 -47.68 -19.10
CA GLY C 15 40.84 -47.29 -18.08
C GLY C 15 40.89 -45.82 -17.77
N ALA C 16 40.06 -45.01 -18.42
CA ALA C 16 40.05 -43.57 -18.21
C ALA C 16 39.06 -43.21 -17.10
N SER C 17 38.73 -41.93 -16.98
CA SER C 17 37.79 -41.45 -15.98
C SER C 17 36.76 -40.56 -16.65
N VAL C 18 35.52 -40.63 -16.15
CA VAL C 18 34.41 -39.85 -16.68
C VAL C 18 33.86 -38.99 -15.55
N LYS C 19 33.65 -37.70 -15.84
CA LYS C 19 33.14 -36.74 -14.87
C LYS C 19 31.86 -36.13 -15.43
N VAL C 20 30.77 -36.26 -14.69
CA VAL C 20 29.45 -35.83 -15.14
C VAL C 20 28.88 -34.85 -14.13
N SER C 21 28.31 -33.76 -14.64
CA SER C 21 27.75 -32.70 -13.81
C SER C 21 26.22 -32.73 -13.84
N CYS C 22 25.62 -32.17 -12.79
CA CYS C 22 24.17 -32.12 -12.67
C CYS C 22 23.81 -30.83 -11.94
N LYS C 23 23.19 -29.91 -12.66
CA LYS C 23 22.79 -28.61 -12.13
C LYS C 23 21.33 -28.62 -11.73
N ALA C 24 21.03 -28.10 -10.56
CA ALA C 24 19.68 -28.08 -10.00
C ALA C 24 19.11 -26.67 -10.05
N SER C 25 17.83 -26.56 -10.41
CA SER C 25 17.16 -25.28 -10.47
C SER C 25 15.72 -25.43 -9.97
N GLY C 26 15.17 -24.32 -9.47
CA GLY C 26 13.80 -24.29 -9.02
C GLY C 26 13.58 -24.61 -7.55
N TYR C 27 14.65 -24.86 -6.78
CA TYR C 27 14.51 -25.20 -5.37
C TYR C 27 15.84 -24.95 -4.68
N THR C 28 15.82 -25.04 -3.35
CA THR C 28 17.03 -24.85 -2.55
C THR C 28 17.85 -26.12 -2.59
N PHE C 29 18.99 -26.06 -3.29
CA PHE C 29 19.82 -27.25 -3.48
C PHE C 29 20.39 -27.77 -2.16
N THR C 30 20.50 -26.93 -1.14
CA THR C 30 21.07 -27.34 0.13
C THR C 30 20.09 -28.09 1.01
N SER C 31 18.82 -28.21 0.61
CA SER C 31 17.79 -28.79 1.45
C SER C 31 17.41 -30.21 1.03
N TYR C 32 18.22 -30.86 0.20
CA TYR C 32 17.94 -32.22 -0.25
C TYR C 32 19.25 -32.95 -0.49
N ASP C 33 19.14 -34.21 -0.85
CA ASP C 33 20.27 -35.04 -1.25
C ASP C 33 20.24 -35.23 -2.77
N ILE C 34 21.32 -35.80 -3.30
CA ILE C 34 21.44 -36.06 -4.73
C ILE C 34 21.94 -37.49 -4.92
N THR C 35 21.21 -38.26 -5.71
CA THR C 35 21.55 -39.64 -6.00
C THR C 35 21.77 -39.82 -7.49
N TRP C 36 22.52 -40.87 -7.84
CA TRP C 36 22.81 -41.19 -9.23
C TRP C 36 22.49 -42.64 -9.49
N VAL C 37 21.89 -42.90 -10.66
CA VAL C 37 21.49 -44.25 -11.04
C VAL C 37 21.81 -44.46 -12.52
N ARG C 38 22.33 -45.64 -12.85
CA ARG C 38 22.72 -45.94 -14.21
C ARG C 38 21.80 -47.01 -14.81
N GLN C 39 21.52 -46.88 -16.09
CA GLN C 39 20.77 -47.88 -16.85
C GLN C 39 21.61 -48.28 -18.06
N ALA C 40 21.96 -49.56 -18.13
CA ALA C 40 22.72 -50.08 -19.25
C ALA C 40 21.79 -50.35 -20.43
N PRO C 41 22.32 -50.35 -21.65
CA PRO C 41 21.51 -50.75 -22.82
C PRO C 41 20.92 -52.13 -22.61
N GLY C 42 19.60 -52.19 -22.56
CA GLY C 42 18.91 -53.41 -22.22
C GLY C 42 17.80 -53.18 -21.22
N GLN C 43 17.90 -53.80 -20.04
CA GLN C 43 16.88 -53.66 -19.01
C GLN C 43 17.55 -53.64 -17.64
N GLY C 44 17.03 -52.79 -16.76
CA GLY C 44 17.52 -52.77 -15.38
C GLY C 44 18.15 -51.44 -14.99
N LEU C 45 17.77 -50.96 -13.82
CA LEU C 45 18.36 -49.76 -13.23
C LEU C 45 19.10 -50.16 -11.95
N GLU C 46 20.36 -49.78 -11.87
CA GLU C 46 21.22 -50.11 -10.74
C GLU C 46 21.56 -48.86 -9.96
N TRP C 47 21.28 -48.87 -8.66
CA TRP C 47 21.53 -47.70 -7.81
C TRP C 47 23.03 -47.58 -7.52
N MET C 48 23.62 -46.46 -7.91
CA MET C 48 25.02 -46.23 -7.61
C MET C 48 25.21 -45.69 -6.19
N GLY C 49 24.50 -44.62 -5.86
CA GLY C 49 24.62 -44.06 -4.53
C GLY C 49 23.96 -42.70 -4.44
N TRP C 50 24.14 -42.10 -3.27
CA TRP C 50 23.61 -40.77 -2.99
C TRP C 50 24.58 -40.03 -2.07
N ILE C 51 24.48 -38.70 -2.08
CA ILE C 51 25.30 -37.84 -1.25
C ILE C 51 24.46 -36.66 -0.78
N SER C 52 24.82 -36.14 0.40
CA SER C 52 24.09 -35.05 1.01
C SER C 52 24.65 -33.72 0.55
N ALA C 53 23.77 -32.81 0.14
CA ALA C 53 24.18 -31.48 -0.28
C ALA C 53 24.38 -30.53 0.89
N TYR C 54 23.99 -30.92 2.10
CA TYR C 54 24.15 -30.08 3.28
C TYR C 54 25.28 -30.58 4.17
N ASN C 55 25.24 -31.85 4.61
CA ASN C 55 26.31 -32.38 5.44
C ASN C 55 27.53 -32.74 4.59
N GLY C 56 27.32 -33.24 3.37
CA GLY C 56 28.40 -33.71 2.54
C GLY C 56 28.67 -35.20 2.65
N ASP C 57 27.88 -35.93 3.44
CA ASP C 57 28.06 -37.37 3.58
C ASP C 57 27.75 -38.05 2.26
N THR C 58 28.47 -39.13 1.99
CA THR C 58 28.30 -39.91 0.77
C THR C 58 28.04 -41.37 1.13
N ASN C 59 27.25 -42.04 0.31
CA ASN C 59 26.97 -43.46 0.46
C ASN C 59 26.89 -44.07 -0.93
N TYR C 60 27.81 -44.98 -1.24
CA TYR C 60 27.94 -45.59 -2.56
C TYR C 60 27.50 -47.04 -2.51
N ALA C 61 27.35 -47.64 -3.68
CA ALA C 61 27.04 -49.05 -3.78
C ALA C 61 28.25 -49.88 -3.37
N GLN C 62 27.99 -51.10 -2.91
CA GLN C 62 29.07 -51.96 -2.44
C GLN C 62 29.90 -52.51 -3.59
N ARG C 63 29.29 -52.76 -4.75
CA ARG C 63 30.04 -53.26 -5.89
C ARG C 63 31.05 -52.23 -6.38
N LEU C 64 30.65 -50.96 -6.41
CA LEU C 64 31.56 -49.86 -6.79
C LEU C 64 32.42 -49.56 -5.56
N GLN C 65 33.54 -50.28 -5.46
CA GLN C 65 34.38 -50.19 -4.27
C GLN C 65 34.96 -48.78 -4.10
N GLY C 66 35.78 -48.36 -5.04
CA GLY C 66 36.40 -47.05 -4.96
C GLY C 66 36.49 -46.35 -6.29
N ARG C 67 35.79 -46.89 -7.29
CA ARG C 67 35.79 -46.30 -8.62
C ARG C 67 34.89 -45.07 -8.72
N VAL C 68 34.14 -44.76 -7.68
CA VAL C 68 33.14 -43.70 -7.71
C VAL C 68 33.51 -42.63 -6.68
N THR C 69 33.52 -41.38 -7.12
CA THR C 69 33.74 -40.23 -6.25
C THR C 69 32.67 -39.19 -6.54
N MET C 70 32.11 -38.60 -5.50
CA MET C 70 30.94 -37.75 -5.68
C MET C 70 31.07 -36.51 -4.82
N THR C 71 30.84 -35.33 -5.42
CA THR C 71 31.01 -34.07 -4.72
C THR C 71 29.88 -33.12 -5.11
N THR C 72 29.76 -32.03 -4.35
CA THR C 72 28.81 -30.97 -4.64
C THR C 72 29.52 -29.62 -4.61
N ASP C 73 28.93 -28.66 -5.33
CA ASP C 73 29.33 -27.25 -5.26
C ASP C 73 28.08 -26.45 -4.91
N THR C 74 28.07 -25.87 -3.70
CA THR C 74 26.89 -25.18 -3.22
C THR C 74 26.65 -23.87 -3.96
N SER C 75 27.72 -23.12 -4.24
CA SER C 75 27.56 -21.84 -4.91
C SER C 75 26.94 -22.00 -6.29
N THR C 76 27.39 -22.99 -7.05
CA THR C 76 26.79 -23.31 -8.33
C THR C 76 25.67 -24.33 -8.22
N SER C 77 25.47 -24.91 -7.03
CA SER C 77 24.42 -25.90 -6.79
C SER C 77 24.51 -27.05 -7.79
N THR C 78 25.73 -27.54 -8.02
CA THR C 78 25.98 -28.54 -9.04
C THR C 78 26.66 -29.76 -8.43
N ALA C 79 26.14 -30.94 -8.71
CA ALA C 79 26.70 -32.18 -8.22
C ALA C 79 27.57 -32.83 -9.31
N TYR C 80 28.74 -33.30 -8.91
CA TYR C 80 29.70 -33.89 -9.84
C TYR C 80 29.97 -35.33 -9.44
N MET C 81 29.99 -36.21 -10.44
CA MET C 81 30.11 -37.64 -10.25
C MET C 81 31.26 -38.12 -11.12
N GLU C 82 32.17 -38.91 -10.56
CA GLU C 82 33.45 -39.25 -11.19
C GLU C 82 33.64 -40.75 -11.11
N LEU C 83 33.80 -41.39 -12.28
CA LEU C 83 33.97 -42.83 -12.38
C LEU C 83 35.33 -43.12 -13.00
N ARG C 84 36.17 -43.88 -12.28
CA ARG C 84 37.48 -44.25 -12.75
C ARG C 84 37.53 -45.75 -13.02
N SER C 85 38.56 -46.16 -13.78
CA SER C 85 38.79 -47.56 -14.12
C SER C 85 37.58 -48.15 -14.85
N LEU C 86 37.30 -47.60 -16.02
CA LEU C 86 36.15 -48.05 -16.80
C LEU C 86 36.39 -49.45 -17.35
N ARG C 87 35.33 -50.25 -17.36
CA ARG C 87 35.31 -51.56 -17.98
C ARG C 87 34.36 -51.55 -19.17
N SER C 88 34.46 -52.59 -20.00
CA SER C 88 33.66 -52.66 -21.22
C SER C 88 32.17 -52.70 -20.94
N ASP C 89 31.76 -53.07 -19.73
CA ASP C 89 30.35 -53.14 -19.36
C ASP C 89 29.83 -51.84 -18.75
N ASP C 90 30.63 -50.78 -18.73
CA ASP C 90 30.26 -49.53 -18.11
C ASP C 90 29.48 -48.61 -19.03
N THR C 91 29.25 -48.99 -20.29
CA THR C 91 28.46 -48.18 -21.21
C THR C 91 27.02 -48.10 -20.72
N ALA C 92 26.56 -46.91 -20.38
CA ALA C 92 25.22 -46.77 -19.81
C ALA C 92 24.79 -45.31 -19.82
N VAL C 93 23.50 -45.09 -19.59
CA VAL C 93 22.94 -43.75 -19.41
C VAL C 93 22.80 -43.50 -17.91
N TYR C 94 23.39 -42.41 -17.44
CA TYR C 94 23.43 -42.06 -16.03
C TYR C 94 22.45 -40.92 -15.76
N TYR C 95 21.61 -41.09 -14.75
CA TYR C 95 20.64 -40.08 -14.36
C TYR C 95 20.93 -39.58 -12.94
N CYS C 96 20.77 -38.28 -12.75
CA CYS C 96 20.89 -37.63 -11.46
C CYS C 96 19.50 -37.22 -10.97
N ALA C 97 19.22 -37.50 -9.70
CA ALA C 97 17.93 -37.20 -9.09
C ALA C 97 18.17 -36.74 -7.66
N ARG C 98 17.10 -36.36 -6.97
CA ARG C 98 17.19 -36.05 -5.54
C ARG C 98 16.55 -37.19 -4.76
N ALA C 99 17.15 -37.51 -3.62
CA ALA C 99 16.77 -38.70 -2.86
C ALA C 99 15.64 -38.40 -1.88
N LYS C 100 15.87 -37.47 -0.95
CA LYS C 100 14.89 -37.19 0.09
C LYS C 100 15.20 -35.83 0.71
N HIS C 101 14.46 -35.47 1.74
CA HIS C 101 14.77 -34.29 2.53
C HIS C 101 15.93 -34.61 3.48
N THR C 102 16.44 -33.55 4.11
CA THR C 102 17.51 -33.69 5.10
C THR C 102 16.99 -33.83 6.52
N VAL C 103 15.95 -33.08 6.87
CA VAL C 103 15.39 -33.11 8.21
C VAL C 103 14.15 -34.00 8.24
N LEU C 104 13.12 -33.62 7.48
CA LEU C 104 11.90 -34.40 7.39
C LEU C 104 12.14 -35.57 6.45
N VAL C 105 12.81 -36.60 6.99
CA VAL C 105 13.39 -37.66 6.19
C VAL C 105 12.56 -38.95 6.27
N THR C 106 11.58 -39.01 7.17
CA THR C 106 10.76 -40.19 7.33
C THR C 106 9.49 -40.17 6.48
N ALA C 107 9.31 -39.17 5.61
CA ALA C 107 8.10 -39.04 4.82
C ALA C 107 8.35 -39.24 3.33
N MET C 108 9.21 -38.43 2.73
CA MET C 108 9.51 -38.54 1.30
C MET C 108 10.65 -39.53 1.11
N ARG C 109 10.37 -40.65 0.46
CA ARG C 109 11.35 -41.68 0.18
C ARG C 109 11.36 -42.04 -1.29
N TRP C 110 11.29 -41.03 -2.16
CA TRP C 110 11.18 -41.24 -3.58
C TRP C 110 12.12 -40.31 -4.33
N PHE C 111 12.45 -40.70 -5.57
CA PHE C 111 13.29 -39.90 -6.46
C PHE C 111 12.36 -39.05 -7.32
N ASP C 112 12.06 -37.84 -6.86
CA ASP C 112 10.98 -37.06 -7.46
C ASP C 112 11.38 -36.60 -8.86
N PRO C 113 12.37 -35.68 -9.04
CA PRO C 113 12.73 -35.28 -10.41
C PRO C 113 13.91 -36.06 -10.94
N TRP C 114 13.98 -36.23 -12.27
CA TRP C 114 15.11 -36.91 -12.89
C TRP C 114 15.65 -36.06 -14.02
N GLY C 115 16.96 -36.13 -14.22
CA GLY C 115 17.59 -35.45 -15.33
C GLY C 115 17.39 -36.18 -16.65
N GLN C 116 17.79 -35.51 -17.73
CA GLN C 116 17.65 -36.11 -19.05
C GLN C 116 18.54 -37.34 -19.21
N GLY C 117 19.64 -37.39 -18.48
CA GLY C 117 20.55 -38.52 -18.55
C GLY C 117 21.72 -38.26 -19.49
N THR C 118 22.88 -38.79 -19.11
CA THR C 118 24.10 -38.65 -19.89
C THR C 118 24.57 -40.04 -20.32
N LEU C 119 24.77 -40.21 -21.63
CA LEU C 119 25.21 -41.50 -22.16
C LEU C 119 26.73 -41.55 -22.14
N VAL C 120 27.28 -42.50 -21.38
CA VAL C 120 28.72 -42.72 -21.31
C VAL C 120 28.99 -44.02 -22.06
N THR C 121 29.79 -43.91 -23.13
CA THR C 121 30.16 -45.05 -23.96
C THR C 121 31.65 -45.27 -23.85
N VAL C 122 32.05 -46.50 -23.50
CA VAL C 122 33.45 -46.88 -23.45
C VAL C 122 33.73 -47.86 -24.59
N SER C 123 34.84 -47.64 -25.29
CA SER C 123 35.24 -48.48 -26.42
C SER C 123 36.69 -48.17 -26.73
N SER C 124 37.31 -49.05 -27.51
CA SER C 124 38.69 -48.86 -27.92
C SER C 124 38.78 -48.26 -29.31
N ASP D 1 20.40 -58.24 1.82
CA ASP D 1 19.76 -57.61 0.66
C ASP D 1 18.34 -58.12 0.49
N ILE D 2 17.46 -57.27 -0.05
CA ILE D 2 16.07 -57.63 -0.30
C ILE D 2 15.82 -57.56 -1.80
N GLN D 3 15.25 -58.63 -2.35
CA GLN D 3 15.06 -58.78 -3.79
C GLN D 3 13.68 -58.30 -4.21
N MET D 4 13.61 -57.75 -5.42
CA MET D 4 12.38 -57.25 -6.03
C MET D 4 12.05 -58.16 -7.20
N THR D 5 10.87 -58.77 -7.18
CA THR D 5 10.46 -59.70 -8.24
C THR D 5 9.13 -59.25 -8.82
N GLN D 6 9.14 -58.72 -10.03
CA GLN D 6 7.91 -58.35 -10.70
C GLN D 6 7.36 -59.55 -11.47
N SER D 7 6.09 -59.88 -11.21
CA SER D 7 5.48 -61.05 -11.83
C SER D 7 5.54 -61.04 -13.36
N PRO D 8 5.15 -59.97 -14.05
CA PRO D 8 5.22 -60.00 -15.51
C PRO D 8 6.49 -59.38 -16.12
N SER D 9 6.92 -59.95 -17.24
CA SER D 9 8.03 -59.41 -18.01
C SER D 9 7.57 -58.56 -19.18
N SER D 10 6.47 -58.95 -19.84
CA SER D 10 5.92 -58.20 -20.94
C SER D 10 4.49 -58.67 -21.19
N LEU D 11 3.55 -57.72 -21.23
CA LEU D 11 2.15 -58.05 -21.46
C LEU D 11 1.57 -57.10 -22.49
N SER D 12 0.56 -57.58 -23.21
CA SER D 12 -0.13 -56.79 -24.23
C SER D 12 -1.64 -56.86 -24.00
N ALA D 13 -2.31 -55.72 -24.21
CA ALA D 13 -3.75 -55.63 -24.02
C ALA D 13 -4.27 -54.54 -24.95
N SER D 14 -5.58 -54.30 -24.87
CA SER D 14 -6.23 -53.30 -25.72
C SER D 14 -6.48 -52.01 -24.93
N VAL D 15 -6.88 -50.97 -25.66
CA VAL D 15 -7.17 -49.68 -25.05
C VAL D 15 -8.41 -49.80 -24.18
N GLY D 16 -8.31 -49.31 -22.95
CA GLY D 16 -9.41 -49.38 -21.99
C GLY D 16 -9.41 -50.63 -21.13
N ASP D 17 -8.53 -51.58 -21.40
CA ASP D 17 -8.46 -52.82 -20.63
C ASP D 17 -7.73 -52.57 -19.32
N ARG D 18 -7.98 -53.42 -18.33
CA ARG D 18 -7.38 -53.29 -17.00
C ARG D 18 -6.23 -54.27 -16.87
N VAL D 19 -5.04 -53.74 -16.59
CA VAL D 19 -3.82 -54.52 -16.49
C VAL D 19 -3.29 -54.41 -15.06
N THR D 20 -3.03 -55.56 -14.44
CA THR D 20 -2.53 -55.62 -13.08
C THR D 20 -1.10 -56.12 -13.08
N ILE D 21 -0.22 -55.38 -12.43
CA ILE D 21 1.19 -55.74 -12.29
C ILE D 21 1.43 -56.11 -10.83
N THR D 22 1.97 -57.30 -10.61
CA THR D 22 2.22 -57.82 -9.27
C THR D 22 3.72 -57.79 -8.98
N CYS D 23 4.09 -57.19 -7.86
CA CYS D 23 5.48 -57.08 -7.43
C CYS D 23 5.62 -57.69 -6.06
N ARG D 24 6.62 -58.54 -5.88
CA ARG D 24 6.79 -59.32 -4.66
C ARG D 24 8.17 -59.11 -4.07
N ALA D 25 8.26 -59.31 -2.76
CA ALA D 25 9.49 -59.15 -2.00
C ALA D 25 9.80 -60.43 -1.25
N SER D 26 11.09 -60.66 -0.99
CA SER D 26 11.52 -61.80 -0.19
C SER D 26 11.36 -61.56 1.31
N GLN D 27 11.12 -60.32 1.72
CA GLN D 27 10.95 -59.98 3.13
C GLN D 27 9.85 -58.94 3.26
N SER D 28 9.22 -58.92 4.43
CA SER D 28 8.15 -57.95 4.69
C SER D 28 8.72 -56.54 4.73
N ILE D 29 8.09 -55.62 4.00
CA ILE D 29 8.57 -54.26 3.87
C ILE D 29 7.52 -53.25 4.29
N SER D 30 6.48 -53.69 5.02
CA SER D 30 5.39 -52.83 5.49
C SER D 30 4.73 -52.21 4.27
N ASN D 31 4.65 -50.88 4.17
CA ASN D 31 3.97 -50.23 3.05
C ASN D 31 4.90 -49.24 2.33
N TYR D 32 6.21 -49.50 2.37
CA TYR D 32 7.20 -48.64 1.72
C TYR D 32 7.54 -49.23 0.37
N LEU D 33 6.93 -48.69 -0.70
CA LEU D 33 7.14 -49.20 -2.04
C LEU D 33 6.65 -48.17 -3.04
N ASN D 34 7.50 -47.83 -4.01
CA ASN D 34 7.17 -46.84 -5.03
C ASN D 34 7.17 -47.48 -6.40
N TRP D 35 6.49 -46.83 -7.35
CA TRP D 35 6.38 -47.28 -8.72
C TRP D 35 6.93 -46.21 -9.65
N TYR D 36 7.69 -46.64 -10.65
CA TYR D 36 8.25 -45.75 -11.66
C TYR D 36 7.82 -46.20 -13.05
N GLN D 37 7.49 -45.23 -13.89
CA GLN D 37 7.10 -45.47 -15.27
C GLN D 37 8.15 -44.85 -16.19
N GLN D 38 8.76 -45.68 -17.02
CA GLN D 38 9.82 -45.24 -17.94
C GLN D 38 9.31 -45.36 -19.36
N LYS D 39 9.08 -44.20 -20.00
CA LYS D 39 8.85 -44.18 -21.43
C LYS D 39 10.14 -44.48 -22.17
N PRO D 40 10.06 -44.98 -23.40
CA PRO D 40 11.29 -45.23 -24.17
C PRO D 40 12.08 -43.94 -24.35
N GLY D 41 13.38 -44.03 -24.10
CA GLY D 41 14.26 -42.86 -24.19
C GLY D 41 14.27 -41.95 -22.97
N LYS D 42 13.11 -41.61 -22.44
CA LYS D 42 13.03 -40.70 -21.31
C LYS D 42 13.28 -41.44 -19.99
N ALA D 43 13.75 -40.69 -19.00
CA ALA D 43 13.99 -41.26 -17.68
C ALA D 43 12.67 -41.60 -17.00
N PRO D 44 12.65 -42.64 -16.17
CA PRO D 44 11.41 -43.00 -15.49
C PRO D 44 10.94 -41.93 -14.51
N LYS D 45 9.63 -41.87 -14.32
CA LYS D 45 9.00 -40.88 -13.46
C LYS D 45 8.17 -41.58 -12.38
N LEU D 46 8.09 -40.93 -11.22
CA LEU D 46 7.29 -41.45 -10.13
C LEU D 46 5.80 -41.33 -10.46
N LEU D 47 5.06 -42.39 -10.19
CA LEU D 47 3.62 -42.40 -10.45
C LEU D 47 2.79 -42.79 -9.23
N ILE D 48 3.27 -43.69 -8.39
CA ILE D 48 2.58 -44.05 -7.15
C ILE D 48 3.62 -44.22 -6.05
N SER D 49 3.40 -43.58 -4.92
CA SER D 49 4.32 -43.64 -3.79
C SER D 49 3.62 -44.20 -2.57
N ALA D 50 4.23 -45.21 -1.95
CA ALA D 50 3.74 -45.79 -0.69
C ALA D 50 2.26 -46.11 -0.80
N THR D 51 1.86 -46.71 -1.92
CA THR D 51 0.47 -47.00 -2.24
C THR D 51 -0.37 -45.72 -2.25
N SER D 52 -0.03 -44.86 -3.21
CA SER D 52 -0.79 -43.65 -3.55
C SER D 52 -0.84 -42.67 -2.37
N SER D 53 0.32 -42.08 -2.07
CA SER D 53 0.44 -41.03 -1.08
C SER D 53 1.23 -39.84 -1.64
N LEU D 54 1.01 -39.50 -2.91
CA LEU D 54 1.73 -38.41 -3.56
C LEU D 54 1.12 -37.07 -3.18
N GLN D 55 1.71 -36.00 -3.71
CA GLN D 55 1.30 -34.64 -3.38
C GLN D 55 0.68 -33.87 -4.53
N SER D 56 1.11 -34.10 -5.77
CA SER D 56 0.58 -33.33 -6.89
C SER D 56 0.09 -34.20 -8.04
N GLY D 57 0.78 -35.30 -8.33
CA GLY D 57 0.44 -36.11 -9.48
C GLY D 57 -0.69 -37.09 -9.23
N VAL D 58 -0.47 -38.35 -9.61
CA VAL D 58 -1.46 -39.42 -9.51
C VAL D 58 -2.76 -39.00 -10.18
N PRO D 59 -2.82 -38.97 -11.50
CA PRO D 59 -4.12 -38.78 -12.17
C PRO D 59 -5.03 -39.96 -11.84
N SER D 60 -6.34 -39.71 -11.90
CA SER D 60 -7.31 -40.71 -11.47
C SER D 60 -7.41 -41.85 -12.48
N ARG D 61 -6.28 -42.50 -12.74
CA ARG D 61 -6.23 -43.65 -13.65
C ARG D 61 -5.42 -44.81 -13.11
N PHE D 62 -4.51 -44.59 -12.18
CA PHE D 62 -3.70 -45.63 -11.56
C PHE D 62 -4.22 -45.93 -10.16
N SER D 63 -3.90 -47.12 -9.66
CA SER D 63 -4.22 -47.46 -8.29
C SER D 63 -3.21 -48.46 -7.76
N GLY D 64 -2.99 -48.43 -6.46
CA GLY D 64 -2.10 -49.36 -5.81
C GLY D 64 -2.78 -50.06 -4.65
N SER D 65 -2.38 -51.31 -4.43
CA SER D 65 -3.00 -52.10 -3.38
C SER D 65 -2.01 -53.14 -2.87
N GLY D 66 -2.33 -53.69 -1.71
CA GLY D 66 -1.54 -54.76 -1.14
C GLY D 66 -0.56 -54.26 -0.09
N SER D 67 -0.20 -55.17 0.83
CA SER D 67 0.77 -54.87 1.87
C SER D 67 1.42 -56.16 2.32
N GLY D 68 2.53 -56.03 3.02
CA GLY D 68 3.28 -57.19 3.48
C GLY D 68 4.40 -57.57 2.54
N THR D 69 4.15 -58.57 1.69
CA THR D 69 5.15 -59.05 0.76
C THR D 69 4.71 -59.02 -0.70
N ASP D 70 3.45 -58.72 -0.98
CA ASP D 70 2.95 -58.64 -2.35
C ASP D 70 2.23 -57.32 -2.54
N PHE D 71 2.39 -56.73 -3.73
CA PHE D 71 1.78 -55.45 -4.05
C PHE D 71 1.29 -55.49 -5.49
N THR D 72 0.28 -54.67 -5.78
CA THR D 72 -0.38 -54.69 -7.08
C THR D 72 -0.62 -53.27 -7.57
N LEU D 73 -0.22 -53.01 -8.81
CA LEU D 73 -0.57 -51.80 -9.52
C LEU D 73 -1.67 -52.13 -10.51
N THR D 74 -2.76 -51.36 -10.47
CA THR D 74 -3.94 -51.63 -11.28
C THR D 74 -4.28 -50.40 -12.11
N ILE D 75 -4.52 -50.61 -13.40
CA ILE D 75 -5.02 -49.57 -14.29
C ILE D 75 -6.53 -49.76 -14.43
N SER D 76 -7.23 -48.66 -14.67
CA SER D 76 -8.66 -48.71 -14.93
C SER D 76 -8.95 -48.80 -16.42
N SER D 77 -8.17 -48.10 -17.24
CA SER D 77 -8.31 -48.13 -18.68
C SER D 77 -6.99 -47.69 -19.29
N LEU D 78 -6.45 -48.51 -20.20
CA LEU D 78 -5.22 -48.14 -20.88
C LEU D 78 -5.46 -47.08 -21.94
N GLN D 79 -4.46 -46.25 -22.15
CA GLN D 79 -4.50 -45.14 -23.09
C GLN D 79 -3.23 -45.15 -23.94
N PRO D 80 -3.26 -44.53 -25.11
CA PRO D 80 -2.09 -44.61 -26.01
C PRO D 80 -0.79 -44.08 -25.41
N ASP D 81 -0.86 -43.15 -24.45
CA ASP D 81 0.34 -42.61 -23.83
C ASP D 81 0.90 -43.51 -22.74
N ASP D 82 0.49 -44.77 -22.69
CA ASP D 82 0.89 -45.67 -21.61
C ASP D 82 1.95 -46.68 -22.01
N PHE D 83 2.46 -46.61 -23.25
CA PHE D 83 3.56 -47.47 -23.65
C PHE D 83 4.80 -47.16 -22.81
N ALA D 84 5.17 -48.04 -21.90
CA ALA D 84 6.27 -47.78 -20.99
C ALA D 84 6.64 -49.08 -20.28
N THR D 85 7.71 -49.00 -19.47
CA THR D 85 8.12 -50.08 -18.59
C THR D 85 7.95 -49.63 -17.15
N TYR D 86 7.32 -50.47 -16.35
CA TYR D 86 7.01 -50.15 -14.95
C TYR D 86 7.96 -50.91 -14.03
N TYR D 87 8.47 -50.20 -13.03
CA TYR D 87 9.44 -50.74 -12.09
C TYR D 87 8.95 -50.50 -10.66
N CYS D 88 9.04 -51.52 -9.82
CA CYS D 88 8.69 -51.38 -8.41
C CYS D 88 9.97 -51.29 -7.59
N GLN D 89 10.11 -50.21 -6.83
CA GLN D 89 11.30 -49.97 -6.02
C GLN D 89 10.93 -50.02 -4.55
N GLN D 90 11.76 -50.68 -3.76
CA GLN D 90 11.59 -50.69 -2.31
C GLN D 90 12.31 -49.50 -1.69
N SER D 91 11.81 -49.06 -0.54
CA SER D 91 12.42 -47.99 0.24
C SER D 91 12.57 -48.39 1.70
N TYR D 92 12.55 -49.69 1.99
CA TYR D 92 12.58 -50.16 3.37
C TYR D 92 13.98 -50.01 3.97
N SER D 93 14.99 -50.56 3.31
CA SER D 93 16.35 -50.64 3.83
C SER D 93 17.31 -50.12 2.78
N THR D 94 18.49 -49.69 3.22
CA THR D 94 19.54 -49.08 2.41
C THR D 94 19.65 -49.69 1.00
N PRO D 95 19.62 -51.04 0.81
CA PRO D 95 19.61 -51.55 -0.57
C PRO D 95 18.30 -51.25 -1.28
N TRP D 96 18.19 -50.05 -1.84
CA TRP D 96 16.96 -49.64 -2.53
C TRP D 96 16.86 -50.28 -3.90
N THR D 97 16.82 -51.62 -3.94
CA THR D 97 16.86 -52.34 -5.20
C THR D 97 15.59 -52.11 -6.03
N PHE D 98 15.76 -52.05 -7.34
CA PHE D 98 14.66 -51.86 -8.25
C PHE D 98 14.19 -53.21 -8.78
N GLY D 99 13.04 -53.21 -9.44
CA GLY D 99 12.60 -54.39 -10.14
C GLY D 99 13.16 -54.45 -11.54
N GLN D 100 13.22 -55.65 -12.10
CA GLN D 100 13.73 -55.80 -13.46
C GLN D 100 12.80 -55.14 -14.48
N GLY D 101 11.58 -54.86 -14.11
CA GLY D 101 10.69 -54.07 -14.93
C GLY D 101 9.73 -54.92 -15.74
N THR D 102 8.58 -54.34 -16.07
CA THR D 102 7.61 -54.97 -16.95
C THR D 102 7.28 -54.00 -18.08
N LYS D 103 7.52 -54.43 -19.31
CA LYS D 103 7.20 -53.62 -20.48
C LYS D 103 5.74 -53.88 -20.85
N LEU D 104 4.97 -52.81 -21.00
CA LEU D 104 3.55 -52.93 -21.29
C LEU D 104 3.31 -52.56 -22.75
N GLU D 105 2.73 -53.48 -23.50
CA GLU D 105 2.31 -53.23 -24.87
C GLU D 105 0.80 -53.05 -24.91
N ILE D 106 0.32 -52.27 -25.87
CA ILE D 106 -1.10 -52.08 -26.09
C ILE D 106 -1.43 -52.54 -27.51
N LYS D 107 -2.43 -53.41 -27.63
CA LYS D 107 -2.79 -54.00 -28.90
C LYS D 107 -3.69 -53.06 -29.69
N ARG D 108 -3.50 -53.04 -31.01
CA ARG D 108 -4.32 -52.22 -31.89
C ARG D 108 -4.65 -52.98 -33.18
N LEU E 3 -47.59 17.33 -3.74
CA LEU E 3 -48.42 16.44 -2.93
C LEU E 3 -47.72 15.11 -2.69
N TRP E 4 -46.61 14.89 -3.38
CA TRP E 4 -45.86 13.65 -3.25
C TRP E 4 -44.42 13.96 -2.88
N VAL E 5 -43.78 13.04 -2.17
CA VAL E 5 -42.40 13.24 -1.77
C VAL E 5 -41.48 13.07 -2.97
N THR E 6 -40.28 13.61 -2.84
CA THR E 6 -39.22 13.42 -3.82
C THR E 6 -37.90 13.33 -3.07
N VAL E 7 -37.05 12.42 -3.52
CA VAL E 7 -35.78 12.12 -2.88
C VAL E 7 -34.68 12.80 -3.67
N TYR E 8 -34.01 13.76 -3.05
CA TYR E 8 -32.91 14.49 -3.68
C TYR E 8 -31.59 13.97 -3.13
N TYR E 9 -30.72 13.55 -4.04
CA TYR E 9 -29.33 13.23 -3.69
C TYR E 9 -28.47 14.38 -4.20
N GLY E 10 -28.05 15.24 -3.28
CA GLY E 10 -27.26 16.39 -3.67
C GLY E 10 -27.53 17.65 -2.86
N VAL E 11 -28.47 17.61 -1.93
CA VAL E 11 -28.78 18.78 -1.13
C VAL E 11 -27.60 19.09 -0.21
N PRO E 12 -27.35 20.36 0.11
CA PRO E 12 -26.23 20.73 1.01
C PRO E 12 -26.62 20.70 2.48
N VAL E 13 -26.63 19.51 3.06
CA VAL E 13 -27.05 19.29 4.44
C VAL E 13 -25.89 18.70 5.22
N TRP E 14 -25.60 19.26 6.38
CA TRP E 14 -24.56 18.72 7.25
C TRP E 14 -25.10 18.49 8.67
N LYS E 15 -24.41 17.60 9.38
CA LYS E 15 -24.71 17.25 10.75
C LYS E 15 -23.45 17.42 11.59
N GLU E 16 -23.64 17.51 12.90
CA GLU E 16 -22.58 17.95 13.82
C GLU E 16 -21.90 16.78 14.55
N ALA E 17 -21.72 15.64 13.89
CA ALA E 17 -21.06 14.51 14.53
C ALA E 17 -19.56 14.77 14.69
N THR E 18 -18.86 13.80 15.27
CA THR E 18 -17.43 13.92 15.51
C THR E 18 -16.72 12.65 15.10
N THR E 19 -15.50 12.81 14.60
CA THR E 19 -14.69 11.69 14.13
C THR E 19 -13.30 11.71 14.76
N THR E 20 -12.40 10.87 14.23
CA THR E 20 -11.00 10.86 14.63
C THR E 20 -10.20 11.46 13.48
N LEU E 21 -9.96 12.76 13.56
CA LEU E 21 -9.18 13.44 12.54
C LEU E 21 -7.74 12.96 12.56
N PHE E 22 -7.08 13.02 11.41
CA PHE E 22 -5.72 12.53 11.27
C PHE E 22 -4.74 13.68 11.06
N CYS E 23 -3.54 13.50 11.60
CA CYS E 23 -2.51 14.52 11.57
C CYS E 23 -1.91 14.66 10.16
N ALA E 24 -1.33 15.83 9.91
CA ALA E 24 -0.69 16.14 8.65
C ALA E 24 0.53 17.01 8.92
N SER E 25 1.57 16.82 8.12
CA SER E 25 2.81 17.58 8.25
C SER E 25 3.21 18.12 6.89
N ASP E 26 3.87 19.28 6.91
CA ASP E 26 4.30 19.93 5.68
C ASP E 26 5.55 19.27 5.10
N THR E 40 9.97 9.32 14.69
CA THR E 40 8.79 10.16 14.57
C THR E 40 7.60 9.36 14.03
N HIS E 41 6.41 9.65 14.56
CA HIS E 41 5.23 8.93 14.13
C HIS E 41 4.80 9.30 12.72
N ALA E 42 5.18 10.50 12.26
CA ALA E 42 4.89 10.98 10.91
C ALA E 42 3.39 11.15 10.66
N CYS E 43 3.04 11.85 9.59
CA CYS E 43 1.64 12.16 9.30
C CYS E 43 1.43 12.15 7.80
N VAL E 44 0.28 12.68 7.37
CA VAL E 44 -0.13 12.67 5.97
C VAL E 44 0.30 13.98 5.32
N PRO E 45 0.19 14.16 4.00
CA PRO E 45 0.66 15.40 3.39
C PRO E 45 -0.18 16.61 3.79
N ALA E 46 0.47 17.79 3.71
CA ALA E 46 -0.17 19.07 3.96
C ALA E 46 -0.14 19.86 2.65
N ASP E 47 -1.32 20.09 2.07
CA ASP E 47 -1.37 20.73 0.77
C ASP E 47 -1.18 22.26 0.87
N PRO E 48 -0.58 22.88 -0.16
CA PRO E 48 -0.38 24.33 -0.17
C PRO E 48 -1.54 25.11 -0.79
N ASN E 49 -2.76 24.79 -0.38
CA ASN E 49 -3.93 25.48 -0.90
C ASN E 49 -5.16 25.17 -0.05
N PRO E 50 -6.03 26.14 0.19
CA PRO E 50 -7.31 25.85 0.84
C PRO E 50 -8.46 25.68 -0.14
N GLN E 51 -9.37 24.77 0.23
CA GLN E 51 -10.66 24.65 -0.43
C GLN E 51 -11.68 25.62 0.16
N GLU E 52 -11.20 26.72 0.74
CA GLU E 52 -12.07 27.70 1.38
C GLU E 52 -13.08 28.24 0.39
N MET E 53 -14.36 28.12 0.73
CA MET E 53 -15.45 28.63 -0.10
C MET E 53 -16.47 29.27 0.84
N LEU E 54 -16.63 30.58 0.71
CA LEU E 54 -17.51 31.31 1.61
C LEU E 54 -18.96 30.92 1.36
N LEU E 55 -19.67 30.62 2.44
CA LEU E 55 -21.10 30.29 2.36
C LEU E 55 -21.88 31.54 2.72
N LYS E 56 -22.32 32.28 1.71
CA LYS E 56 -23.11 33.46 1.95
C LYS E 56 -24.49 33.06 2.49
N ASN E 57 -25.12 34.01 3.19
CA ASN E 57 -26.51 33.87 3.61
C ASN E 57 -26.71 32.71 4.58
N VAL E 58 -25.74 32.43 5.43
CA VAL E 58 -25.86 31.36 6.43
C VAL E 58 -25.14 31.78 7.70
N THR E 59 -25.68 31.38 8.84
CA THR E 59 -25.08 31.60 10.15
C THR E 59 -25.08 30.30 10.92
N GLU E 60 -23.94 29.91 11.46
CA GLU E 60 -23.78 28.65 12.17
C GLU E 60 -23.53 28.90 13.64
N ASN E 61 -24.19 28.12 14.49
CA ASN E 61 -24.09 28.28 15.94
C ASN E 61 -22.87 27.51 16.43
N PHE E 62 -21.78 28.22 16.66
CA PHE E 62 -20.52 27.59 17.06
C PHE E 62 -20.49 27.31 18.55
N ASN E 63 -19.45 26.58 18.95
CA ASN E 63 -19.15 26.33 20.36
C ASN E 63 -17.72 25.81 20.49
N MET E 64 -16.93 26.41 21.38
CA MET E 64 -15.54 26.04 21.53
C MET E 64 -15.25 25.26 22.81
N TRP E 65 -16.10 25.38 23.83
CA TRP E 65 -15.87 24.64 25.07
C TRP E 65 -16.35 23.19 24.98
N LYS E 66 -16.99 22.79 23.89
CA LYS E 66 -17.45 21.42 23.69
C LYS E 66 -16.79 20.80 22.47
N ASN E 67 -15.49 21.04 22.31
CA ASN E 67 -14.74 20.51 21.18
C ASN E 67 -14.01 19.23 21.57
N GLU E 68 -13.86 18.35 20.60
CA GLU E 68 -13.09 17.13 20.78
C GLU E 68 -11.65 17.25 20.27
N MET E 69 -11.40 18.17 19.34
CA MET E 69 -10.05 18.32 18.79
C MET E 69 -9.04 18.65 19.88
N VAL E 70 -9.44 19.39 20.91
CA VAL E 70 -8.51 19.76 21.97
C VAL E 70 -8.00 18.52 22.69
N ASN E 71 -8.91 17.59 23.02
CA ASN E 71 -8.49 16.36 23.69
C ASN E 71 -7.59 15.53 22.79
N GLN E 72 -7.92 15.46 21.50
CA GLN E 72 -7.09 14.73 20.55
C GLN E 72 -5.68 15.30 20.51
N MET E 73 -5.56 16.62 20.47
CA MET E 73 -4.24 17.22 20.37
C MET E 73 -3.49 17.11 21.70
N HIS E 74 -4.20 17.13 22.83
CA HIS E 74 -3.56 16.88 24.11
C HIS E 74 -2.98 15.48 24.15
N GLU E 75 -3.73 14.49 23.68
CA GLU E 75 -3.23 13.12 23.62
C GLU E 75 -2.01 13.02 22.70
N ASP E 76 -2.08 13.69 21.54
CA ASP E 76 -0.97 13.65 20.61
C ASP E 76 0.28 14.29 21.21
N VAL E 77 0.12 15.41 21.90
CA VAL E 77 1.26 16.08 22.52
C VAL E 77 1.86 15.21 23.61
N ILE E 78 1.01 14.57 24.42
CA ILE E 78 1.52 13.68 25.46
C ILE E 78 2.31 12.53 24.84
N SER E 79 1.77 11.93 23.78
CA SER E 79 2.47 10.83 23.12
C SER E 79 3.79 11.30 22.52
N LEU E 80 3.80 12.49 21.92
CA LEU E 80 5.03 13.00 21.32
C LEU E 80 6.09 13.26 22.38
N TRP E 81 5.70 13.83 23.52
CA TRP E 81 6.67 14.09 24.57
C TRP E 81 7.18 12.80 25.17
N ASP E 82 6.31 11.79 25.29
CA ASP E 82 6.76 10.48 25.77
C ASP E 82 7.75 9.86 24.79
N GLN E 83 7.48 9.95 23.50
CA GLN E 83 8.38 9.37 22.50
C GLN E 83 9.72 10.08 22.48
N SER E 84 9.71 11.42 22.60
CA SER E 84 10.96 12.17 22.55
C SER E 84 11.87 11.84 23.71
N LEU E 85 11.32 11.73 24.92
CA LEU E 85 12.11 11.41 26.09
C LEU E 85 12.40 9.92 26.16
N VAL E 188 18.30 17.61 26.07
CA VAL E 188 16.90 17.23 25.96
C VAL E 188 16.17 18.17 25.01
N SER E 189 14.92 18.49 25.35
CA SER E 189 14.08 19.40 24.57
C SER E 189 13.80 18.87 23.17
N PHE E 190 13.11 19.65 22.35
CA PHE E 190 12.75 19.24 21.01
C PHE E 190 12.37 20.48 20.21
N ASP E 191 12.23 20.30 18.90
CA ASP E 191 11.83 21.37 18.01
C ASP E 191 10.40 21.15 17.55
N PRO E 192 9.43 21.95 17.99
CA PRO E 192 8.06 21.78 17.51
C PRO E 192 7.94 22.13 16.03
N ILE E 193 6.99 21.48 15.38
CA ILE E 193 6.74 21.71 13.95
C ILE E 193 5.26 22.03 13.77
N PRO E 194 4.89 22.77 12.74
CA PRO E 194 3.46 22.97 12.45
C PRO E 194 2.77 21.65 12.17
N ILE E 195 1.57 21.50 12.70
CA ILE E 195 0.80 20.26 12.59
C ILE E 195 -0.59 20.62 12.10
N HIS E 196 -0.98 20.08 10.95
CA HIS E 196 -2.31 20.27 10.40
C HIS E 196 -3.21 19.12 10.82
N TYR E 197 -4.51 19.39 10.92
CA TYR E 197 -5.50 18.36 11.22
C TYR E 197 -6.44 18.24 10.03
N CYS E 198 -6.59 17.02 9.50
CA CYS E 198 -7.43 16.79 8.34
C CYS E 198 -8.51 15.77 8.67
N THR E 199 -9.66 15.94 8.06
CA THR E 199 -10.88 15.18 8.28
C THR E 199 -11.03 14.10 7.22
N PRO E 200 -11.67 12.97 7.53
CA PRO E 200 -11.85 11.92 6.52
C PRO E 200 -12.90 12.29 5.49
N ALA E 201 -13.02 11.44 4.48
CA ALA E 201 -13.98 11.68 3.42
C ALA E 201 -15.40 11.64 3.96
N GLY E 202 -16.22 12.59 3.54
CA GLY E 202 -17.57 12.73 4.02
C GLY E 202 -17.75 13.73 5.14
N TYR E 203 -16.70 14.45 5.51
CA TYR E 203 -16.76 15.44 6.58
C TYR E 203 -16.08 16.72 6.13
N ALA E 204 -16.37 17.81 6.84
CA ALA E 204 -15.80 19.12 6.52
C ALA E 204 -15.49 19.86 7.81
N LEU E 205 -14.64 20.88 7.72
CA LEU E 205 -14.29 21.71 8.86
C LEU E 205 -14.85 23.11 8.63
N LEU E 206 -15.87 23.48 9.39
CA LEU E 206 -16.37 24.83 9.30
C LEU E 206 -15.38 25.80 9.95
N LYS E 207 -15.51 27.08 9.60
CA LYS E 207 -14.61 28.10 10.09
C LYS E 207 -15.35 29.42 10.18
N CYS E 208 -15.13 30.14 11.27
CA CYS E 208 -15.78 31.41 11.54
C CYS E 208 -14.82 32.55 11.21
N ASN E 209 -15.34 33.58 10.55
CA ASN E 209 -14.54 34.71 10.11
C ASN E 209 -14.78 35.98 10.90
N ASN E 210 -15.80 36.03 11.74
CA ASN E 210 -16.07 37.21 12.56
C ASN E 210 -14.89 37.47 13.48
N LYS E 211 -14.44 38.72 13.53
CA LYS E 211 -13.20 39.06 14.22
C LYS E 211 -13.38 39.29 15.71
N THR E 212 -14.56 39.75 16.13
CA THR E 212 -14.84 39.96 17.54
C THR E 212 -15.44 38.72 18.20
N PHE E 213 -15.45 37.59 17.50
CA PHE E 213 -15.94 36.32 18.04
C PHE E 213 -15.18 35.93 19.29
N ASN E 214 -15.85 35.92 20.45
CA ASN E 214 -15.15 35.62 21.69
C ASN E 214 -14.88 34.14 21.88
N GLY E 215 -15.58 33.27 21.15
CA GLY E 215 -15.34 31.85 21.25
C GLY E 215 -16.59 30.99 21.22
N THR E 216 -17.71 31.51 21.71
CA THR E 216 -18.99 30.81 21.69
C THR E 216 -20.02 31.67 20.98
N GLY E 217 -21.27 31.19 20.98
CA GLY E 217 -22.36 31.92 20.40
C GLY E 217 -22.38 31.87 18.88
N PRO E 218 -23.25 32.66 18.26
CA PRO E 218 -23.41 32.59 16.81
C PRO E 218 -22.22 33.13 16.04
N CYS E 219 -22.28 33.05 14.72
CA CYS E 219 -21.20 33.51 13.86
C CYS E 219 -21.76 33.77 12.47
N ASN E 220 -21.04 34.61 11.72
CA ASN E 220 -21.36 34.92 10.34
C ASN E 220 -20.10 34.77 9.49
N ASN E 221 -20.29 34.82 8.17
CA ASN E 221 -19.19 34.64 7.21
C ASN E 221 -18.54 33.27 7.40
N VAL E 222 -19.36 32.23 7.35
CA VAL E 222 -18.89 30.86 7.54
C VAL E 222 -18.15 30.39 6.29
N SER E 223 -17.01 29.74 6.48
CA SER E 223 -16.24 29.20 5.36
C SER E 223 -15.83 27.77 5.66
N THR E 224 -15.97 26.90 4.67
CA THR E 224 -15.65 25.49 4.83
C THR E 224 -14.23 25.20 4.34
N VAL E 225 -13.58 24.26 5.03
CA VAL E 225 -12.17 23.96 4.80
C VAL E 225 -11.97 22.46 4.99
N GLN E 226 -10.89 21.94 4.41
CA GLN E 226 -10.51 20.54 4.57
C GLN E 226 -9.47 20.31 5.67
N CYS E 227 -8.50 21.21 5.82
CA CYS E 227 -7.42 21.01 6.79
C CYS E 227 -7.07 22.32 7.48
N THR E 228 -6.73 22.24 8.76
CA THR E 228 -6.45 23.42 9.57
C THR E 228 -5.10 24.03 9.17
N HIS E 229 -4.68 25.04 9.91
CA HIS E 229 -3.43 25.73 9.64
C HIS E 229 -2.31 25.14 10.52
N GLY E 230 -1.15 25.80 10.52
CA GLY E 230 0.03 25.28 11.18
C GLY E 230 0.10 25.53 12.66
N ILE E 231 -0.64 24.75 13.44
CA ILE E 231 -0.62 24.90 14.89
C ILE E 231 0.74 24.47 15.44
N LYS E 232 1.18 25.14 16.50
CA LYS E 232 2.45 24.85 17.14
C LYS E 232 2.21 24.34 18.54
N PRO E 233 2.59 23.10 18.85
CA PRO E 233 2.41 22.54 20.21
C PRO E 233 3.44 23.06 21.21
N VAL E 234 3.15 24.23 21.77
CA VAL E 234 4.02 24.90 22.73
C VAL E 234 3.36 24.86 24.09
N VAL E 235 4.12 24.45 25.10
CA VAL E 235 3.64 24.40 26.48
C VAL E 235 4.33 25.52 27.26
N SER E 236 3.52 26.38 27.87
CA SER E 236 4.01 27.50 28.67
C SER E 236 2.98 27.82 29.73
N THR E 237 3.41 28.57 30.74
CA THR E 237 2.56 28.95 31.87
C THR E 237 2.52 30.46 31.96
N GLN E 238 1.32 31.01 32.23
CA GLN E 238 1.16 32.40 32.64
C GLN E 238 1.42 33.37 31.49
N LEU E 239 1.92 32.87 30.36
CA LEU E 239 2.24 33.72 29.20
C LEU E 239 2.23 32.82 27.97
N LEU E 240 1.21 32.94 27.13
CA LEU E 240 1.12 32.13 25.92
C LEU E 240 2.12 32.65 24.90
N LEU E 241 3.24 31.93 24.75
CA LEU E 241 4.33 32.36 23.89
C LEU E 241 4.17 31.81 22.48
N ASN E 242 4.59 32.63 21.50
CA ASN E 242 4.64 32.23 20.09
C ASN E 242 3.25 31.87 19.54
N GLY E 243 2.20 32.45 20.11
CA GLY E 243 0.87 32.13 19.67
C GLY E 243 0.43 32.96 18.47
N SER E 244 -0.70 32.57 17.89
CA SER E 244 -1.30 33.33 16.82
C SER E 244 -1.87 34.64 17.36
N LEU E 245 -1.76 35.69 16.56
CA LEU E 245 -2.16 37.04 16.98
C LEU E 245 -3.57 37.33 16.50
N ALA E 246 -4.48 37.53 17.44
CA ALA E 246 -5.83 37.96 17.09
C ALA E 246 -5.79 39.41 16.63
N GLU E 247 -6.56 39.72 15.59
CA GLU E 247 -6.54 41.05 14.99
C GLU E 247 -7.54 41.95 15.71
N GLU E 248 -7.76 43.14 15.14
CA GLU E 248 -8.70 44.14 15.65
C GLU E 248 -8.38 44.52 17.10
N GLU E 249 -9.09 43.92 18.05
CA GLU E 249 -9.08 44.37 19.44
C GLU E 249 -8.67 43.23 20.36
N ILE E 250 -8.71 43.53 21.67
CA ILE E 250 -8.36 42.55 22.69
C ILE E 250 -9.50 41.55 22.85
N ILE E 251 -9.17 40.29 23.07
CA ILE E 251 -10.17 39.23 23.19
C ILE E 251 -10.08 38.63 24.59
N ILE E 252 -11.22 38.49 25.24
CA ILE E 252 -11.32 37.85 26.55
C ILE E 252 -12.25 36.66 26.43
N ARG E 253 -11.79 35.48 26.84
CA ARG E 253 -12.59 34.28 26.74
C ARG E 253 -12.54 33.49 28.04
N SER E 254 -13.63 32.80 28.33
CA SER E 254 -13.74 31.95 29.51
C SER E 254 -14.92 31.01 29.32
N GLU E 255 -15.06 30.07 30.24
CA GLU E 255 -16.15 29.10 30.18
C GLU E 255 -17.39 29.62 30.91
N ASN E 256 -17.25 29.92 32.20
CA ASN E 256 -18.34 30.47 33.01
C ASN E 256 -17.78 31.65 33.78
N LEU E 257 -17.99 32.86 33.24
CA LEU E 257 -17.33 34.04 33.79
C LEU E 257 -17.74 34.32 35.22
N THR E 258 -18.98 33.98 35.58
CA THR E 258 -19.44 34.21 36.95
C THR E 258 -18.62 33.41 37.95
N ASN E 259 -18.33 32.15 37.62
CA ASN E 259 -17.50 31.33 38.49
C ASN E 259 -16.07 31.86 38.53
N ASN E 260 -15.42 31.68 39.68
CA ASN E 260 -14.03 32.08 39.86
C ASN E 260 -13.09 30.89 39.85
N ALA E 261 -13.55 29.74 39.36
CA ALA E 261 -12.72 28.54 39.27
C ALA E 261 -12.37 28.20 37.82
N LYS E 262 -12.57 29.12 36.90
CA LYS E 262 -12.27 28.91 35.49
C LYS E 262 -11.25 29.94 35.04
N THR E 263 -10.16 29.48 34.42
CA THR E 263 -9.10 30.38 33.98
C THR E 263 -9.61 31.26 32.84
N ILE E 264 -9.21 32.53 32.88
CA ILE E 264 -9.58 33.51 31.87
C ILE E 264 -8.43 33.62 30.88
N ILE E 265 -8.74 33.48 29.58
CA ILE E 265 -7.75 33.53 28.52
C ILE E 265 -7.83 34.89 27.84
N VAL E 266 -6.69 35.57 27.77
CA VAL E 266 -6.59 36.90 27.20
C VAL E 266 -5.79 36.79 25.91
N HIS E 267 -6.45 37.07 24.78
CA HIS E 267 -5.82 37.08 23.47
C HIS E 267 -5.46 38.52 23.12
N LEU E 268 -4.16 38.76 22.90
CA LEU E 268 -3.62 40.09 22.70
C LEU E 268 -3.61 40.48 21.24
N LYS E 269 -3.80 41.77 20.98
CA LYS E 269 -3.77 42.26 19.61
C LYS E 269 -2.35 42.30 19.07
N GLU E 270 -1.40 42.80 19.85
CA GLU E 270 -0.05 43.01 19.35
C GLU E 270 0.96 42.23 20.19
N PRO E 271 2.03 41.74 19.57
CA PRO E 271 3.03 40.98 20.32
C PRO E 271 3.90 41.88 21.17
N VAL E 272 4.45 41.30 22.23
CA VAL E 272 5.42 41.95 23.10
C VAL E 272 6.66 41.07 23.15
N ASN E 273 7.81 41.64 22.80
CA ASN E 273 9.03 40.86 22.72
C ASN E 273 9.53 40.48 24.11
N ILE E 274 9.96 39.23 24.26
CA ILE E 274 10.63 38.74 25.46
C ILE E 274 11.99 38.20 25.03
N THR E 275 13.03 38.58 25.77
CA THR E 275 14.41 38.23 25.43
C THR E 275 15.12 37.78 26.69
N CYS E 276 15.39 36.49 26.84
CA CYS E 276 15.96 35.98 28.07
C CYS E 276 17.21 35.16 27.79
N GLU E 277 18.23 35.36 28.63
CA GLU E 277 19.57 34.86 28.40
C GLU E 277 20.16 34.38 29.72
N ARG E 278 20.93 33.29 29.65
CA ARG E 278 21.62 32.77 30.84
C ARG E 278 23.11 33.01 30.70
N PRO E 279 23.75 33.65 31.69
CA PRO E 279 25.20 33.90 31.64
C PRO E 279 26.01 32.69 32.10
N ALA E 308 21.01 34.70 35.50
CA ALA E 308 19.98 34.55 34.47
C ALA E 308 19.12 35.80 34.39
N HIS E 309 18.94 36.31 33.16
CA HIS E 309 18.17 37.52 32.93
C HIS E 309 17.04 37.23 31.94
N CYS E 310 15.98 38.02 32.03
CA CYS E 310 14.79 37.83 31.20
C CYS E 310 14.16 39.21 31.04
N ASN E 311 14.27 39.79 29.84
CA ASN E 311 14.05 41.20 29.63
C ASN E 311 12.80 41.45 28.79
N ILE E 312 12.09 42.51 29.14
CA ILE E 312 10.87 42.97 28.48
C ILE E 312 10.98 44.48 28.31
N SER E 313 10.29 45.00 27.29
CA SER E 313 10.16 46.44 27.10
C SER E 313 9.13 47.00 28.06
N ARG E 314 9.51 48.03 28.83
CA ARG E 314 8.65 48.56 29.88
C ARG E 314 7.44 49.28 29.29
N SER E 315 7.66 50.17 28.32
CA SER E 315 6.58 51.02 27.82
C SER E 315 5.51 50.20 27.11
N GLN E 316 5.92 49.30 26.22
CA GLN E 316 4.96 48.50 25.48
C GLN E 316 4.16 47.60 26.41
N TRP E 317 4.82 46.99 27.40
CA TRP E 317 4.11 46.14 28.33
C TRP E 317 3.14 46.94 29.19
N ASN E 318 3.53 48.15 29.58
CA ASN E 318 2.62 48.99 30.35
C ASN E 318 1.39 49.34 29.52
N LYS E 319 1.58 49.68 28.25
CA LYS E 319 0.43 49.97 27.39
C LYS E 319 -0.46 48.75 27.21
N THR E 320 0.16 47.57 27.05
CA THR E 320 -0.61 46.35 26.90
C THR E 320 -1.43 46.06 28.15
N LEU E 321 -0.83 46.24 29.33
CA LEU E 321 -1.59 46.05 30.56
C LEU E 321 -2.71 47.08 30.69
N GLN E 322 -2.48 48.30 30.24
CA GLN E 322 -3.54 49.31 30.26
C GLN E 322 -4.70 48.87 29.38
N GLY E 323 -4.41 48.34 28.20
CA GLY E 323 -5.47 47.83 27.33
C GLY E 323 -6.22 46.67 27.96
N VAL E 324 -5.48 45.73 28.56
CA VAL E 324 -6.13 44.60 29.22
C VAL E 324 -7.02 45.08 30.35
N GLY E 325 -6.53 46.04 31.13
CA GLY E 325 -7.32 46.56 32.24
C GLY E 325 -8.58 47.26 31.78
N GLU E 326 -8.48 48.07 30.72
CA GLU E 326 -9.67 48.76 30.25
C GLU E 326 -10.69 47.78 29.67
N LYS E 327 -10.21 46.74 28.96
CA LYS E 327 -11.13 45.73 28.45
C LYS E 327 -11.82 44.98 29.59
N LEU E 328 -11.05 44.61 30.62
CA LEU E 328 -11.62 43.89 31.74
C LEU E 328 -12.61 44.76 32.53
N ALA E 329 -12.32 46.06 32.64
CA ALA E 329 -13.27 46.96 33.27
C ALA E 329 -14.52 47.13 32.43
N GLU E 330 -14.39 47.06 31.11
CA GLU E 330 -15.57 47.03 30.26
C GLU E 330 -16.40 45.77 30.52
N LEU E 331 -15.72 44.63 30.69
CA LEU E 331 -16.44 43.38 30.94
C LEU E 331 -16.98 43.32 32.37
N PHE E 332 -16.26 43.89 33.34
CA PHE E 332 -16.70 43.86 34.73
C PHE E 332 -17.26 45.22 35.10
N PRO E 333 -18.57 45.36 35.27
CA PRO E 333 -19.13 46.69 35.61
C PRO E 333 -18.57 47.20 36.93
N ASN E 334 -18.07 48.44 36.91
CA ASN E 334 -17.40 49.06 38.05
C ASN E 334 -16.32 48.14 38.59
N LYS E 335 -16.21 48.08 39.92
CA LYS E 335 -15.36 47.11 40.62
C LYS E 335 -13.91 47.20 40.12
N THR E 336 -13.30 48.35 40.43
CA THR E 336 -11.92 48.65 40.08
C THR E 336 -11.01 47.44 40.25
N ILE E 337 -10.26 47.13 39.20
CA ILE E 337 -9.48 45.90 39.13
C ILE E 337 -8.09 46.13 39.69
N VAL E 338 -7.63 45.16 40.47
CA VAL E 338 -6.28 45.18 41.05
C VAL E 338 -5.57 43.90 40.65
N PHE E 339 -4.31 44.03 40.25
CA PHE E 339 -3.50 42.89 39.84
C PHE E 339 -2.55 42.52 40.97
N LYS E 340 -2.39 41.21 41.18
CA LYS E 340 -1.53 40.70 42.23
C LYS E 340 -0.75 39.48 41.72
N ASN E 341 0.31 39.14 42.45
CA ASN E 341 1.13 37.99 42.11
C ASN E 341 0.55 36.72 42.72
N SER E 342 1.22 35.60 42.47
CA SER E 342 0.82 34.34 43.08
C SER E 342 1.08 34.38 44.59
N SER E 343 0.28 33.61 45.33
CA SER E 343 0.22 33.77 46.78
C SER E 343 1.22 32.88 47.52
N GLY E 344 1.07 31.56 47.39
CA GLY E 344 1.85 30.67 48.23
C GLY E 344 2.26 29.35 47.63
N GLY E 345 2.27 29.25 46.31
CA GLY E 345 2.61 28.00 45.66
C GLY E 345 4.07 27.63 45.85
N ASP E 346 4.41 26.42 45.41
CA ASP E 346 5.80 25.96 45.47
C ASP E 346 6.63 26.70 44.43
N LEU E 347 7.92 26.36 44.39
CA LEU E 347 8.85 26.98 43.43
C LEU E 347 8.54 26.60 41.99
N GLU E 348 7.48 25.83 41.75
CA GLU E 348 7.09 25.40 40.42
C GLU E 348 5.85 26.09 39.89
N ILE E 349 4.89 26.41 40.76
CA ILE E 349 3.61 26.98 40.35
C ILE E 349 3.66 28.49 40.53
N THR E 350 4.45 28.95 41.50
CA THR E 350 4.54 30.37 41.78
C THR E 350 5.06 31.17 40.57
N THR E 351 6.08 30.66 39.91
CA THR E 351 6.78 31.39 38.88
C THR E 351 6.23 31.06 37.49
N HIS E 352 6.64 31.87 36.51
CA HIS E 352 6.31 31.62 35.11
C HIS E 352 7.30 30.60 34.57
N SER E 353 6.80 29.42 34.22
CA SER E 353 7.63 28.33 33.75
C SER E 353 7.49 28.21 32.24
N PHE E 354 8.62 28.19 31.54
CA PHE E 354 8.56 28.09 30.09
C PHE E 354 9.78 27.33 29.58
N ASN E 355 9.70 26.93 28.31
CA ASN E 355 10.67 26.07 27.67
C ASN E 355 11.24 26.73 26.43
N CYS E 356 12.55 26.66 26.29
CA CYS E 356 13.25 27.06 25.08
C CYS E 356 14.47 26.15 24.94
N ARG E 357 15.45 26.58 24.16
CA ARG E 357 16.64 25.76 23.90
C ARG E 357 17.20 25.15 25.18
N GLY E 358 17.14 23.83 25.27
CA GLY E 358 17.78 23.10 26.34
C GLY E 358 17.02 22.98 27.64
N GLU E 359 16.98 24.05 28.42
CA GLU E 359 16.61 23.98 29.82
C GLU E 359 15.20 24.55 30.05
N PHE E 360 14.75 24.44 31.29
CA PHE E 360 13.47 24.96 31.74
C PHE E 360 13.71 26.24 32.55
N PHE E 361 12.94 27.28 32.27
CA PHE E 361 13.11 28.56 32.94
C PHE E 361 11.92 28.78 33.87
N TYR E 362 12.21 28.94 35.17
CA TYR E 362 11.21 29.27 36.18
C TYR E 362 11.51 30.70 36.62
N CYS E 363 10.61 31.63 36.32
CA CYS E 363 10.94 33.04 36.48
C CYS E 363 9.95 33.77 37.37
N ASN E 364 10.50 34.44 38.39
CA ASN E 364 9.77 35.22 39.38
C ASN E 364 9.19 36.46 38.73
N THR E 365 7.87 36.49 38.55
CA THR E 365 7.21 37.54 37.80
C THR E 365 6.63 38.64 38.68
N THR E 366 6.76 38.51 40.00
CA THR E 366 6.03 39.43 40.88
C THR E 366 6.53 40.87 40.76
N ASP E 367 7.71 41.07 40.16
CA ASP E 367 8.23 42.40 39.96
C ASP E 367 7.53 43.16 38.84
N LEU E 368 6.73 42.49 38.02
CA LEU E 368 6.00 43.14 36.94
C LEU E 368 4.49 43.13 37.17
N PHE E 369 4.06 43.24 38.42
CA PHE E 369 2.65 43.22 38.76
C PHE E 369 2.40 44.19 39.90
N ASN E 370 1.27 44.00 40.59
CA ASN E 370 0.82 44.85 41.70
C ASN E 370 0.40 46.24 41.22
N SER E 371 -0.20 46.29 40.02
CA SER E 371 -0.74 47.53 39.50
C SER E 371 -2.21 47.67 39.92
N THR E 372 -2.85 48.76 39.47
CA THR E 372 -4.23 49.02 39.83
C THR E 372 -4.93 49.69 38.66
N TYR E 373 -6.25 49.50 38.59
CA TYR E 373 -7.09 50.12 37.57
C TYR E 373 -8.38 50.57 38.25
N TRP E 374 -8.47 51.86 38.57
CA TRP E 374 -9.68 52.38 39.19
C TRP E 374 -10.78 52.55 38.16
N SER E 375 -11.91 53.11 38.60
CA SER E 375 -13.12 53.09 37.79
C SER E 375 -12.98 53.89 36.50
N ASN E 376 -12.55 55.15 36.61
CA ASN E 376 -12.70 56.05 35.47
C ASN E 376 -11.55 55.92 34.46
N GLY E 377 -10.35 56.38 34.83
CA GLY E 377 -9.24 56.38 33.89
C GLY E 377 -7.85 56.26 34.47
N THR E 378 -7.75 55.93 35.75
CA THR E 378 -6.54 56.22 36.53
C THR E 378 -5.65 55.00 36.73
N TYR E 379 -5.48 54.17 35.71
CA TYR E 379 -4.52 53.08 35.80
C TYR E 379 -3.11 53.62 35.97
N ILE E 380 -2.54 53.47 37.16
CA ILE E 380 -1.19 53.92 37.46
C ILE E 380 -0.44 52.79 38.17
N THR E 381 0.80 52.58 37.76
CA THR E 381 1.64 51.55 38.36
C THR E 381 2.44 52.17 39.52
N GLN E 382 3.41 51.42 40.03
CA GLN E 382 4.26 51.92 41.10
C GLN E 382 5.61 52.38 40.56
N SER E 386 12.16 53.98 35.69
CA SER E 386 13.58 53.68 35.65
C SER E 386 14.07 53.55 34.21
N SER E 387 14.35 52.32 33.80
CA SER E 387 14.81 52.03 32.44
C SER E 387 13.78 51.18 31.72
N ILE E 388 13.76 51.31 30.39
CA ILE E 388 12.78 50.57 29.59
C ILE E 388 13.04 49.07 29.62
N ASN E 389 14.23 48.64 29.99
CA ASN E 389 14.50 47.22 30.21
C ASN E 389 13.92 46.83 31.57
N ILE E 390 13.00 45.88 31.59
CA ILE E 390 12.56 45.27 32.84
C ILE E 390 13.04 43.83 32.85
N THR E 391 13.80 43.48 33.89
CA THR E 391 14.53 42.22 33.95
C THR E 391 13.93 41.31 35.01
N LEU E 392 13.92 40.01 34.72
CA LEU E 392 13.40 39.01 35.66
C LEU E 392 14.55 38.15 36.18
N PRO E 393 14.94 38.27 37.45
CA PRO E 393 15.95 37.37 38.00
C PRO E 393 15.31 36.03 38.33
N CYS E 394 15.81 34.95 37.73
CA CYS E 394 15.08 33.70 37.78
C CYS E 394 16.01 32.52 37.54
N ARG E 395 15.45 31.31 37.67
CA ARG E 395 16.25 30.10 37.85
C ARG E 395 16.02 29.11 36.71
N ILE E 396 16.95 28.15 36.65
CA ILE E 396 17.01 27.15 35.59
C ILE E 396 16.82 25.77 36.22
N LYS E 397 15.99 24.95 35.59
CA LYS E 397 15.78 23.59 36.04
C LYS E 397 15.81 22.65 34.85
N GLN E 398 16.30 21.43 35.08
CA GLN E 398 16.39 20.42 34.03
C GLN E 398 15.32 19.36 34.21
N GLY E 417 26.81 27.41 27.29
CA GLY E 417 25.84 28.42 27.67
C GLY E 417 25.82 29.60 26.72
N GLN E 418 25.50 30.78 27.28
CA GLN E 418 25.42 32.03 26.51
C GLN E 418 24.49 31.89 25.32
N ILE E 419 23.26 31.45 25.60
CA ILE E 419 22.25 31.26 24.57
C ILE E 419 21.10 32.24 24.84
N THR E 420 20.37 32.58 23.77
CA THR E 420 19.24 33.47 23.87
C THR E 420 18.08 32.91 23.07
N CYS E 421 16.91 32.83 23.70
CA CYS E 421 15.69 32.40 23.04
C CYS E 421 14.69 33.54 23.09
N ILE E 422 14.45 34.16 21.95
CA ILE E 422 13.51 35.28 21.82
C ILE E 422 12.11 34.70 21.65
N SER E 423 11.11 35.47 22.07
CA SER E 423 9.74 35.00 21.86
C SER E 423 8.78 36.18 21.96
N ASN E 424 7.50 35.88 21.70
CA ASN E 424 6.41 36.86 21.79
C ASN E 424 5.50 36.50 22.94
N ILE E 425 4.92 37.51 23.57
CA ILE E 425 3.89 37.32 24.58
C ILE E 425 2.57 37.70 23.93
N THR E 426 1.77 36.70 23.57
CA THR E 426 0.53 36.91 22.83
C THR E 426 -0.71 36.51 23.61
N GLY E 427 -0.57 35.96 24.80
CA GLY E 427 -1.72 35.52 25.56
C GLY E 427 -1.45 35.51 27.04
N LEU E 428 -2.50 35.75 27.81
CA LEU E 428 -2.43 35.76 29.26
C LEU E 428 -3.40 34.74 29.84
N LEU E 429 -3.02 34.13 30.95
CA LEU E 429 -3.85 33.15 31.66
C LEU E 429 -4.11 33.69 33.06
N LEU E 430 -5.18 34.44 33.22
CA LEU E 430 -5.49 35.05 34.50
C LEU E 430 -6.50 34.18 35.27
N LEU E 431 -6.68 34.52 36.54
CA LEU E 431 -7.61 33.82 37.40
C LEU E 431 -8.14 34.79 38.44
N ARG E 432 -9.46 34.77 38.66
CA ARG E 432 -10.11 35.72 39.54
C ARG E 432 -10.10 35.19 40.97
N ASP E 433 -9.53 35.97 41.88
CA ASP E 433 -9.46 35.57 43.28
C ASP E 433 -10.86 35.55 43.89
N GLY E 434 -11.11 34.54 44.72
CA GLY E 434 -12.37 34.44 45.42
C GLY E 434 -12.40 35.32 46.66
N GLY E 435 -12.54 36.63 46.44
CA GLY E 435 -12.53 37.57 47.56
C GLY E 435 -13.73 37.45 48.47
N LYS E 436 -14.81 36.82 48.00
CA LYS E 436 -16.01 36.59 48.80
C LYS E 436 -16.68 37.90 49.18
N GLU E 437 -16.00 38.72 49.98
CA GLU E 437 -16.52 40.03 50.32
C GLU E 437 -16.59 40.92 49.08
N ALA E 438 -17.60 41.78 49.02
CA ALA E 438 -17.86 42.55 47.82
C ALA E 438 -16.83 43.68 47.64
N ASN E 439 -16.83 44.64 48.57
CA ASN E 439 -16.02 45.85 48.47
C ASN E 439 -16.27 46.50 47.12
N GLY E 440 -15.22 46.97 46.45
CA GLY E 440 -15.34 47.54 45.12
C GLY E 440 -14.16 47.16 44.25
N THR E 441 -13.54 46.02 44.55
CA THR E 441 -12.34 45.59 43.86
C THR E 441 -12.45 44.12 43.49
N GLU E 442 -11.88 43.79 42.33
CA GLU E 442 -11.72 42.41 41.88
C GLU E 442 -10.23 42.15 41.69
N ILE E 443 -9.70 41.18 42.41
CA ILE E 443 -8.28 40.86 42.41
C ILE E 443 -8.05 39.72 41.43
N PHE E 444 -7.12 39.92 40.50
CA PHE E 444 -6.76 38.92 39.50
C PHE E 444 -5.31 38.52 39.70
N ARG E 445 -5.05 37.22 39.61
CA ARG E 445 -3.69 36.70 39.71
C ARG E 445 -3.46 35.75 38.56
N PRO E 446 -2.29 35.78 37.94
CA PRO E 446 -2.01 34.80 36.88
C PRO E 446 -2.02 33.40 37.46
N GLY E 447 -2.58 32.46 36.70
CA GLY E 447 -2.78 31.10 37.16
C GLY E 447 -2.18 30.09 36.20
N GLY E 448 -2.90 28.98 36.05
CA GLY E 448 -2.43 27.89 35.23
C GLY E 448 -3.28 26.66 35.40
N GLY E 449 -2.66 25.53 35.71
CA GLY E 449 -3.39 24.30 35.94
C GLY E 449 -3.63 23.51 34.67
N ASP E 450 -4.57 23.96 33.85
CA ASP E 450 -4.82 23.29 32.59
C ASP E 450 -3.75 23.65 31.56
N MET E 451 -3.44 22.70 30.68
CA MET E 451 -2.62 23.02 29.52
C MET E 451 -3.37 22.80 28.21
N ARG E 452 -4.67 22.54 28.28
CA ARG E 452 -5.50 22.53 27.08
C ARG E 452 -5.81 23.93 26.60
N ASP E 453 -5.62 24.95 27.45
CA ASP E 453 -5.84 26.33 27.02
C ASP E 453 -4.75 26.80 26.07
N ASN E 454 -3.56 26.20 26.15
CA ASN E 454 -2.50 26.54 25.21
C ASN E 454 -2.89 26.23 23.77
N TRP E 455 -3.82 25.30 23.56
CA TRP E 455 -4.30 24.98 22.23
C TRP E 455 -5.59 25.70 21.87
N ARG E 456 -6.42 26.00 22.87
CA ARG E 456 -7.74 26.56 22.60
C ARG E 456 -7.70 27.97 22.02
N SER E 457 -6.54 28.62 22.03
CA SER E 457 -6.47 29.97 21.50
C SER E 457 -6.51 29.99 19.98
N GLU E 458 -6.04 28.93 19.33
CA GLU E 458 -6.07 28.85 17.87
C GLU E 458 -7.04 27.78 17.36
N LEU E 459 -7.88 27.23 18.23
CA LEU E 459 -8.84 26.21 17.83
C LEU E 459 -10.25 26.61 18.23
N TYR E 460 -10.51 27.91 18.33
CA TYR E 460 -11.81 28.41 18.74
C TYR E 460 -12.74 28.68 17.57
N LYS E 461 -12.31 28.39 16.35
CA LYS E 461 -13.13 28.66 15.18
C LYS E 461 -13.35 27.45 14.29
N TYR E 462 -12.81 26.28 14.64
CA TYR E 462 -12.93 25.09 13.83
C TYR E 462 -13.88 24.11 14.48
N LYS E 463 -14.85 23.62 13.71
CA LYS E 463 -15.72 22.54 14.13
C LYS E 463 -15.86 21.56 12.97
N VAL E 464 -16.17 20.31 13.29
CA VAL E 464 -16.24 19.23 12.32
C VAL E 464 -17.70 18.89 12.05
N VAL E 465 -18.07 18.81 10.78
CA VAL E 465 -19.45 18.55 10.37
C VAL E 465 -19.50 17.35 9.45
N GLU E 466 -20.59 16.60 9.54
CA GLU E 466 -20.80 15.38 8.78
C GLU E 466 -21.81 15.64 7.67
N ILE E 467 -21.43 15.28 6.44
CA ILE E 467 -22.31 15.47 5.29
C ILE E 467 -23.40 14.41 5.30
N LYS E 468 -24.63 14.83 5.03
CA LYS E 468 -25.78 13.95 4.88
C LYS E 468 -26.44 14.24 3.54
N PRO E 469 -25.89 13.70 2.46
CA PRO E 469 -26.34 14.12 1.12
C PRO E 469 -27.81 13.90 0.85
N LEU E 470 -28.40 12.82 1.36
CA LEU E 470 -29.78 12.50 1.05
C LEU E 470 -30.74 13.52 1.67
N GLY E 471 -31.83 13.79 0.97
CA GLY E 471 -32.87 14.64 1.51
C GLY E 471 -34.21 14.32 0.87
N VAL E 472 -35.27 14.76 1.53
CA VAL E 472 -36.63 14.54 1.06
C VAL E 472 -37.36 15.87 1.02
N ALA E 473 -38.24 16.04 0.03
CA ALA E 473 -39.01 17.28 -0.05
C ALA E 473 -40.28 17.05 -0.82
N PRO E 474 -41.40 17.68 -0.45
CA PRO E 474 -42.65 17.48 -1.18
C PRO E 474 -42.77 18.39 -2.39
N THR E 475 -43.46 17.89 -3.40
CA THR E 475 -43.67 18.64 -4.64
C THR E 475 -44.82 18.00 -5.41
N LYS E 476 -45.14 18.59 -6.56
CA LYS E 476 -46.21 18.09 -7.43
C LYS E 476 -45.62 17.21 -8.52
N CYS E 477 -45.07 16.08 -8.09
CA CYS E 477 -44.40 15.14 -8.96
C CYS E 477 -45.33 14.05 -9.49
N ARG E 478 -46.61 14.09 -9.11
CA ARG E 478 -47.61 13.08 -9.49
C ARG E 478 -47.11 11.65 -9.26
N GLY F 3 -10.04 12.34 -6.20
CA GLY F 3 -10.74 12.09 -7.46
C GLY F 3 -12.23 11.92 -7.29
N ILE F 4 -12.63 11.23 -6.23
CA ILE F 4 -14.04 10.98 -5.93
C ILE F 4 -14.44 11.62 -4.61
N GLY F 5 -13.59 11.55 -3.59
CA GLY F 5 -13.95 12.08 -2.28
C GLY F 5 -14.18 13.57 -2.28
N ALA F 6 -13.43 14.29 -3.12
CA ALA F 6 -13.54 15.75 -3.15
C ALA F 6 -14.95 16.21 -3.47
N VAL F 7 -15.74 15.36 -4.15
CA VAL F 7 -17.13 15.68 -4.43
C VAL F 7 -17.86 15.99 -3.14
N PHE F 8 -17.69 15.15 -2.12
CA PHE F 8 -18.35 15.35 -0.84
C PHE F 8 -17.98 16.68 -0.20
N LEU F 9 -16.84 17.27 -0.59
CA LEU F 9 -16.49 18.60 -0.11
C LEU F 9 -17.04 19.69 -1.01
N GLY F 10 -17.10 19.45 -2.32
CA GLY F 10 -17.78 20.39 -3.19
C GLY F 10 -19.28 20.34 -3.09
N PHE F 11 -19.79 19.45 -2.24
CA PHE F 11 -21.22 19.25 -2.08
C PHE F 11 -21.90 20.47 -1.47
N LEU F 12 -21.12 21.37 -0.86
CA LEU F 12 -21.63 22.45 -0.02
C LEU F 12 -21.58 23.81 -0.71
N GLY F 13 -21.41 23.84 -2.03
CA GLY F 13 -21.26 25.11 -2.71
C GLY F 13 -22.48 26.00 -2.61
N ALA F 14 -23.66 25.42 -2.78
CA ALA F 14 -24.92 26.17 -2.78
C ALA F 14 -25.64 26.08 -1.44
N ALA F 15 -24.88 26.04 -0.33
CA ALA F 15 -25.49 25.92 0.98
C ALA F 15 -26.31 27.15 1.36
N GLY F 16 -26.00 28.31 0.79
CA GLY F 16 -26.68 29.53 1.17
C GLY F 16 -27.92 29.82 0.35
N SER F 17 -27.95 29.34 -0.90
CA SER F 17 -29.07 29.64 -1.78
C SER F 17 -30.33 28.91 -1.30
N THR F 18 -31.47 29.41 -1.77
CA THR F 18 -32.74 28.76 -1.46
C THR F 18 -32.87 27.46 -2.24
N MET F 19 -34.01 26.79 -2.05
CA MET F 19 -34.24 25.53 -2.77
C MET F 19 -34.36 25.75 -4.27
N GLY F 20 -34.97 26.87 -4.68
CA GLY F 20 -35.16 27.11 -6.10
C GLY F 20 -33.84 27.18 -6.86
N ALA F 21 -32.84 27.85 -6.28
CA ALA F 21 -31.54 27.97 -6.91
C ALA F 21 -30.60 26.81 -6.58
N ALA F 22 -30.99 25.94 -5.65
CA ALA F 22 -30.15 24.78 -5.33
C ALA F 22 -30.56 23.54 -6.11
N SER F 23 -31.84 23.39 -6.43
CA SER F 23 -32.31 22.24 -7.20
C SER F 23 -31.93 22.33 -8.66
N ILE F 24 -31.80 23.54 -9.20
CA ILE F 24 -31.49 23.69 -10.62
C ILE F 24 -30.06 23.28 -10.92
N THR F 25 -29.12 23.66 -10.05
CA THR F 25 -27.70 23.44 -10.30
C THR F 25 -27.22 22.06 -9.88
N LEU F 26 -28.12 21.20 -9.39
CA LEU F 26 -27.70 19.93 -8.79
C LEU F 26 -27.02 19.03 -9.82
N THR F 27 -27.60 18.94 -11.02
CA THR F 27 -27.06 18.04 -12.04
C THR F 27 -25.65 18.44 -12.43
N VAL F 28 -25.45 19.71 -12.77
CA VAL F 28 -24.13 20.18 -13.16
C VAL F 28 -23.16 20.08 -11.99
N GLN F 29 -23.64 20.33 -10.76
CA GLN F 29 -22.78 20.21 -9.60
C GLN F 29 -22.24 18.80 -9.47
N ALA F 30 -23.12 17.81 -9.48
CA ALA F 30 -22.68 16.43 -9.26
C ALA F 30 -21.81 15.95 -10.42
N ARG F 31 -22.24 16.22 -11.65
CA ARG F 31 -21.52 15.71 -12.82
C ARG F 31 -20.13 16.34 -12.92
N GLN F 32 -20.03 17.66 -12.77
CA GLN F 32 -18.72 18.30 -12.84
C GLN F 32 -17.87 17.99 -11.63
N LEU F 33 -18.50 17.67 -10.50
CA LEU F 33 -17.72 17.30 -9.32
C LEU F 33 -17.07 15.94 -9.49
N LEU F 34 -17.82 14.94 -9.94
CA LEU F 34 -17.23 13.60 -10.07
C LEU F 34 -16.28 13.53 -11.26
N SER F 35 -16.49 14.35 -12.29
CA SER F 35 -15.59 14.35 -13.42
C SER F 35 -14.36 15.20 -13.14
N GLY F 36 -13.71 14.95 -12.00
CA GLY F 36 -12.48 15.63 -11.65
C GLY F 36 -11.26 14.88 -12.12
N ILE F 37 -11.02 14.88 -13.43
CA ILE F 37 -9.92 14.11 -14.00
C ILE F 37 -8.60 14.68 -13.50
N VAL F 38 -7.80 13.81 -12.87
CA VAL F 38 -6.51 14.21 -12.30
C VAL F 38 -5.71 12.93 -12.05
N GLN F 39 -4.40 13.10 -11.89
CA GLN F 39 -3.50 11.97 -11.63
C GLN F 39 -3.99 11.10 -10.47
N ALA F 50 18.08 8.79 1.29
CA ALA F 50 18.53 7.41 1.15
C ALA F 50 17.34 6.47 0.99
N GLN F 51 17.59 5.16 1.18
CA GLN F 51 16.52 4.18 1.07
C GLN F 51 15.48 4.34 2.18
N GLN F 52 15.86 4.94 3.31
CA GLN F 52 14.88 5.24 4.35
C GLN F 52 13.84 6.24 3.84
N HIS F 53 14.30 7.24 3.07
CA HIS F 53 13.36 8.16 2.45
C HIS F 53 12.55 7.47 1.36
N LEU F 54 13.14 6.49 0.68
CA LEU F 54 12.40 5.75 -0.35
C LEU F 54 11.29 4.91 0.27
N LEU F 55 11.52 4.38 1.47
CA LEU F 55 10.49 3.61 2.15
C LEU F 55 9.25 4.47 2.43
N GLN F 56 9.45 5.78 2.61
CA GLN F 56 8.39 6.67 3.06
C GLN F 56 7.31 6.85 1.99
N LEU F 57 7.60 6.53 0.74
CA LEU F 57 6.60 6.65 -0.32
C LEU F 57 5.42 5.70 -0.06
N THR F 58 5.70 4.51 0.47
CA THR F 58 4.64 3.54 0.72
C THR F 58 3.65 4.05 1.77
N VAL F 59 4.17 4.59 2.87
CA VAL F 59 3.29 5.16 3.89
C VAL F 59 2.66 6.46 3.42
N TRP F 60 3.28 7.15 2.44
CA TRP F 60 2.59 8.25 1.77
C TRP F 60 1.33 7.74 1.09
N GLY F 61 1.47 6.70 0.27
CA GLY F 61 0.38 6.26 -0.58
C GLY F 61 -0.69 5.45 0.12
N ILE F 62 -0.35 4.79 1.22
CA ILE F 62 -1.33 3.95 1.92
C ILE F 62 -2.49 4.79 2.41
N LYS F 63 -2.19 5.95 3.01
CA LYS F 63 -3.25 6.79 3.56
C LYS F 63 -4.17 7.30 2.46
N GLN F 64 -3.60 7.75 1.34
CA GLN F 64 -4.40 8.22 0.22
C GLN F 64 -5.27 7.11 -0.35
N LEU F 65 -4.72 5.91 -0.47
CA LEU F 65 -5.51 4.78 -0.95
C LEU F 65 -6.66 4.47 0.00
N GLN F 66 -6.39 4.53 1.31
CA GLN F 66 -7.46 4.29 2.28
C GLN F 66 -8.55 5.34 2.16
N THR F 67 -8.18 6.60 1.96
CA THR F 67 -9.18 7.65 1.79
C THR F 67 -10.03 7.41 0.55
N ARG F 68 -9.39 7.05 -0.56
CA ARG F 68 -10.14 6.82 -1.80
C ARG F 68 -11.09 5.63 -1.64
N VAL F 69 -10.61 4.56 -1.01
CA VAL F 69 -11.47 3.40 -0.79
C VAL F 69 -12.64 3.75 0.13
N LEU F 70 -12.39 4.56 1.16
CA LEU F 70 -13.47 4.97 2.04
C LEU F 70 -14.53 5.75 1.28
N ALA F 71 -14.10 6.67 0.42
CA ALA F 71 -15.06 7.41 -0.40
C ALA F 71 -15.85 6.47 -1.31
N ILE F 72 -15.18 5.48 -1.88
CA ILE F 72 -15.86 4.56 -2.78
C ILE F 72 -16.94 3.77 -2.04
N GLU F 73 -16.61 3.25 -0.84
CA GLU F 73 -17.62 2.49 -0.13
C GLU F 73 -18.76 3.38 0.38
N ARG F 74 -18.47 4.63 0.74
CA ARG F 74 -19.56 5.54 1.08
C ARG F 74 -20.50 5.73 -0.11
N TYR F 75 -19.94 5.94 -1.30
CA TYR F 75 -20.76 6.10 -2.49
C TYR F 75 -21.60 4.85 -2.73
N LEU F 76 -20.99 3.67 -2.62
CA LEU F 76 -21.74 2.44 -2.87
C LEU F 76 -22.85 2.24 -1.87
N LYS F 77 -22.59 2.51 -0.59
CA LYS F 77 -23.62 2.39 0.43
C LYS F 77 -24.79 3.31 0.15
N ASP F 78 -24.50 4.57 -0.16
CA ASP F 78 -25.59 5.51 -0.39
C ASP F 78 -26.37 5.15 -1.66
N GLN F 79 -25.68 4.66 -2.69
CA GLN F 79 -26.38 4.27 -3.91
C GLN F 79 -27.27 3.06 -3.66
N GLN F 80 -26.83 2.11 -2.85
CA GLN F 80 -27.72 1.00 -2.50
C GLN F 80 -28.93 1.53 -1.74
N LEU F 81 -28.72 2.46 -0.81
CA LEU F 81 -29.85 3.00 -0.06
C LEU F 81 -30.85 3.68 -0.99
N LEU F 82 -30.36 4.42 -1.98
CA LEU F 82 -31.25 4.99 -2.97
C LEU F 82 -31.98 3.92 -3.75
N GLY F 83 -31.26 2.86 -4.14
CA GLY F 83 -31.85 1.82 -4.96
C GLY F 83 -32.91 1.00 -4.25
N ILE F 84 -32.85 0.93 -2.92
CA ILE F 84 -33.88 0.20 -2.18
C ILE F 84 -35.26 0.82 -2.44
N TRP F 85 -35.31 2.15 -2.51
CA TRP F 85 -36.56 2.84 -2.86
C TRP F 85 -36.75 2.78 -4.37
N GLY F 86 -37.69 3.56 -4.88
CA GLY F 86 -37.96 3.58 -6.31
C GLY F 86 -37.05 4.50 -7.10
N CYS F 87 -35.77 4.56 -6.73
CA CYS F 87 -34.80 5.42 -7.41
C CYS F 87 -33.53 4.63 -7.60
N SER F 88 -33.27 4.20 -8.84
CA SER F 88 -32.12 3.35 -9.11
C SER F 88 -30.81 4.13 -8.99
N GLY F 89 -30.62 5.13 -9.84
CA GLY F 89 -29.41 5.92 -9.80
C GLY F 89 -29.67 7.39 -10.09
N LYS F 90 -30.94 7.74 -10.28
CA LYS F 90 -31.31 9.10 -10.63
C LYS F 90 -31.07 10.05 -9.46
N LEU F 91 -30.96 11.34 -9.77
CA LEU F 91 -30.75 12.36 -8.75
C LEU F 91 -32.06 12.94 -8.27
N ILE F 92 -32.82 13.56 -9.17
CA ILE F 92 -34.13 14.12 -8.84
C ILE F 92 -35.14 13.02 -9.10
N CYS F 93 -35.34 12.15 -8.10
CA CYS F 93 -36.20 11.00 -8.25
C CYS F 93 -37.64 11.35 -7.86
N CYS F 94 -38.55 10.43 -8.14
CA CYS F 94 -39.96 10.59 -7.83
C CYS F 94 -40.48 9.35 -7.14
N THR F 95 -41.42 9.56 -6.21
CA THR F 95 -42.01 8.46 -5.45
C THR F 95 -43.50 8.74 -5.29
N ALA F 96 -44.26 7.66 -5.08
CA ALA F 96 -45.72 7.73 -5.08
C ALA F 96 -46.32 7.78 -3.67
N VAL F 97 -45.51 8.07 -2.67
CA VAL F 97 -46.02 8.18 -1.29
C VAL F 97 -46.70 9.55 -1.13
N PRO F 98 -47.96 9.59 -0.70
CA PRO F 98 -48.62 10.88 -0.48
C PRO F 98 -47.98 11.65 0.66
N TRP F 99 -48.07 12.98 0.57
CA TRP F 99 -47.51 13.89 1.57
C TRP F 99 -48.66 14.41 2.42
N ASN F 100 -48.81 13.87 3.62
CA ASN F 100 -49.86 14.32 4.53
C ASN F 100 -49.48 15.66 5.15
N SER F 101 -50.51 16.40 5.56
CA SER F 101 -50.28 17.73 6.13
C SER F 101 -49.70 17.67 7.52
N SER F 102 -49.76 16.53 8.19
CA SER F 102 -49.27 16.44 9.57
C SER F 102 -47.76 16.69 9.63
N TRP F 103 -47.01 16.19 8.66
CA TRP F 103 -45.56 16.39 8.66
C TRP F 103 -45.21 17.87 8.58
N SER F 104 -45.89 18.61 7.69
CA SER F 104 -45.71 20.05 7.58
C SER F 104 -46.85 20.66 6.77
N ASN F 105 -47.50 21.69 7.31
CA ASN F 105 -48.61 22.35 6.64
C ASN F 105 -48.20 23.58 5.87
N LYS F 106 -46.91 23.90 5.82
CA LYS F 106 -46.45 25.10 5.12
C LYS F 106 -46.69 24.95 3.61
N SER F 107 -47.05 26.05 2.97
CA SER F 107 -47.39 26.01 1.56
C SER F 107 -46.13 25.78 0.72
N GLN F 108 -46.36 25.35 -0.53
CA GLN F 108 -45.25 25.00 -1.40
C GLN F 108 -44.37 26.21 -1.72
N THR F 109 -45.00 27.35 -2.03
CA THR F 109 -44.23 28.47 -2.55
C THR F 109 -43.26 29.02 -1.51
N GLU F 110 -43.68 29.13 -0.25
CA GLU F 110 -42.81 29.74 0.75
C GLU F 110 -41.55 28.89 0.95
N ILE F 111 -41.72 27.58 1.06
CA ILE F 111 -40.55 26.71 1.22
C ILE F 111 -39.71 26.70 -0.05
N TRP F 112 -40.34 26.90 -1.22
CA TRP F 112 -39.60 26.74 -2.45
C TRP F 112 -38.91 28.00 -2.95
N ASN F 113 -39.16 29.18 -2.37
CA ASN F 113 -38.25 30.28 -2.67
C ASN F 113 -37.76 31.06 -1.45
N ASN F 114 -38.10 30.64 -0.24
CA ASN F 114 -37.73 31.40 0.94
C ASN F 114 -36.95 30.61 1.98
N MET F 115 -37.02 29.28 1.97
CA MET F 115 -36.39 28.45 3.00
C MET F 115 -35.22 27.69 2.41
N THR F 116 -34.06 27.83 3.04
CA THR F 116 -32.90 27.04 2.63
C THR F 116 -33.10 25.58 3.03
N TRP F 117 -32.24 24.73 2.49
CA TRP F 117 -32.40 23.29 2.71
C TRP F 117 -32.22 22.93 4.18
N MET F 118 -31.22 23.53 4.84
CA MET F 118 -30.91 23.19 6.22
C MET F 118 -32.02 23.61 7.17
N GLN F 119 -32.67 24.75 6.89
CA GLN F 119 -33.81 25.15 7.71
C GLN F 119 -34.92 24.12 7.60
N TRP F 120 -35.14 23.59 6.41
CA TRP F 120 -36.11 22.51 6.23
C TRP F 120 -35.67 21.27 6.99
N ASP F 121 -34.39 20.95 6.96
CA ASP F 121 -33.87 19.79 7.69
C ASP F 121 -34.18 19.93 9.17
N ARG F 122 -33.87 21.10 9.74
CA ARG F 122 -34.12 21.33 11.15
C ARG F 122 -35.61 21.27 11.47
N GLU F 123 -36.46 21.78 10.58
CA GLU F 123 -37.89 21.71 10.81
C GLU F 123 -38.39 20.27 10.80
N ILE F 124 -37.89 19.44 9.87
CA ILE F 124 -38.46 18.13 9.62
C ILE F 124 -37.63 17.01 10.24
N ASN F 125 -36.58 17.33 10.99
CA ASN F 125 -35.65 16.31 11.47
C ASN F 125 -36.31 15.28 12.37
N ASN F 126 -37.46 15.59 12.96
CA ASN F 126 -38.11 14.66 13.87
C ASN F 126 -38.88 13.57 13.13
N TYR F 127 -39.24 13.78 11.86
CA TYR F 127 -40.14 12.88 11.15
C TYR F 127 -39.45 12.09 10.05
N THR F 128 -38.12 12.11 9.98
CA THR F 128 -37.45 11.54 8.81
C THR F 128 -37.52 10.01 8.79
N ASP F 129 -37.50 9.36 9.95
CA ASP F 129 -37.48 7.90 9.96
C ASP F 129 -38.81 7.32 9.52
N ILE F 130 -39.91 7.95 9.92
CA ILE F 130 -41.22 7.51 9.44
C ILE F 130 -41.29 7.65 7.93
N ILE F 131 -40.72 8.72 7.39
CA ILE F 131 -40.72 8.93 5.94
C ILE F 131 -39.93 7.81 5.26
N TYR F 132 -38.74 7.48 5.80
CA TYR F 132 -37.94 6.43 5.21
C TYR F 132 -38.68 5.09 5.21
N ARG F 133 -39.26 4.72 6.36
CA ARG F 133 -39.97 3.46 6.44
C ARG F 133 -41.17 3.44 5.49
N LEU F 134 -41.91 4.54 5.42
CA LEU F 134 -43.07 4.60 4.54
C LEU F 134 -42.66 4.45 3.08
N LEU F 135 -41.58 5.13 2.68
CA LEU F 135 -41.08 5.00 1.32
C LEU F 135 -40.74 3.56 0.99
N GLU F 136 -39.95 2.92 1.86
CA GLU F 136 -39.50 1.56 1.58
C GLU F 136 -40.69 0.59 1.52
N GLU F 137 -41.61 0.69 2.48
CA GLU F 137 -42.72 -0.25 2.51
C GLU F 137 -43.69 -0.02 1.36
N SER F 138 -43.90 1.24 0.95
CA SER F 138 -44.77 1.50 -0.19
C SER F 138 -44.14 0.98 -1.48
N GLN F 139 -42.82 1.14 -1.63
CA GLN F 139 -42.15 0.56 -2.80
C GLN F 139 -42.29 -0.95 -2.81
N ASN F 140 -42.10 -1.59 -1.66
CA ASN F 140 -42.23 -3.05 -1.59
C ASN F 140 -43.66 -3.49 -1.93
N GLN F 141 -44.66 -2.78 -1.40
CA GLN F 141 -46.04 -3.13 -1.70
C GLN F 141 -46.36 -2.94 -3.18
N GLN F 142 -45.86 -1.85 -3.78
CA GLN F 142 -46.10 -1.62 -5.20
C GLN F 142 -45.46 -2.70 -6.04
N GLU F 143 -44.26 -3.16 -5.66
CA GLU F 143 -43.62 -4.24 -6.40
C GLU F 143 -44.44 -5.51 -6.33
N ASN F 144 -45.01 -5.82 -5.17
CA ASN F 144 -45.85 -7.00 -5.01
C ASN F 144 -47.26 -6.74 -5.50
N GLN G 1 -6.07 -1.15 29.99
CA GLN G 1 -4.84 -0.83 29.30
C GLN G 1 -3.73 -0.56 30.31
N VAL G 2 -3.80 0.61 30.95
CA VAL G 2 -2.83 0.96 31.98
C VAL G 2 -3.26 0.31 33.30
N GLN G 3 -2.37 -0.48 33.89
CA GLN G 3 -2.70 -1.18 35.12
C GLN G 3 -1.46 -1.38 35.96
N LEU G 4 -1.63 -1.32 37.28
CA LEU G 4 -0.58 -1.61 38.24
C LEU G 4 -0.97 -2.86 39.02
N VAL G 5 -0.09 -3.85 39.02
CA VAL G 5 -0.32 -5.13 39.69
C VAL G 5 0.63 -5.23 40.88
N GLN G 6 0.06 -5.53 42.04
CA GLN G 6 0.82 -5.59 43.28
C GLN G 6 1.13 -7.04 43.64
N SER G 7 1.83 -7.22 44.76
CA SER G 7 2.12 -8.54 45.29
C SER G 7 1.01 -8.99 46.23
N GLY G 8 1.10 -10.25 46.66
CA GLY G 8 0.09 -10.79 47.54
C GLY G 8 0.18 -10.22 48.95
N ALA G 9 -0.88 -10.46 49.72
CA ALA G 9 -0.92 -9.99 51.10
C ALA G 9 0.05 -10.79 51.96
N GLU G 10 0.86 -10.08 52.75
CA GLU G 10 1.89 -10.68 53.59
C GLU G 10 1.59 -10.47 55.07
N VAL G 11 2.03 -11.45 55.87
CA VAL G 11 2.05 -11.36 57.31
C VAL G 11 3.51 -11.47 57.75
N LYS G 12 3.93 -10.57 58.63
CA LYS G 12 5.32 -10.47 59.05
C LYS G 12 5.40 -10.34 60.57
N LYS G 13 6.54 -10.75 61.11
CA LYS G 13 6.82 -10.64 62.53
C LYS G 13 7.22 -9.21 62.90
N PRO G 14 7.01 -8.81 64.14
CA PRO G 14 7.48 -7.48 64.57
C PRO G 14 8.99 -7.37 64.46
N GLY G 15 9.45 -6.19 64.05
CA GLY G 15 10.86 -5.94 63.87
C GLY G 15 11.45 -6.44 62.58
N ALA G 16 10.64 -7.06 61.71
CA ALA G 16 11.11 -7.60 60.45
C ALA G 16 11.01 -6.53 59.35
N SER G 17 11.14 -6.95 58.10
CA SER G 17 11.04 -6.05 56.96
C SER G 17 10.09 -6.64 55.92
N VAL G 18 9.34 -5.75 55.26
CA VAL G 18 8.37 -6.13 54.25
C VAL G 18 8.76 -5.47 52.93
N LYS G 19 8.77 -6.26 51.87
CA LYS G 19 9.12 -5.78 50.53
C LYS G 19 7.96 -6.05 49.60
N VAL G 20 7.45 -5.01 48.96
CA VAL G 20 6.26 -5.07 48.12
C VAL G 20 6.60 -4.55 46.73
N SER G 21 6.14 -5.27 45.71
CA SER G 21 6.42 -4.95 44.32
C SER G 21 5.16 -4.39 43.64
N CYS G 22 5.40 -3.60 42.59
CA CYS G 22 4.32 -2.99 41.82
C CYS G 22 4.75 -2.94 40.37
N LYS G 23 4.10 -3.73 39.52
CA LYS G 23 4.41 -3.81 38.10
C LYS G 23 3.45 -2.94 37.31
N ALA G 24 3.99 -2.17 36.37
CA ALA G 24 3.21 -1.23 35.57
C ALA G 24 3.08 -1.76 34.14
N SER G 25 1.88 -1.62 33.56
CA SER G 25 1.64 -2.04 32.20
C SER G 25 0.74 -1.05 31.50
N GLY G 26 0.84 -1.00 30.17
CA GLY G 26 0.00 -0.15 29.35
C GLY G 26 0.55 1.24 29.08
N TYR G 27 1.75 1.57 29.55
CA TYR G 27 2.32 2.89 29.34
C TYR G 27 3.82 2.81 29.55
N THR G 28 4.51 3.90 29.21
CA THR G 28 5.95 3.98 29.38
C THR G 28 6.27 4.27 30.84
N PHE G 29 6.81 3.28 31.54
CA PHE G 29 7.08 3.41 32.96
C PHE G 29 8.11 4.48 33.27
N THR G 30 8.97 4.82 32.31
CA THR G 30 10.02 5.80 32.54
C THR G 30 9.52 7.24 32.43
N SER G 31 8.26 7.46 32.05
CA SER G 31 7.74 8.79 31.79
C SER G 31 6.84 9.31 32.93
N TYR G 32 6.88 8.67 34.10
CA TYR G 32 6.07 9.10 35.22
C TYR G 32 6.79 8.79 36.51
N ASP G 33 6.18 9.18 37.63
CA ASP G 33 6.66 8.85 38.97
C ASP G 33 5.77 7.77 39.57
N ILE G 34 6.19 7.24 40.71
CA ILE G 34 5.45 6.20 41.42
C ILE G 34 5.39 6.57 42.89
N THR G 35 4.17 6.62 43.43
CA THR G 35 3.94 6.94 44.83
C THR G 35 3.25 5.78 45.53
N TRP G 36 3.40 5.74 46.85
CA TRP G 36 2.81 4.71 47.67
C TRP G 36 2.03 5.34 48.81
N VAL G 37 0.85 4.79 49.10
CA VAL G 37 -0.02 5.31 50.15
C VAL G 37 -0.62 4.14 50.91
N ARG G 38 -0.68 4.26 52.24
CA ARG G 38 -1.19 3.20 53.09
C ARG G 38 -2.52 3.61 53.72
N GLN G 39 -3.42 2.64 53.86
CA GLN G 39 -4.67 2.83 54.58
C GLN G 39 -4.76 1.77 55.67
N ALA G 40 -4.84 2.22 56.92
CA ALA G 40 -4.99 1.32 58.04
C ALA G 40 -6.44 0.88 58.18
N PRO G 41 -6.67 -0.29 58.80
CA PRO G 41 -8.05 -0.69 59.10
C PRO G 41 -8.77 0.37 59.91
N GLY G 42 -9.81 0.94 59.33
CA GLY G 42 -10.48 2.08 59.92
C GLY G 42 -10.78 3.16 58.90
N GLN G 43 -10.21 4.35 59.10
CA GLN G 43 -10.42 5.46 58.20
C GLN G 43 -9.14 6.28 58.08
N GLY G 44 -8.85 6.75 56.87
CA GLY G 44 -7.71 7.63 56.67
C GLY G 44 -6.67 7.04 55.74
N LEU G 45 -6.20 7.86 54.80
CA LEU G 45 -5.11 7.51 53.91
C LEU G 45 -3.93 8.42 54.20
N GLU G 46 -2.77 7.82 54.45
CA GLU G 46 -1.56 8.56 54.79
C GLU G 46 -0.53 8.41 53.67
N TRP G 47 -0.06 9.54 53.15
CA TRP G 47 0.90 9.53 52.05
C TRP G 47 2.28 9.15 52.57
N MET G 48 2.83 8.05 52.03
CA MET G 48 4.18 7.64 52.40
C MET G 48 5.23 8.43 51.61
N GLY G 49 5.12 8.42 50.29
CA GLY G 49 6.08 9.14 49.48
C GLY G 49 5.94 8.78 48.02
N TRP G 50 6.88 9.33 47.24
CA TRP G 50 6.95 9.09 45.81
C TRP G 50 8.41 9.08 45.38
N ILE G 51 8.65 8.44 44.23
CA ILE G 51 9.99 8.36 43.65
C ILE G 51 9.88 8.46 42.13
N SER G 52 10.92 8.98 41.52
CA SER G 52 10.95 9.20 40.08
C SER G 52 11.49 7.96 39.38
N ALA G 53 10.78 7.52 38.34
CA ALA G 53 11.23 6.38 37.55
C ALA G 53 12.27 6.74 36.50
N TYR G 54 12.51 8.03 36.28
CA TYR G 54 13.50 8.49 35.31
C TYR G 54 14.76 9.01 35.98
N ASN G 55 14.64 9.99 36.87
CA ASN G 55 15.81 10.50 37.57
C ASN G 55 16.23 9.56 38.69
N GLY G 56 15.28 8.94 39.37
CA GLY G 56 15.58 8.12 40.53
C GLY G 56 15.47 8.84 41.85
N ASP G 57 15.08 10.11 41.85
CA ASP G 57 14.94 10.87 43.09
C ASP G 57 13.79 10.29 43.91
N THR G 58 13.95 10.35 45.23
CA THR G 58 12.95 9.85 46.16
C THR G 58 12.57 10.95 47.14
N ASN G 59 11.32 10.94 47.57
CA ASN G 59 10.82 11.86 48.59
C ASN G 59 9.85 11.11 49.47
N TYR G 60 10.18 10.97 50.75
CA TYR G 60 9.42 10.20 51.71
C TYR G 60 8.72 11.13 52.70
N ALA G 61 7.81 10.55 53.46
CA ALA G 61 7.16 11.30 54.53
C ALA G 61 8.14 11.57 55.66
N GLN G 62 7.86 12.63 56.42
CA GLN G 62 8.77 13.03 57.49
C GLN G 62 8.67 12.09 58.70
N ARG G 63 7.48 11.54 58.96
CA ARG G 63 7.34 10.62 60.08
C ARG G 63 8.15 9.34 59.84
N LEU G 64 8.12 8.82 58.61
CA LEU G 64 8.93 7.66 58.24
C LEU G 64 10.36 8.14 58.02
N GLN G 65 11.13 8.17 59.11
CA GLN G 65 12.47 8.73 59.06
C GLN G 65 13.37 7.96 58.11
N GLY G 66 13.64 6.69 58.43
CA GLY G 66 14.51 5.88 57.62
C GLY G 66 14.03 4.45 57.49
N ARG G 67 12.80 4.20 57.90
CA ARG G 67 12.22 2.86 57.82
C ARG G 67 11.75 2.51 56.42
N VAL G 68 11.80 3.45 55.48
CA VAL G 68 11.26 3.28 54.13
C VAL G 68 12.38 3.42 53.12
N THR G 69 12.47 2.45 52.21
CA THR G 69 13.41 2.47 51.10
C THR G 69 12.66 2.13 49.82
N MET G 70 12.92 2.86 48.76
CA MET G 70 12.11 2.73 47.55
C MET G 70 13.01 2.74 46.32
N THR G 71 12.78 1.78 45.43
CA THR G 71 13.61 1.62 44.24
C THR G 71 12.75 1.27 43.05
N THR G 72 13.34 1.38 41.85
CA THR G 72 12.70 0.97 40.61
C THR G 72 13.61 0.06 39.81
N ASP G 73 13.00 -0.76 38.95
CA ASP G 73 13.71 -1.55 37.96
C ASP G 73 13.11 -1.20 36.61
N THR G 74 13.90 -0.55 35.76
CA THR G 74 13.40 -0.06 34.48
C THR G 74 13.14 -1.21 33.50
N SER G 75 14.03 -2.21 33.48
CA SER G 75 13.86 -3.30 32.53
C SER G 75 12.57 -4.06 32.80
N THR G 76 12.28 -4.35 34.06
CA THR G 76 11.01 -4.97 34.43
C THR G 76 9.93 -3.95 34.72
N SER G 77 10.26 -2.65 34.76
CA SER G 77 9.29 -1.59 35.00
C SER G 77 8.53 -1.82 36.30
N THR G 78 9.25 -2.22 37.35
CA THR G 78 8.65 -2.61 38.61
C THR G 78 9.22 -1.79 39.75
N ALA G 79 8.35 -1.23 40.57
CA ALA G 79 8.75 -0.43 41.72
C ALA G 79 8.68 -1.28 42.99
N TYR G 80 9.72 -1.19 43.81
CA TYR G 80 9.84 -1.98 45.03
C TYR G 80 9.90 -1.05 46.24
N MET G 81 9.14 -1.40 47.27
CA MET G 81 9.00 -0.58 48.46
C MET G 81 9.30 -1.47 49.67
N GLU G 82 10.15 -0.97 50.57
CA GLU G 82 10.73 -1.77 51.64
C GLU G 82 10.55 -1.03 52.95
N LEU G 83 9.89 -1.69 53.91
CA LEU G 83 9.60 -1.12 55.23
C LEU G 83 10.28 -1.97 56.29
N ARG G 84 11.15 -1.35 57.08
CA ARG G 84 11.85 -2.02 58.16
C ARG G 84 11.36 -1.51 59.51
N SER G 85 11.67 -2.28 60.56
CA SER G 85 11.31 -1.94 61.93
C SER G 85 9.80 -1.75 62.08
N LEU G 86 9.07 -2.85 61.84
CA LEU G 86 7.62 -2.81 61.91
C LEU G 86 7.15 -2.63 63.35
N ARG G 87 6.10 -1.84 63.51
CA ARG G 87 5.41 -1.67 64.79
C ARG G 87 4.01 -2.25 64.70
N SER G 88 3.37 -2.42 65.86
CA SER G 88 2.05 -3.04 65.91
C SER G 88 0.99 -2.25 65.15
N ASP G 89 1.24 -0.96 64.91
CA ASP G 89 0.29 -0.11 64.19
C ASP G 89 0.53 -0.08 62.68
N ASP G 90 1.46 -0.89 62.18
CA ASP G 90 1.81 -0.88 60.76
C ASP G 90 0.92 -1.78 59.91
N THR G 91 -0.03 -2.49 60.51
CA THR G 91 -0.95 -3.31 59.74
C THR G 91 -1.83 -2.43 58.87
N ALA G 92 -1.71 -2.58 57.55
CA ALA G 92 -2.44 -1.71 56.64
C ALA G 92 -2.41 -2.28 55.23
N VAL G 93 -3.27 -1.72 54.37
CA VAL G 93 -3.28 -2.03 52.95
C VAL G 93 -2.51 -0.94 52.22
N TYR G 94 -1.51 -1.33 51.44
CA TYR G 94 -0.63 -0.41 50.75
C TYR G 94 -0.97 -0.40 49.27
N TYR G 95 -1.14 0.79 48.70
CA TYR G 95 -1.44 0.96 47.28
C TYR G 95 -0.31 1.71 46.58
N CYS G 96 0.00 1.27 45.37
CA CYS G 96 0.96 1.92 44.50
C CYS G 96 0.22 2.62 43.35
N ALA G 97 0.61 3.86 43.07
CA ALA G 97 -0.02 4.66 42.04
C ALA G 97 1.07 5.46 41.33
N ARG G 98 0.69 6.21 40.30
CA ARG G 98 1.61 7.14 39.66
C ARG G 98 1.24 8.57 40.07
N ALA G 99 2.27 9.39 40.27
CA ALA G 99 2.07 10.72 40.84
C ALA G 99 1.78 11.76 39.77
N LYS G 100 2.69 11.95 38.83
CA LYS G 100 2.54 12.99 37.82
C LYS G 100 3.48 12.67 36.67
N HIS G 101 3.54 13.58 35.70
CA HIS G 101 4.52 13.50 34.63
C HIS G 101 5.88 13.97 35.14
N THR G 102 6.90 13.75 34.32
CA THR G 102 8.25 14.18 34.63
C THR G 102 8.57 15.56 34.08
N VAL G 103 8.13 15.85 32.86
CA VAL G 103 8.39 17.13 32.22
C VAL G 103 7.20 18.06 32.36
N LEU G 104 6.05 17.65 31.81
CA LEU G 104 4.82 18.44 31.89
C LEU G 104 4.22 18.19 33.27
N VAL G 105 4.78 18.87 34.26
CA VAL G 105 4.54 18.56 35.67
C VAL G 105 3.60 19.56 36.32
N THR G 106 3.28 20.66 35.64
CA THR G 106 2.41 21.69 36.19
C THR G 106 0.95 21.48 35.84
N ALA G 107 0.59 20.38 35.19
CA ALA G 107 -0.78 20.15 34.74
C ALA G 107 -1.45 18.99 35.48
N MET G 108 -0.89 17.78 35.39
CA MET G 108 -1.44 16.62 36.05
C MET G 108 -0.88 16.53 37.46
N ARG G 109 -1.75 16.69 38.46
CA ARG G 109 -1.37 16.61 39.86
C ARG G 109 -2.26 15.63 40.61
N TRP G 110 -2.53 14.48 39.99
CA TRP G 110 -3.46 13.50 40.56
C TRP G 110 -2.86 12.11 40.46
N PHE G 111 -3.37 11.22 41.31
CA PHE G 111 -2.98 9.81 41.30
C PHE G 111 -3.98 9.06 40.42
N ASP G 112 -3.66 8.93 39.14
CA ASP G 112 -4.66 8.47 38.16
C ASP G 112 -4.97 7.00 38.39
N PRO G 113 -4.04 6.03 38.15
CA PRO G 113 -4.40 4.63 38.39
C PRO G 113 -3.95 4.14 39.77
N TRP G 114 -4.65 3.18 40.34
CA TRP G 114 -4.27 2.60 41.62
C TRP G 114 -4.23 1.08 41.50
N GLY G 115 -3.30 0.48 42.25
CA GLY G 115 -3.23 -0.97 42.30
C GLY G 115 -4.29 -1.56 43.22
N GLN G 116 -4.40 -2.88 43.18
CA GLN G 116 -5.38 -3.57 44.02
C GLN G 116 -5.07 -3.41 45.50
N GLY G 117 -3.80 -3.24 45.84
CA GLY G 117 -3.39 -3.07 47.22
C GLY G 117 -2.91 -4.37 47.83
N THR G 118 -1.91 -4.25 48.70
CA THR G 118 -1.31 -5.38 49.41
C THR G 118 -1.53 -5.21 50.89
N LEU G 119 -2.13 -6.22 51.53
CA LEU G 119 -2.39 -6.16 52.96
C LEU G 119 -1.18 -6.69 53.72
N VAL G 120 -0.56 -5.83 54.53
CA VAL G 120 0.57 -6.20 55.37
C VAL G 120 0.05 -6.25 56.80
N THR G 121 0.13 -7.43 57.40
CA THR G 121 -0.32 -7.66 58.77
C THR G 121 0.89 -8.02 59.64
N VAL G 122 1.08 -7.29 60.73
CA VAL G 122 2.14 -7.57 61.69
C VAL G 122 1.49 -8.09 62.97
N SER G 123 2.05 -9.16 63.53
CA SER G 123 1.54 -9.77 64.74
C SER G 123 2.61 -10.72 65.26
N SER G 124 2.47 -11.12 66.52
CA SER G 124 3.41 -12.05 67.14
C SER G 124 2.87 -13.48 67.10
N ASP H 1 2.54 22.74 57.35
CA ASP H 1 1.57 21.75 56.88
C ASP H 1 0.21 22.40 56.69
N ILE H 2 -0.57 21.89 55.74
CA ILE H 2 -1.91 22.39 55.47
C ILE H 2 -2.90 21.27 55.75
N GLN H 3 -3.94 21.59 56.52
CA GLN H 3 -4.91 20.61 56.99
C GLN H 3 -6.12 20.56 56.07
N MET H 4 -6.69 19.37 55.95
CA MET H 4 -7.87 19.11 55.15
C MET H 4 -9.01 18.76 56.10
N THR H 5 -10.11 19.53 56.05
CA THR H 5 -11.24 19.30 56.94
C THR H 5 -12.51 19.13 56.13
N GLN H 6 -13.02 17.90 56.06
CA GLN H 6 -14.28 17.66 55.37
C GLN H 6 -15.43 17.87 56.34
N SER H 7 -16.40 18.70 55.94
CA SER H 7 -17.52 19.04 56.81
C SER H 7 -18.28 17.81 57.29
N PRO H 8 -18.71 16.87 56.43
CA PRO H 8 -19.46 15.72 56.93
C PRO H 8 -18.63 14.47 57.19
N SER H 9 -19.03 13.72 58.22
CA SER H 9 -18.42 12.43 58.51
C SER H 9 -19.21 11.26 57.95
N SER H 10 -20.54 11.35 57.96
CA SER H 10 -21.40 10.32 57.40
C SER H 10 -22.79 10.90 57.20
N LEU H 11 -23.33 10.74 56.00
CA LEU H 11 -24.65 11.25 55.67
C LEU H 11 -25.44 10.18 54.92
N SER H 12 -26.76 10.23 55.06
CA SER H 12 -27.66 9.31 54.39
C SER H 12 -28.75 10.08 53.68
N ALA H 13 -29.12 9.61 52.48
CA ALA H 13 -30.15 10.25 51.68
C ALA H 13 -30.80 9.18 50.80
N SER H 14 -31.74 9.61 49.97
CA SER H 14 -32.46 8.70 49.09
C SER H 14 -31.91 8.77 47.66
N VAL H 15 -32.36 7.82 46.84
CA VAL H 15 -31.93 7.76 45.45
C VAL H 15 -32.48 8.97 44.70
N GLY H 16 -31.62 9.66 43.96
CA GLY H 16 -31.99 10.85 43.23
C GLY H 16 -31.83 12.14 43.99
N ASP H 17 -31.51 12.09 45.28
CA ASP H 17 -31.37 13.27 46.10
C ASP H 17 -29.99 13.90 45.84
N ARG H 18 -29.88 15.19 46.13
CA ARG H 18 -28.65 15.94 45.90
C ARG H 18 -27.90 16.10 47.22
N VAL H 19 -26.66 15.61 47.25
CA VAL H 19 -25.83 15.62 48.45
C VAL H 19 -24.60 16.48 48.18
N THR H 20 -24.35 17.44 49.05
CA THR H 20 -23.23 18.36 48.93
C THR H 20 -22.21 18.07 50.02
N ILE H 21 -20.96 17.87 49.62
CA ILE H 21 -19.85 17.64 50.53
C ILE H 21 -18.95 18.87 50.52
N THR H 22 -18.71 19.44 51.69
CA THR H 22 -17.91 20.65 51.84
C THR H 22 -16.55 20.30 52.43
N CYS H 23 -15.49 20.74 51.76
CA CYS H 23 -14.12 20.50 52.20
C CYS H 23 -13.41 21.83 52.35
N ARG H 24 -12.73 22.02 53.47
CA ARG H 24 -12.14 23.30 53.82
C ARG H 24 -10.65 23.14 54.12
N ALA H 25 -9.92 24.22 53.93
CA ALA H 25 -8.48 24.29 54.16
C ALA H 25 -8.16 25.39 55.14
N SER H 26 -7.04 25.23 55.84
CA SER H 26 -6.55 26.26 56.74
C SER H 26 -5.80 27.37 56.02
N GLN H 27 -5.45 27.17 54.75
CA GLN H 27 -4.73 28.16 53.98
C GLN H 27 -5.28 28.17 52.56
N SER H 28 -5.15 29.30 51.88
CA SER H 28 -5.61 29.42 50.51
C SER H 28 -4.78 28.53 49.59
N ILE H 29 -5.44 27.75 48.76
CA ILE H 29 -4.78 26.78 47.89
C ILE H 29 -5.14 27.01 46.42
N SER H 30 -5.69 28.18 46.09
CA SER H 30 -6.08 28.55 44.72
C SER H 30 -7.12 27.53 44.26
N ASN H 31 -6.90 26.82 43.16
CA ASN H 31 -7.87 25.86 42.63
C ASN H 31 -7.27 24.47 42.47
N TYR H 32 -6.28 24.14 43.28
CA TYR H 32 -5.62 22.83 43.22
C TYR H 32 -6.24 21.94 44.29
N LEU H 33 -7.16 21.07 43.87
CA LEU H 33 -7.85 20.19 44.81
C LEU H 33 -8.53 19.08 44.03
N ASN H 34 -8.29 17.82 44.43
CA ASN H 34 -8.86 16.67 43.76
C ASN H 34 -9.77 15.91 44.71
N TRP H 35 -10.66 15.10 44.13
CA TRP H 35 -11.60 14.29 44.87
C TRP H 35 -11.41 12.82 44.52
N TYR H 36 -11.45 11.96 45.54
CA TYR H 36 -11.32 10.53 45.36
C TYR H 36 -12.53 9.83 45.97
N GLN H 37 -13.01 8.80 45.25
CA GLN H 37 -14.14 7.99 45.68
C GLN H 37 -13.64 6.58 45.94
N GLN H 38 -13.82 6.10 47.17
CA GLN H 38 -13.35 4.77 47.58
C GLN H 38 -14.56 3.90 47.86
N LYS H 39 -14.79 2.92 47.00
CA LYS H 39 -15.76 1.87 47.29
C LYS H 39 -15.19 0.96 48.38
N PRO H 40 -16.07 0.27 49.13
CA PRO H 40 -15.56 -0.67 50.14
C PRO H 40 -14.69 -1.75 49.50
N GLY H 41 -13.55 -2.00 50.11
CA GLY H 41 -12.59 -2.97 49.57
C GLY H 41 -11.68 -2.47 48.47
N LYS H 42 -12.24 -1.79 47.47
CA LYS H 42 -11.45 -1.33 46.33
C LYS H 42 -10.73 -0.03 46.67
N ALA H 43 -9.63 0.20 45.97
CA ALA H 43 -8.87 1.43 46.15
C ALA H 43 -9.64 2.63 45.61
N PRO H 44 -9.47 3.80 46.21
CA PRO H 44 -10.18 4.98 45.72
C PRO H 44 -9.75 5.39 44.33
N LYS H 45 -10.68 6.00 43.59
CA LYS H 45 -10.46 6.42 42.23
C LYS H 45 -10.71 7.91 42.08
N LEU H 46 -9.98 8.54 41.16
CA LEU H 46 -10.16 9.95 40.89
C LEU H 46 -11.50 10.18 40.19
N LEU H 47 -12.23 11.21 40.63
CA LEU H 47 -13.52 11.55 40.04
C LEU H 47 -13.63 12.99 39.61
N ILE H 48 -13.00 13.93 40.33
CA ILE H 48 -12.97 15.33 39.94
C ILE H 48 -11.59 15.89 40.24
N SER H 49 -10.98 16.55 39.25
CA SER H 49 -9.64 17.10 39.40
C SER H 49 -9.69 18.61 39.16
N ALA H 50 -9.12 19.36 40.10
CA ALA H 50 -8.98 20.81 39.97
C ALA H 50 -10.30 21.45 39.57
N THR H 51 -11.38 21.02 40.22
CA THR H 51 -12.74 21.44 39.91
C THR H 51 -13.09 21.10 38.46
N SER H 52 -13.12 19.79 38.19
CA SER H 52 -13.60 19.21 36.93
C SER H 52 -12.76 19.67 35.74
N SER H 53 -11.52 19.18 35.70
CA SER H 53 -10.62 19.38 34.58
C SER H 53 -9.99 18.06 34.14
N LEU H 54 -10.77 16.98 34.14
CA LEU H 54 -10.27 15.67 33.78
C LEU H 54 -10.21 15.51 32.25
N GLN H 55 -9.75 14.35 31.79
CA GLN H 55 -9.56 14.09 30.37
C GLN H 55 -10.49 13.04 29.80
N SER H 56 -10.87 12.03 30.57
CA SER H 56 -11.71 10.97 30.02
C SER H 56 -12.94 10.67 30.87
N GLY H 57 -12.84 10.74 32.19
CA GLY H 57 -13.93 10.37 33.05
C GLY H 57 -14.95 11.47 33.26
N VAL H 58 -15.30 11.71 34.52
CA VAL H 58 -16.31 12.70 34.92
C VAL H 58 -17.60 12.46 34.15
N PRO H 59 -18.37 11.42 34.50
CA PRO H 59 -19.72 11.30 33.93
C PRO H 59 -20.57 12.48 34.38
N SER H 60 -21.59 12.80 33.58
CA SER H 60 -22.38 13.99 33.83
C SER H 60 -23.30 13.80 35.03
N ARG H 61 -22.71 13.50 36.18
CA ARG H 61 -23.45 13.35 37.42
C ARG H 61 -22.81 14.04 38.62
N PHE H 62 -21.52 14.32 38.57
CA PHE H 62 -20.80 15.01 39.63
C PHE H 62 -20.52 16.46 39.21
N SER H 63 -20.30 17.32 40.20
CA SER H 63 -19.89 18.69 39.91
C SER H 63 -19.06 19.21 41.06
N GLY H 64 -18.17 20.14 40.74
CA GLY H 64 -17.33 20.77 41.74
C GLY H 64 -17.43 22.28 41.65
N SER H 65 -17.31 22.93 42.81
CA SER H 65 -17.43 24.38 42.86
C SER H 65 -16.62 24.92 44.03
N GLY H 66 -16.39 26.22 43.99
CA GLY H 66 -15.71 26.90 45.07
C GLY H 66 -14.24 27.12 44.81
N SER H 67 -13.68 28.14 45.44
CA SER H 67 -12.27 28.45 45.34
C SER H 67 -11.83 29.20 46.59
N GLY H 68 -10.52 29.27 46.78
CA GLY H 68 -9.98 29.93 47.95
C GLY H 68 -9.69 28.97 49.08
N THR H 69 -10.60 28.88 50.05
CA THR H 69 -10.43 28.01 51.20
C THR H 69 -11.57 27.02 51.40
N ASP H 70 -12.65 27.12 50.65
CA ASP H 70 -13.77 26.20 50.76
C ASP H 70 -14.12 25.66 49.38
N PHE H 71 -14.49 24.38 49.33
CA PHE H 71 -14.83 23.72 48.08
C PHE H 71 -16.01 22.80 48.31
N THR H 72 -16.78 22.55 47.25
CA THR H 72 -18.00 21.78 47.36
C THR H 72 -18.10 20.79 46.22
N LEU H 73 -18.39 19.54 46.56
CA LEU H 73 -18.75 18.50 45.60
C LEU H 73 -20.25 18.31 45.66
N THR H 74 -20.91 18.37 44.50
CA THR H 74 -22.36 18.30 44.41
C THR H 74 -22.77 17.16 43.48
N ILE H 75 -23.72 16.37 43.94
CA ILE H 75 -24.34 15.34 43.11
C ILE H 75 -25.67 15.88 42.60
N SER H 76 -26.08 15.41 41.43
CA SER H 76 -27.38 15.76 40.88
C SER H 76 -28.44 14.75 41.26
N SER H 77 -28.08 13.47 41.29
CA SER H 77 -28.99 12.40 41.70
C SER H 77 -28.15 11.21 42.14
N LEU H 78 -28.43 10.71 43.34
CA LEU H 78 -27.71 9.54 43.83
C LEU H 78 -28.22 8.27 43.15
N GLN H 79 -27.32 7.31 43.00
CA GLN H 79 -27.58 6.04 42.34
C GLN H 79 -27.03 4.92 43.20
N PRO H 80 -27.53 3.69 43.02
CA PRO H 80 -27.10 2.58 43.91
C PRO H 80 -25.61 2.32 43.89
N ASP H 81 -24.91 2.62 42.81
CA ASP H 81 -23.47 2.39 42.72
C ASP H 81 -22.66 3.49 43.41
N ASP H 82 -23.28 4.31 44.24
CA ASP H 82 -22.60 5.46 44.85
C ASP H 82 -22.22 5.24 46.31
N PHE H 83 -22.47 4.06 46.87
CA PHE H 83 -22.03 3.75 48.22
C PHE H 83 -20.50 3.77 48.29
N ALA H 84 -19.94 4.80 48.92
CA ALA H 84 -18.49 4.97 48.95
C ALA H 84 -18.14 6.04 49.98
N THR H 85 -16.83 6.23 50.17
CA THR H 85 -16.29 7.30 51.00
C THR H 85 -15.53 8.27 50.10
N TYR H 86 -15.81 9.55 50.26
CA TYR H 86 -15.22 10.59 49.44
C TYR H 86 -14.16 11.34 50.23
N TYR H 87 -13.02 11.57 49.58
CA TYR H 87 -11.87 12.23 50.20
C TYR H 87 -11.43 13.40 49.33
N CYS H 88 -11.16 14.53 49.96
CA CYS H 88 -10.64 15.71 49.26
C CYS H 88 -9.14 15.82 49.55
N GLN H 89 -8.34 15.82 48.49
CA GLN H 89 -6.89 15.90 48.59
C GLN H 89 -6.40 17.22 48.02
N GLN H 90 -5.47 17.85 48.71
CA GLN H 90 -4.82 19.05 48.21
C GLN H 90 -3.61 18.67 47.37
N SER H 91 -3.27 19.55 46.42
CA SER H 91 -2.08 19.39 45.59
C SER H 91 -1.27 20.68 45.55
N TYR H 92 -1.46 21.55 46.53
CA TYR H 92 -0.80 22.86 46.51
C TYR H 92 0.68 22.74 46.86
N SER H 93 0.98 22.12 47.99
CA SER H 93 2.34 22.05 48.53
C SER H 93 2.66 20.61 48.88
N THR H 94 3.96 20.30 48.95
CA THR H 94 4.51 18.97 49.18
C THR H 94 3.68 18.13 50.17
N PRO H 95 3.21 18.66 51.32
CA PRO H 95 2.32 17.84 52.16
C PRO H 95 0.96 17.62 51.51
N TRP H 96 0.87 16.62 50.63
CA TRP H 96 -0.38 16.35 49.92
C TRP H 96 -1.37 15.64 50.83
N THR H 97 -1.75 16.27 51.92
CA THR H 97 -2.59 15.63 52.92
C THR H 97 -4.00 15.35 52.38
N PHE H 98 -4.56 14.22 52.81
CA PHE H 98 -5.90 13.83 52.42
C PHE H 98 -6.90 14.27 53.47
N GLY H 99 -8.18 14.17 53.13
CA GLY H 99 -9.22 14.39 54.12
C GLY H 99 -9.54 13.10 54.85
N GLN H 100 -10.11 13.25 56.05
CA GLN H 100 -10.47 12.05 56.82
C GLN H 100 -11.60 11.28 56.16
N GLY H 101 -12.31 11.89 55.22
CA GLY H 101 -13.27 11.18 54.40
C GLY H 101 -14.68 11.34 54.90
N THR H 102 -15.64 11.22 53.98
CA THR H 102 -17.06 11.20 54.31
C THR H 102 -17.68 9.97 53.70
N LYS H 103 -18.27 9.12 54.54
CA LYS H 103 -18.97 7.92 54.08
C LYS H 103 -20.39 8.30 53.71
N LEU H 104 -20.81 7.94 52.51
CA LEU H 104 -22.15 8.31 52.03
C LEU H 104 -23.04 7.08 52.05
N GLU H 105 -24.14 7.16 52.77
CA GLU H 105 -25.16 6.13 52.78
C GLU H 105 -26.35 6.57 51.93
N ILE H 106 -27.05 5.60 51.36
CA ILE H 106 -28.26 5.86 50.59
C ILE H 106 -29.41 5.11 51.26
N LYS H 107 -30.49 5.83 51.53
CA LYS H 107 -31.62 5.25 52.25
C LYS H 107 -32.54 4.50 51.28
N ARG H 108 -33.08 3.39 51.75
CA ARG H 108 -34.03 2.61 50.96
C ARG H 108 -35.17 2.10 51.82
N LEU I 3 -35.72 6.27 -35.54
CA LEU I 3 -36.16 7.65 -35.44
C LEU I 3 -35.82 8.25 -34.09
N TRP I 4 -35.35 7.40 -33.17
CA TRP I 4 -34.99 7.84 -31.82
C TRP I 4 -33.56 7.43 -31.52
N VAL I 5 -32.91 8.21 -30.68
CA VAL I 5 -31.54 7.91 -30.32
C VAL I 5 -31.50 6.71 -29.38
N THR I 6 -30.33 6.08 -29.30
CA THR I 6 -30.05 5.02 -28.35
C THR I 6 -28.62 5.15 -27.88
N VAL I 7 -28.41 4.94 -26.59
CA VAL I 7 -27.12 5.11 -25.94
C VAL I 7 -26.50 3.74 -25.75
N TYR I 8 -25.38 3.50 -26.42
CA TYR I 8 -24.66 2.24 -26.33
C TYR I 8 -23.44 2.43 -25.44
N TYR I 9 -23.34 1.60 -24.41
CA TYR I 9 -22.13 1.51 -23.60
C TYR I 9 -21.42 0.23 -24.00
N GLY I 10 -20.36 0.35 -24.78
CA GLY I 10 -19.65 -0.81 -25.27
C GLY I 10 -19.12 -0.71 -26.67
N VAL I 11 -19.36 0.39 -27.36
CA VAL I 11 -18.88 0.56 -28.73
C VAL I 11 -17.36 0.67 -28.70
N PRO I 12 -16.66 0.20 -29.73
CA PRO I 12 -15.18 0.30 -29.79
C PRO I 12 -14.71 1.62 -30.40
N VAL I 13 -14.71 2.67 -29.59
CA VAL I 13 -14.35 4.01 -30.02
C VAL I 13 -13.14 4.47 -29.22
N TRP I 14 -12.13 5.00 -29.91
CA TRP I 14 -10.97 5.56 -29.24
C TRP I 14 -10.69 6.99 -29.73
N LYS I 15 -9.97 7.72 -28.90
CA LYS I 15 -9.56 9.09 -29.16
C LYS I 15 -8.05 9.19 -28.95
N GLU I 16 -7.46 10.24 -29.51
CA GLU I 16 -6.00 10.35 -29.65
C GLU I 16 -5.36 11.23 -28.59
N ALA I 17 -5.86 11.22 -27.36
CA ALA I 17 -5.28 12.05 -26.31
C ALA I 17 -3.93 11.47 -25.87
N THR I 18 -3.29 12.15 -24.92
CA THR I 18 -1.98 11.75 -24.41
C THR I 18 -1.96 11.79 -22.89
N THR I 19 -1.21 10.86 -22.31
CA THR I 19 -1.11 10.74 -20.86
C THR I 19 0.35 10.72 -20.42
N THR I 20 0.57 10.38 -19.15
CA THR I 20 1.90 10.17 -18.60
C THR I 20 2.07 8.68 -18.37
N LEU I 21 2.64 8.00 -19.36
CA LEU I 21 2.89 6.56 -19.25
C LEU I 21 3.93 6.29 -18.18
N PHE I 22 3.84 5.10 -17.58
CA PHE I 22 4.73 4.72 -16.49
C PHE I 22 5.68 3.62 -16.93
N CYS I 23 6.90 3.69 -16.38
CA CYS I 23 7.96 2.77 -16.73
C CYS I 23 7.72 1.38 -16.14
N ALA I 24 8.34 0.39 -16.77
CA ALA I 24 8.25 -1.00 -16.34
C ALA I 24 9.58 -1.67 -16.57
N SER I 25 9.93 -2.60 -15.68
CA SER I 25 11.19 -3.34 -15.77
C SER I 25 10.91 -4.82 -15.62
N ASP I 26 11.74 -5.63 -16.27
CA ASP I 26 11.58 -7.08 -16.24
C ASP I 26 12.09 -7.67 -14.94
N THR I 40 18.33 3.12 -7.51
CA THR I 40 17.54 3.06 -8.73
C THR I 40 16.09 3.49 -8.46
N HIS I 41 15.50 4.19 -9.42
CA HIS I 41 14.13 4.67 -9.24
C HIS I 41 13.11 3.53 -9.32
N ALA I 42 13.47 2.44 -10.00
CA ALA I 42 12.63 1.24 -10.12
C ALA I 42 11.34 1.53 -10.89
N CYS I 43 10.65 0.48 -11.33
CA CYS I 43 9.46 0.62 -12.14
C CYS I 43 8.46 -0.48 -11.78
N VAL I 44 7.45 -0.65 -12.62
CA VAL I 44 6.34 -1.58 -12.38
C VAL I 44 6.68 -2.90 -13.08
N PRO I 45 5.92 -3.98 -12.87
CA PRO I 45 6.27 -5.26 -13.49
C PRO I 45 6.14 -5.24 -15.01
N ALA I 46 6.89 -6.11 -15.66
CA ALA I 46 6.84 -6.32 -17.10
C ALA I 46 6.37 -7.74 -17.35
N ASP I 47 5.16 -7.88 -17.91
CA ASP I 47 4.57 -9.20 -18.09
C ASP I 47 5.17 -9.94 -19.28
N PRO I 48 5.25 -11.29 -19.20
CA PRO I 48 5.77 -12.09 -20.31
C PRO I 48 4.70 -12.53 -21.31
N ASN I 49 3.87 -11.59 -21.75
CA ASN I 49 2.82 -11.91 -22.72
C ASN I 49 2.23 -10.62 -23.29
N PRO I 50 1.90 -10.59 -24.56
CA PRO I 50 1.16 -9.47 -25.13
C PRO I 50 -0.34 -9.71 -25.22
N GLN I 51 -1.09 -8.62 -25.01
CA GLN I 51 -2.51 -8.61 -25.32
C GLN I 51 -2.77 -8.24 -26.78
N GLU I 52 -1.80 -8.51 -27.65
CA GLU I 52 -1.89 -8.17 -29.06
C GLU I 52 -3.10 -8.84 -29.68
N MET I 53 -3.96 -8.03 -30.27
CA MET I 53 -5.16 -8.53 -30.96
C MET I 53 -5.31 -7.74 -32.25
N LEU I 54 -5.18 -8.42 -33.39
CA LEU I 54 -5.20 -7.75 -34.67
C LEU I 54 -6.59 -7.22 -34.95
N LEU I 55 -6.66 -5.95 -35.36
CA LEU I 55 -7.92 -5.31 -35.72
C LEU I 55 -8.03 -5.36 -37.24
N LYS I 56 -8.75 -6.36 -37.75
CA LYS I 56 -8.96 -6.45 -39.19
C LYS I 56 -9.86 -5.33 -39.66
N ASN I 57 -9.75 -5.01 -40.96
CA ASN I 57 -10.67 -4.09 -41.63
C ASN I 57 -10.59 -2.67 -41.05
N VAL I 58 -9.42 -2.24 -40.61
CA VAL I 58 -9.25 -0.89 -40.09
C VAL I 58 -7.88 -0.37 -40.48
N THR I 59 -7.79 0.94 -40.75
CA THR I 59 -6.54 1.61 -41.05
C THR I 59 -6.46 2.88 -40.20
N GLU I 60 -5.34 3.06 -39.50
CA GLU I 60 -5.16 4.18 -38.60
C GLU I 60 -4.09 5.11 -39.14
N ASN I 61 -4.36 6.42 -39.06
CA ASN I 61 -3.44 7.44 -39.58
C ASN I 61 -2.40 7.74 -38.52
N PHE I 62 -1.21 7.16 -38.67
CA PHE I 62 -0.16 7.31 -37.69
C PHE I 62 0.60 8.61 -37.88
N ASN I 63 1.48 8.90 -36.92
CA ASN I 63 2.43 10.01 -36.99
C ASN I 63 3.50 9.84 -35.93
N MET I 64 4.76 9.94 -36.33
CA MET I 64 5.88 9.73 -35.41
C MET I 64 6.59 11.01 -35.02
N TRP I 65 6.51 12.06 -35.82
CA TRP I 65 7.17 13.31 -35.48
C TRP I 65 6.38 14.14 -34.47
N LYS I 66 5.16 13.73 -34.11
CA LYS I 66 4.34 14.43 -33.13
C LYS I 66 4.06 13.53 -31.93
N ASN I 67 5.07 12.80 -31.47
CA ASN I 67 4.93 11.89 -30.35
C ASN I 67 5.39 12.57 -29.06
N GLU I 68 4.77 12.17 -27.95
CA GLU I 68 5.17 12.65 -26.64
C GLU I 68 6.08 11.65 -25.92
N MET I 69 6.01 10.37 -26.28
CA MET I 69 6.82 9.36 -25.62
C MET I 69 8.31 9.66 -25.73
N VAL I 70 8.73 10.26 -26.85
CA VAL I 70 10.15 10.55 -27.04
C VAL I 70 10.63 11.55 -26.00
N ASN I 71 9.85 12.60 -25.75
CA ASN I 71 10.23 13.59 -24.73
C ASN I 71 10.25 12.96 -23.35
N GLN I 72 9.27 12.11 -23.06
CA GLN I 72 9.23 11.42 -21.77
C GLN I 72 10.49 10.57 -21.57
N MET I 73 10.89 9.83 -22.60
CA MET I 73 12.06 8.98 -22.45
C MET I 73 13.34 9.78 -22.41
N HIS I 74 13.39 10.92 -23.10
CA HIS I 74 14.53 11.81 -22.99
C HIS I 74 14.68 12.32 -21.56
N GLU I 75 13.56 12.73 -20.95
CA GLU I 75 13.60 13.17 -19.55
C GLU I 75 14.03 12.04 -18.63
N ASP I 76 13.52 10.83 -18.86
CA ASP I 76 13.90 9.71 -18.02
C ASP I 76 15.39 9.38 -18.15
N VAL I 77 15.92 9.44 -19.37
CA VAL I 77 17.34 9.16 -19.58
C VAL I 77 18.19 10.22 -18.90
N ILE I 78 17.78 11.49 -19.01
CA ILE I 78 18.53 12.56 -18.35
C ILE I 78 18.54 12.35 -16.84
N SER I 79 17.37 12.02 -16.28
CA SER I 79 17.29 11.79 -14.84
C SER I 79 18.14 10.58 -14.43
N LEU I 80 18.13 9.52 -15.22
CA LEU I 80 18.91 8.34 -14.89
C LEU I 80 20.40 8.64 -14.93
N TRP I 81 20.85 9.39 -15.93
CA TRP I 81 22.27 9.72 -16.02
C TRP I 81 22.68 10.65 -14.88
N ASP I 82 21.79 11.57 -14.49
CA ASP I 82 22.08 12.42 -13.34
C ASP I 82 22.19 11.60 -12.06
N GLN I 83 21.29 10.64 -11.87
CA GLN I 83 21.32 9.82 -10.67
C GLN I 83 22.56 8.94 -10.62
N SER I 84 22.95 8.37 -11.77
CA SER I 84 24.11 7.48 -11.80
C SER I 84 25.39 8.23 -11.44
N LEU I 85 25.57 9.43 -11.98
CA LEU I 85 26.77 10.21 -11.71
C LEU I 85 26.67 10.90 -10.35
N VAL I 188 33.28 4.80 -13.93
CA VAL I 188 32.01 5.42 -14.25
C VAL I 188 31.14 4.48 -15.08
N SER I 189 30.41 5.06 -16.03
CA SER I 189 29.54 4.32 -16.94
C SER I 189 28.43 3.59 -16.21
N PHE I 190 27.64 2.82 -16.94
CA PHE I 190 26.50 2.10 -16.35
C PHE I 190 26.08 1.00 -17.33
N ASP I 191 25.21 0.12 -16.83
CA ASP I 191 24.67 -0.96 -17.65
C ASP I 191 23.22 -0.68 -17.99
N PRO I 192 22.90 -0.37 -19.25
CA PRO I 192 21.49 -0.14 -19.61
C PRO I 192 20.68 -1.42 -19.50
N ILE I 193 19.39 -1.27 -19.21
CA ILE I 193 18.48 -2.39 -19.08
C ILE I 193 17.28 -2.14 -19.98
N PRO I 194 16.60 -3.19 -20.47
CA PRO I 194 15.36 -2.98 -21.22
C PRO I 194 14.32 -2.28 -20.35
N ILE I 195 13.61 -1.33 -20.96
CA ILE I 195 12.62 -0.53 -20.26
C ILE I 195 11.33 -0.56 -21.06
N HIS I 196 10.25 -1.05 -20.43
CA HIS I 196 8.95 -1.07 -21.06
C HIS I 196 8.16 0.17 -20.65
N TYR I 197 7.25 0.59 -21.51
CA TYR I 197 6.35 1.70 -21.20
C TYR I 197 4.92 1.19 -21.19
N CYS I 198 4.21 1.45 -20.10
CA CYS I 198 2.84 0.96 -19.94
C CYS I 198 1.91 2.13 -19.69
N THR I 199 0.69 2.00 -20.20
CA THR I 199 -0.35 3.01 -20.19
C THR I 199 -1.33 2.77 -19.05
N PRO I 200 -1.95 3.81 -18.51
CA PRO I 200 -2.90 3.61 -17.41
C PRO I 200 -4.21 3.02 -17.91
N ALA I 201 -5.07 2.69 -16.95
CA ALA I 201 -6.37 2.11 -17.28
C ALA I 201 -7.22 3.09 -18.07
N GLY I 202 -7.86 2.58 -19.12
CA GLY I 202 -8.64 3.40 -20.00
C GLY I 202 -7.93 3.84 -21.26
N TYR I 203 -6.70 3.37 -21.49
CA TYR I 203 -5.92 3.75 -22.66
C TYR I 203 -5.30 2.50 -23.27
N ALA I 204 -4.87 2.62 -24.52
CA ALA I 204 -4.25 1.51 -25.24
C ALA I 204 -3.12 2.04 -26.10
N LEU I 205 -2.22 1.14 -26.52
CA LEU I 205 -1.11 1.49 -27.39
C LEU I 205 -1.33 0.82 -28.74
N LEU I 206 -1.64 1.62 -29.75
CA LEU I 206 -1.75 1.06 -31.09
C LEU I 206 -0.37 0.70 -31.62
N LYS I 207 -0.34 -0.14 -32.64
CA LYS I 207 0.91 -0.61 -33.22
C LYS I 207 0.71 -0.92 -34.68
N CYS I 208 1.65 -0.49 -35.51
CA CYS I 208 1.61 -0.68 -36.95
C CYS I 208 2.47 -1.86 -37.35
N ASN I 209 1.96 -2.70 -38.25
CA ASN I 209 2.66 -3.90 -38.68
C ASN I 209 3.21 -3.83 -40.09
N ASN I 210 2.87 -2.81 -40.87
CA ASN I 210 3.40 -2.66 -42.21
C ASN I 210 4.91 -2.51 -42.15
N LYS I 211 5.62 -3.27 -43.00
CA LYS I 211 7.07 -3.35 -42.90
C LYS I 211 7.78 -2.24 -43.63
N THR I 212 7.20 -1.69 -44.70
CA THR I 212 7.79 -0.58 -45.42
C THR I 212 7.35 0.77 -44.89
N PHE I 213 6.67 0.79 -43.73
CA PHE I 213 6.25 2.03 -43.08
C PHE I 213 7.45 2.91 -42.77
N ASN I 214 7.54 4.07 -43.43
CA ASN I 214 8.69 4.93 -43.24
C ASN I 214 8.64 5.71 -41.93
N GLY I 215 7.46 5.85 -41.32
CA GLY I 215 7.35 6.55 -40.05
C GLY I 215 6.11 7.41 -39.92
N THR I 216 5.62 7.95 -41.03
CA THR I 216 4.40 8.76 -41.03
C THR I 216 3.41 8.18 -42.02
N GLY I 217 2.29 8.87 -42.19
CA GLY I 217 1.28 8.46 -43.15
C GLY I 217 0.44 7.32 -42.66
N PRO I 218 -0.39 6.76 -43.52
CA PRO I 218 -1.34 5.72 -43.10
C PRO I 218 -0.67 4.40 -42.77
N CYS I 219 -1.46 3.43 -42.32
CA CYS I 219 -0.93 2.12 -41.94
C CYS I 219 -2.06 1.10 -42.00
N ASN I 220 -1.69 -0.16 -42.13
CA ASN I 220 -2.62 -1.27 -42.12
C ASN I 220 -2.12 -2.33 -41.14
N ASN I 221 -2.97 -3.33 -40.87
CA ASN I 221 -2.67 -4.39 -39.92
C ASN I 221 -2.39 -3.81 -38.54
N VAL I 222 -3.34 -3.03 -38.04
CA VAL I 222 -3.19 -2.38 -36.75
C VAL I 222 -3.41 -3.40 -35.63
N SER I 223 -2.55 -3.35 -34.60
CA SER I 223 -2.68 -4.24 -33.46
C SER I 223 -2.55 -3.45 -32.17
N THR I 224 -3.42 -3.75 -31.21
CA THR I 224 -3.44 -3.03 -29.93
C THR I 224 -2.65 -3.80 -28.89
N VAL I 225 -1.98 -3.05 -28.01
CA VAL I 225 -1.05 -3.60 -27.03
C VAL I 225 -1.18 -2.79 -25.76
N GLN I 226 -0.75 -3.38 -24.64
CA GLN I 226 -0.72 -2.70 -23.35
C GLN I 226 0.65 -2.13 -23.01
N CYS I 227 1.74 -2.81 -23.34
CA CYS I 227 3.08 -2.35 -22.98
C CYS I 227 4.06 -2.60 -24.10
N THR I 228 5.01 -1.69 -24.26
CA THR I 228 5.97 -1.74 -25.35
C THR I 228 6.98 -2.86 -25.10
N HIS I 229 7.99 -2.95 -25.97
CA HIS I 229 9.03 -3.96 -25.87
C HIS I 229 10.24 -3.40 -25.13
N GLY I 230 11.33 -4.16 -25.14
CA GLY I 230 12.50 -3.83 -24.36
C GLY I 230 13.43 -2.82 -24.98
N ILE I 231 13.06 -1.54 -24.91
CA ILE I 231 13.92 -0.49 -25.46
C ILE I 231 15.19 -0.36 -24.63
N LYS I 232 16.28 -0.04 -25.31
CA LYS I 232 17.58 0.14 -24.67
C LYS I 232 18.02 1.59 -24.77
N PRO I 233 18.18 2.29 -23.66
CA PRO I 233 18.62 3.70 -23.70
C PRO I 233 20.12 3.84 -23.95
N VAL I 234 20.49 3.81 -25.23
CA VAL I 234 21.88 3.90 -25.66
C VAL I 234 22.08 5.24 -26.36
N VAL I 235 23.14 5.94 -25.97
CA VAL I 235 23.49 7.23 -26.57
C VAL I 235 24.75 7.03 -27.41
N SER I 236 24.65 7.38 -28.69
CA SER I 236 25.77 7.27 -29.62
C SER I 236 25.59 8.32 -30.70
N THR I 237 26.68 8.57 -31.43
CA THR I 237 26.71 9.58 -32.48
C THR I 237 27.11 8.92 -33.79
N GLN I 238 26.45 9.31 -34.87
CA GLN I 238 26.89 9.00 -36.24
C GLN I 238 26.71 7.53 -36.58
N LEU I 239 26.37 6.69 -35.58
CA LEU I 239 26.21 5.25 -35.78
C LEU I 239 25.31 4.74 -34.66
N LEU I 240 24.06 4.41 -34.99
CA LEU I 240 23.12 3.89 -34.00
C LEU I 240 23.51 2.46 -33.63
N LEU I 241 24.13 2.28 -32.48
CA LEU I 241 24.65 0.99 -32.06
C LEU I 241 23.61 0.21 -31.25
N ASN I 242 23.62 -1.11 -31.44
CA ASN I 242 22.80 -2.04 -30.67
C ASN I 242 21.31 -1.77 -30.84
N GLY I 243 20.92 -1.21 -31.98
CA GLY I 243 19.52 -0.91 -32.22
C GLY I 243 18.74 -2.10 -32.75
N SER I 244 17.42 -1.93 -32.77
CA SER I 244 16.55 -2.93 -33.36
C SER I 244 16.72 -2.94 -34.87
N LEU I 245 16.63 -4.14 -35.47
CA LEU I 245 16.89 -4.32 -36.88
C LEU I 245 15.57 -4.32 -37.65
N ALA I 246 15.40 -3.33 -38.53
CA ALA I 246 14.25 -3.32 -39.42
C ALA I 246 14.39 -4.41 -40.46
N GLU I 247 13.30 -5.09 -40.76
CA GLU I 247 13.32 -6.22 -41.67
C GLU I 247 13.13 -5.75 -43.11
N GLU I 248 12.95 -6.70 -44.03
CA GLU I 248 12.74 -6.45 -45.44
C GLU I 248 13.86 -5.61 -46.06
N GLU I 249 13.66 -4.31 -46.18
CA GLU I 249 14.55 -3.46 -46.96
C GLU I 249 15.09 -2.31 -46.11
N ILE I 250 15.84 -1.42 -46.77
CA ILE I 250 16.43 -0.27 -46.10
C ILE I 250 15.34 0.77 -45.87
N ILE I 251 15.41 1.45 -44.72
CA ILE I 251 14.42 2.46 -44.34
C ILE I 251 15.10 3.81 -44.23
N ILE I 252 14.49 4.82 -44.85
CA ILE I 252 14.97 6.20 -44.76
C ILE I 252 13.85 7.05 -44.18
N ARG I 253 14.15 7.77 -43.10
CA ARG I 253 13.14 8.60 -42.44
C ARG I 253 13.70 9.99 -42.17
N SER I 254 12.80 10.97 -42.18
CA SER I 254 13.14 12.35 -41.89
C SER I 254 11.86 13.11 -41.61
N GLU I 255 12.01 14.36 -41.17
CA GLU I 255 10.86 15.20 -40.87
C GLU I 255 10.40 15.97 -42.10
N ASN I 256 11.28 16.78 -42.67
CA ASN I 256 10.99 17.55 -43.88
C ASN I 256 12.16 17.35 -44.83
N LEU I 257 12.02 16.41 -45.76
CA LEU I 257 13.14 16.00 -46.60
C LEU I 257 13.65 17.14 -47.46
N THR I 258 12.76 18.06 -47.88
CA THR I 258 13.20 19.18 -48.69
C THR I 258 14.20 20.05 -47.95
N ASN I 259 13.94 20.32 -46.67
CA ASN I 259 14.86 21.09 -45.86
C ASN I 259 16.16 20.32 -45.65
N ASN I 260 17.26 21.07 -45.54
CA ASN I 260 18.57 20.50 -45.28
C ASN I 260 19.02 20.73 -43.84
N ALA I 261 18.10 21.10 -42.95
CA ALA I 261 18.40 21.30 -41.55
C ALA I 261 17.81 20.22 -40.66
N LYS I 262 17.38 19.10 -41.24
CA LYS I 262 16.81 17.99 -40.48
C LYS I 262 17.64 16.74 -40.73
N THR I 263 18.05 16.09 -39.65
CA THR I 263 18.88 14.89 -39.77
C THR I 263 18.08 13.75 -40.40
N ILE I 264 18.75 13.00 -41.28
CA ILE I 264 18.15 11.86 -41.95
C ILE I 264 18.55 10.60 -41.21
N ILE I 265 17.57 9.78 -40.85
CA ILE I 265 17.80 8.55 -40.10
C ILE I 265 17.71 7.37 -41.05
N VAL I 266 18.75 6.55 -41.07
CA VAL I 266 18.87 5.40 -41.95
C VAL I 266 18.78 4.15 -41.09
N HIS I 267 17.71 3.37 -41.29
CA HIS I 267 17.50 2.12 -40.61
C HIS I 267 17.96 0.99 -41.54
N LEU I 268 18.93 0.21 -41.05
CA LEU I 268 19.61 -0.80 -41.84
C LEU I 268 18.92 -2.16 -41.71
N LYS I 269 18.94 -2.93 -42.80
CA LYS I 269 18.36 -4.26 -42.78
C LYS I 269 19.20 -5.24 -41.98
N GLU I 270 20.52 -5.22 -42.19
CA GLU I 270 21.38 -6.22 -41.58
C GLU I 270 22.44 -5.55 -40.71
N PRO I 271 22.84 -6.19 -39.61
CA PRO I 271 23.86 -5.61 -38.74
C PRO I 271 25.25 -5.71 -39.35
N VAL I 272 26.11 -4.80 -38.91
CA VAL I 272 27.52 -4.81 -39.27
C VAL I 272 28.32 -4.80 -37.97
N ASN I 273 29.19 -5.78 -37.80
CA ASN I 273 29.93 -5.91 -36.55
C ASN I 273 30.99 -4.83 -36.43
N ILE I 274 31.10 -4.26 -35.23
CA ILE I 274 32.16 -3.32 -34.88
C ILE I 274 32.88 -3.89 -33.67
N THR I 275 34.22 -3.89 -33.72
CA THR I 275 35.03 -4.50 -32.68
C THR I 275 36.19 -3.55 -32.36
N CYS I 276 36.16 -2.91 -31.20
CA CYS I 276 37.15 -1.90 -30.88
C CYS I 276 37.78 -2.18 -29.53
N GLU I 277 39.10 -2.01 -29.48
CA GLU I 277 39.94 -2.44 -28.36
C GLU I 277 41.00 -1.38 -28.09
N ARG I 278 41.30 -1.18 -26.81
CA ARG I 278 42.36 -0.26 -26.41
C ARG I 278 43.55 -1.04 -25.87
N PRO I 279 44.77 -0.83 -26.39
CA PRO I 279 45.95 -1.53 -25.91
C PRO I 279 46.55 -0.87 -24.67
N ALA I 308 44.90 2.66 -29.71
CA ALA I 308 43.48 2.32 -29.76
C ALA I 308 43.06 1.96 -31.17
N HIS I 309 42.38 0.81 -31.31
CA HIS I 309 41.94 0.31 -32.60
C HIS I 309 40.44 0.10 -32.58
N CYS I 310 39.85 0.17 -33.77
CA CYS I 310 38.39 0.07 -33.92
C CYS I 310 38.15 -0.50 -35.31
N ASN I 311 37.73 -1.76 -35.38
CA ASN I 311 37.79 -2.56 -36.59
C ASN I 311 36.40 -2.88 -37.12
N ILE I 312 36.28 -2.85 -38.45
CA ILE I 312 35.07 -3.14 -39.20
C ILE I 312 35.44 -4.07 -40.35
N SER I 313 34.47 -4.87 -40.79
CA SER I 313 34.64 -5.69 -41.99
C SER I 313 34.46 -4.83 -43.23
N ARG I 314 35.44 -4.89 -44.13
CA ARG I 314 35.46 -4.00 -45.30
C ARG I 314 34.35 -4.37 -46.29
N SER I 315 34.23 -5.65 -46.63
CA SER I 315 33.32 -6.05 -47.68
C SER I 315 31.86 -5.80 -47.29
N GLN I 316 31.48 -6.21 -46.08
CA GLN I 316 30.11 -6.02 -45.64
C GLN I 316 29.74 -4.55 -45.55
N TRP I 317 30.65 -3.73 -45.03
CA TRP I 317 30.37 -2.31 -44.95
C TRP I 317 30.27 -1.67 -46.32
N ASN I 318 31.10 -2.10 -47.27
CA ASN I 318 31.00 -1.58 -48.63
C ASN I 318 29.66 -1.95 -49.25
N LYS I 319 29.20 -3.19 -49.05
CA LYS I 319 27.90 -3.58 -49.57
C LYS I 319 26.78 -2.78 -48.91
N THR I 320 26.89 -2.54 -47.60
CA THR I 320 25.88 -1.75 -46.89
C THR I 320 25.83 -0.33 -47.42
N LEU I 321 26.99 0.28 -47.65
CA LEU I 321 27.01 1.62 -48.22
C LEU I 321 26.45 1.63 -49.64
N GLN I 322 26.71 0.57 -50.41
CA GLN I 322 26.12 0.50 -51.75
C GLN I 322 24.59 0.46 -51.66
N GLY I 323 24.05 -0.31 -50.72
CA GLY I 323 22.61 -0.34 -50.54
C GLY I 323 22.05 1.01 -50.11
N VAL I 324 22.73 1.67 -49.16
CA VAL I 324 22.29 2.99 -48.73
C VAL I 324 22.30 3.97 -49.89
N GLY I 325 23.36 3.92 -50.71
CA GLY I 325 23.46 4.82 -51.84
C GLY I 325 22.38 4.59 -52.87
N GLU I 326 22.10 3.32 -53.18
CA GLU I 326 21.06 3.05 -54.17
C GLU I 326 19.69 3.47 -53.64
N LYS I 327 19.42 3.25 -52.35
CA LYS I 327 18.15 3.69 -51.78
C LYS I 327 18.03 5.21 -51.82
N LEU I 328 19.11 5.91 -51.48
CA LEU I 328 19.08 7.37 -51.49
C LEU I 328 18.93 7.92 -52.91
N ALA I 329 19.56 7.26 -53.88
CA ALA I 329 19.37 7.66 -55.28
C ALA I 329 17.95 7.39 -55.74
N GLU I 330 17.32 6.34 -55.22
CA GLU I 330 15.90 6.13 -55.48
C GLU I 330 15.07 7.27 -54.90
N LEU I 331 15.42 7.72 -53.69
CA LEU I 331 14.66 8.80 -53.09
C LEU I 331 14.98 10.15 -53.71
N PHE I 332 16.23 10.36 -54.14
CA PHE I 332 16.63 11.62 -54.74
C PHE I 332 16.74 11.46 -56.25
N PRO I 333 15.81 12.00 -57.04
CA PRO I 333 15.89 11.81 -58.49
C PRO I 333 17.18 12.39 -59.06
N ASN I 334 17.88 11.57 -59.85
CA ASN I 334 19.19 11.90 -60.39
C ASN I 334 20.12 12.37 -59.29
N LYS I 335 20.91 13.41 -59.59
CA LYS I 335 21.73 14.11 -58.60
C LYS I 335 22.64 13.14 -57.85
N THR I 336 23.59 12.58 -58.61
CA THR I 336 24.58 11.64 -58.11
C THR I 336 25.09 12.03 -56.72
N ILE I 337 25.04 11.09 -55.79
CA ILE I 337 25.31 11.35 -54.39
C ILE I 337 26.79 11.16 -54.10
N VAL I 338 27.35 12.08 -53.31
CA VAL I 338 28.74 12.02 -52.88
C VAL I 338 28.77 12.07 -51.36
N PHE I 339 29.58 11.22 -50.75
CA PHE I 339 29.73 11.16 -49.31
C PHE I 339 31.00 11.87 -48.89
N LYS I 340 30.91 12.63 -47.80
CA LYS I 340 32.05 13.38 -47.28
C LYS I 340 32.09 13.30 -45.77
N ASN I 341 33.24 13.64 -45.20
CA ASN I 341 33.43 13.65 -43.76
C ASN I 341 32.97 14.97 -43.16
N SER I 342 33.08 15.08 -41.84
CA SER I 342 32.78 16.33 -41.16
C SER I 342 33.81 17.40 -41.54
N SER I 343 33.38 18.66 -41.50
CA SER I 343 34.17 19.73 -42.10
C SER I 343 35.14 20.39 -41.11
N GLY I 344 34.63 20.99 -40.05
CA GLY I 344 35.47 21.81 -39.20
C GLY I 344 35.13 21.85 -37.73
N GLY I 345 34.40 20.86 -37.24
CA GLY I 345 34.01 20.84 -35.85
C GLY I 345 35.20 20.62 -34.91
N ASP I 346 34.91 20.75 -33.62
CA ASP I 346 35.94 20.51 -32.61
C ASP I 346 36.23 19.01 -32.51
N LEU I 347 37.15 18.66 -31.62
CA LEU I 347 37.53 17.27 -31.40
C LEU I 347 36.40 16.44 -30.79
N GLU I 348 35.23 17.03 -30.58
CA GLU I 348 34.08 16.34 -30.00
C GLU I 348 32.98 16.06 -31.00
N ILE I 349 32.77 16.94 -31.99
CA ILE I 349 31.67 16.81 -32.92
C ILE I 349 32.18 16.17 -34.21
N THR I 350 33.46 16.41 -34.51
CA THR I 350 34.04 15.89 -35.74
C THR I 350 34.00 14.37 -35.78
N THR I 351 34.33 13.72 -34.68
CA THR I 351 34.51 12.27 -34.66
C THR I 351 33.24 11.57 -34.22
N HIS I 352 33.23 10.25 -34.40
CA HIS I 352 32.15 9.40 -33.92
C HIS I 352 32.39 9.12 -32.45
N SER I 353 31.50 9.61 -31.59
CA SER I 353 31.63 9.47 -30.15
C SER I 353 30.67 8.41 -29.66
N PHE I 354 31.18 7.44 -28.91
CA PHE I 354 30.32 6.38 -28.41
C PHE I 354 30.83 5.89 -27.06
N ASN I 355 29.97 5.13 -26.38
CA ASN I 355 30.19 4.70 -25.01
C ASN I 355 30.14 3.19 -24.92
N CYS I 356 31.09 2.62 -24.20
CA CYS I 356 31.10 1.21 -23.84
C CYS I 356 31.78 1.10 -22.48
N ARG I 357 32.24 -0.10 -22.13
CA ARG I 357 32.84 -0.34 -20.83
C ARG I 357 33.83 0.76 -20.45
N GLY I 358 33.49 1.51 -19.40
CA GLY I 358 34.41 2.47 -18.82
C GLY I 358 34.48 3.84 -19.46
N GLU I 359 35.14 3.93 -20.62
CA GLU I 359 35.58 5.21 -21.16
C GLU I 359 34.72 5.62 -22.35
N PHE I 360 35.01 6.82 -22.85
CA PHE I 360 34.36 7.39 -24.03
C PHE I 360 35.31 7.30 -25.21
N PHE I 361 34.81 6.84 -26.35
CA PHE I 361 35.63 6.67 -27.54
C PHE I 361 35.25 7.73 -28.56
N TYR I 362 36.22 8.56 -28.95
CA TYR I 362 36.06 9.56 -30.00
C TYR I 362 36.90 9.09 -31.17
N CYS I 363 36.25 8.73 -32.28
CA CYS I 363 36.95 8.03 -33.35
C CYS I 363 36.83 8.73 -34.70
N ASN I 364 37.99 8.99 -35.29
CA ASN I 364 38.16 9.65 -36.57
C ASN I 364 37.65 8.74 -37.69
N THR I 365 36.50 9.09 -38.27
CA THR I 365 35.84 8.22 -39.23
C THR I 365 36.13 8.58 -40.68
N THR I 366 36.91 9.62 -40.92
CA THR I 366 37.04 10.13 -42.28
C THR I 366 37.74 9.14 -43.20
N ASP I 367 38.41 8.13 -42.64
CA ASP I 367 39.07 7.11 -43.44
C ASP I 367 38.08 6.12 -44.06
N LEU I 368 36.82 6.11 -43.63
CA LEU I 368 35.81 5.21 -44.19
C LEU I 368 34.73 5.96 -44.95
N PHE I 369 35.10 7.06 -45.62
CA PHE I 369 34.14 7.86 -46.38
C PHE I 369 34.81 8.36 -47.65
N ASN I 370 34.23 9.42 -48.22
CA ASN I 370 34.69 10.03 -49.47
C ASN I 370 34.44 9.12 -50.67
N SER I 371 33.33 8.39 -50.64
CA SER I 371 32.92 7.56 -51.76
C SER I 371 32.01 8.36 -52.69
N THR I 372 31.53 7.72 -53.75
CA THR I 372 30.69 8.38 -54.73
C THR I 372 29.66 7.40 -55.27
N TYR I 373 28.52 7.93 -55.70
CA TYR I 373 27.45 7.13 -56.30
C TYR I 373 26.90 7.93 -57.48
N TRP I 374 27.33 7.57 -58.69
CA TRP I 374 26.83 8.25 -59.89
C TRP I 374 25.43 7.77 -60.22
N SER I 375 24.91 8.25 -61.35
CA SER I 375 23.49 8.09 -61.65
C SER I 375 23.11 6.64 -61.87
N ASN I 376 23.83 5.93 -62.74
CA ASN I 376 23.33 4.63 -63.20
C ASN I 376 23.67 3.49 -62.26
N GLY I 377 24.93 3.10 -62.19
CA GLY I 377 25.31 1.95 -61.40
C GLY I 377 26.70 1.95 -60.81
N THR I 378 27.41 3.08 -60.88
CA THR I 378 28.87 3.08 -60.79
C THR I 378 29.39 3.50 -59.42
N TYR I 379 28.75 3.06 -58.34
CA TYR I 379 29.29 3.32 -57.01
C TYR I 379 30.65 2.65 -56.86
N ILE I 380 31.71 3.45 -56.83
CA ILE I 380 33.07 2.96 -56.65
C ILE I 380 33.77 3.78 -55.59
N THR I 381 34.49 3.11 -54.70
CA THR I 381 35.22 3.78 -53.64
C THR I 381 36.65 4.07 -54.13
N GLN I 382 37.52 4.48 -53.21
CA GLN I 382 38.91 4.76 -53.55
C GLN I 382 39.81 3.59 -53.13
N SER I 386 42.80 -3.45 -49.91
CA SER I 386 43.85 -3.87 -48.99
C SER I 386 43.43 -5.12 -48.21
N SER I 387 43.11 -4.94 -46.94
CA SER I 387 42.67 -6.03 -46.07
C SER I 387 41.24 -5.79 -45.63
N ILE I 388 40.53 -6.88 -45.34
CA ILE I 388 39.13 -6.78 -44.95
C ILE I 388 38.96 -6.10 -43.59
N ASN I 389 40.01 -6.05 -42.78
CA ASN I 389 39.99 -5.26 -41.55
C ASN I 389 40.17 -3.80 -41.92
N ILE I 390 39.21 -2.95 -41.56
CA ILE I 390 39.37 -1.51 -41.64
C ILE I 390 39.40 -0.97 -40.22
N THR I 391 40.48 -0.25 -39.88
CA THR I 391 40.78 0.13 -38.52
C THR I 391 40.66 1.65 -38.36
N LEU I 392 40.16 2.07 -37.20
CA LEU I 392 40.00 3.49 -36.90
C LEU I 392 40.97 3.89 -35.81
N PRO I 393 42.01 4.69 -36.11
CA PRO I 393 42.89 5.19 -35.04
C PRO I 393 42.21 6.36 -34.34
N CYS I 394 42.02 6.23 -33.03
CA CYS I 394 41.14 7.16 -32.35
C CYS I 394 41.46 7.22 -30.86
N ARG I 395 40.79 8.14 -30.16
CA ARG I 395 41.21 8.57 -28.84
C ARG I 395 40.16 8.27 -27.77
N ILE I 396 40.62 8.34 -26.53
CA ILE I 396 39.85 7.99 -25.34
C ILE I 396 39.68 9.23 -24.49
N LYS I 397 38.47 9.46 -23.99
CA LYS I 397 38.20 10.57 -23.10
C LYS I 397 37.33 10.08 -21.94
N GLN I 398 37.54 10.70 -20.78
CA GLN I 398 36.79 10.35 -19.57
C GLN I 398 35.76 11.42 -19.25
N GLY I 417 43.24 -2.31 -18.45
CA GLY I 417 42.92 -2.15 -19.86
C GLY I 417 42.70 -3.47 -20.57
N GLN I 418 43.03 -3.50 -21.86
CA GLN I 418 42.88 -4.69 -22.70
C GLN I 418 41.43 -5.20 -22.66
N ILE I 419 40.49 -4.31 -22.96
CA ILE I 419 39.08 -4.64 -22.97
C ILE I 419 38.55 -4.49 -24.38
N THR I 420 37.49 -5.22 -24.69
CA THR I 420 36.86 -5.17 -26.00
C THR I 420 35.35 -5.07 -25.83
N CYS I 421 34.74 -4.10 -26.49
CA CYS I 421 33.28 -3.95 -26.51
C CYS I 421 32.81 -4.10 -27.95
N ILE I 422 32.15 -5.22 -28.23
CA ILE I 422 31.62 -5.52 -29.55
C ILE I 422 30.26 -4.85 -29.69
N SER I 423 29.87 -4.52 -30.91
CA SER I 423 28.55 -3.93 -31.10
C SER I 423 28.13 -4.09 -32.57
N ASN I 424 26.90 -3.67 -32.84
CA ASN I 424 26.32 -3.68 -34.18
C ASN I 424 26.12 -2.25 -34.66
N ILE I 425 26.25 -2.04 -35.96
CA ILE I 425 25.93 -0.77 -36.60
C ILE I 425 24.61 -0.98 -37.33
N THR I 426 23.53 -0.46 -36.77
CA THR I 426 22.20 -0.68 -37.30
C THR I 426 21.51 0.58 -37.79
N GLY I 427 22.14 1.74 -37.63
CA GLY I 427 21.51 2.99 -38.02
C GLY I 427 22.54 4.05 -38.34
N LEU I 428 22.17 4.93 -39.27
CA LEU I 428 23.02 6.03 -39.68
C LEU I 428 22.30 7.35 -39.47
N LEU I 429 23.06 8.39 -39.12
CA LEU I 429 22.53 9.73 -38.91
C LEU I 429 23.22 10.67 -39.90
N LEU I 430 22.64 10.81 -41.08
CA LEU I 430 23.24 11.63 -42.11
C LEU I 430 22.64 13.04 -42.10
N LEU I 431 23.27 13.94 -42.85
CA LEU I 431 22.81 15.31 -42.96
C LEU I 431 23.20 15.83 -44.34
N ARG I 432 22.26 16.51 -45.00
CA ARG I 432 22.46 16.97 -46.36
C ARG I 432 23.11 18.34 -46.35
N ASP I 433 24.26 18.45 -47.00
CA ASP I 433 24.97 19.73 -47.07
C ASP I 433 24.18 20.74 -47.88
N GLY I 434 24.18 21.99 -47.42
CA GLY I 434 23.52 23.06 -48.14
C GLY I 434 24.39 23.59 -49.26
N GLY I 435 24.50 22.83 -50.35
CA GLY I 435 25.34 23.23 -51.45
C GLY I 435 24.86 24.45 -52.21
N LYS I 436 23.57 24.81 -52.04
CA LYS I 436 22.99 25.99 -52.66
C LYS I 436 23.00 25.88 -54.18
N GLU I 437 24.18 25.86 -54.77
CA GLU I 437 24.28 25.67 -56.21
C GLU I 437 23.78 24.27 -56.60
N ALA I 438 23.16 24.19 -57.78
CA ALA I 438 22.49 22.95 -58.17
C ALA I 438 23.49 21.88 -58.58
N ASN I 439 24.25 22.12 -59.64
CA ASN I 439 25.14 21.14 -60.24
C ASN I 439 24.37 19.84 -60.49
N GLY I 440 24.98 18.70 -60.18
CA GLY I 440 24.30 17.42 -60.31
C GLY I 440 24.68 16.49 -59.18
N THR I 441 25.04 17.05 -58.04
CA THR I 441 25.52 16.28 -56.90
C THR I 441 24.86 16.76 -55.62
N GLU I 442 24.60 15.80 -54.73
CA GLU I 442 24.14 16.08 -53.37
C GLU I 442 25.16 15.50 -52.41
N ILE I 443 25.72 16.36 -51.56
CA ILE I 443 26.78 15.97 -50.64
C ILE I 443 26.15 15.69 -49.29
N PHE I 444 26.44 14.51 -48.74
CA PHE I 444 25.92 14.10 -47.43
C PHE I 444 27.09 13.91 -46.48
N ARG I 445 26.92 14.39 -45.26
CA ARG I 445 27.93 14.21 -44.22
C ARG I 445 27.25 13.69 -42.97
N PRO I 446 27.86 12.76 -42.26
CA PRO I 446 27.26 12.31 -41.00
C PRO I 446 27.21 13.47 -40.01
N GLY I 447 26.11 13.56 -39.27
CA GLY I 447 25.86 14.66 -38.37
C GLY I 447 25.55 14.19 -36.96
N GLY I 448 24.62 14.89 -36.34
CA GLY I 448 24.28 14.61 -34.95
C GLY I 448 23.37 15.67 -34.39
N GLY I 449 23.75 16.25 -33.25
CA GLY I 449 22.99 17.31 -32.64
C GLY I 449 21.90 16.81 -31.71
N ASP I 450 20.81 16.30 -32.28
CA ASP I 450 19.75 15.73 -31.46
C ASP I 450 20.15 14.35 -30.95
N MET I 451 19.68 14.01 -29.75
CA MET I 451 19.79 12.64 -29.27
C MET I 451 18.42 12.01 -29.05
N ARG I 452 17.34 12.68 -29.46
CA ARG I 452 16.04 12.04 -29.47
C ARG I 452 15.87 11.09 -30.65
N ASP I 453 16.75 11.19 -31.65
CA ASP I 453 16.69 10.25 -32.76
C ASP I 453 17.16 8.86 -32.36
N ASN I 454 18.01 8.77 -31.33
CA ASN I 454 18.43 7.47 -30.84
C ASN I 454 17.26 6.64 -30.33
N TRP I 455 16.17 7.29 -29.91
CA TRP I 455 14.98 6.58 -29.47
C TRP I 455 13.94 6.43 -30.58
N ARG I 456 13.88 7.37 -31.53
CA ARG I 456 12.82 7.38 -32.52
C ARG I 456 12.90 6.22 -33.49
N SER I 457 14.00 5.46 -33.49
CA SER I 457 14.11 4.34 -34.41
C SER I 457 13.25 3.16 -33.99
N GLU I 458 13.01 2.99 -32.69
CA GLU I 458 12.17 1.91 -32.19
C GLU I 458 10.85 2.41 -31.61
N LEU I 459 10.51 3.68 -31.80
CA LEU I 459 9.26 4.23 -31.29
C LEU I 459 8.45 4.87 -32.41
N TYR I 460 8.64 4.41 -33.63
CA TYR I 460 7.94 4.97 -34.79
C TYR I 460 6.63 4.26 -35.09
N LYS I 461 6.23 3.28 -34.29
CA LYS I 461 5.00 2.54 -34.54
C LYS I 461 4.05 2.53 -33.35
N TYR I 462 4.38 3.19 -32.25
CA TYR I 462 3.54 3.19 -31.06
C TYR I 462 2.87 4.55 -30.90
N LYS I 463 1.55 4.54 -30.71
CA LYS I 463 0.81 5.73 -30.35
C LYS I 463 -0.17 5.37 -29.25
N VAL I 464 -0.57 6.36 -28.46
CA VAL I 464 -1.42 6.15 -27.29
C VAL I 464 -2.82 6.67 -27.62
N VAL I 465 -3.83 5.85 -27.34
CA VAL I 465 -5.22 6.17 -27.66
C VAL I 465 -6.06 6.07 -26.39
N GLU I 466 -7.07 6.92 -26.31
CA GLU I 466 -7.98 7.01 -25.17
C GLU I 466 -9.31 6.39 -25.51
N ILE I 467 -9.78 5.47 -24.67
CA ILE I 467 -11.05 4.80 -24.88
C ILE I 467 -12.19 5.74 -24.52
N LYS I 468 -13.22 5.77 -25.37
CA LYS I 468 -14.44 6.54 -25.13
C LYS I 468 -15.62 5.59 -25.28
N PRO I 469 -15.91 4.80 -24.23
CA PRO I 469 -16.89 3.72 -24.39
C PRO I 469 -18.28 4.16 -24.82
N LEU I 470 -18.73 5.33 -24.36
CA LEU I 470 -20.09 5.75 -24.65
C LEU I 470 -20.26 6.08 -26.12
N GLY I 471 -21.45 5.82 -26.64
CA GLY I 471 -21.77 6.21 -28.01
C GLY I 471 -23.26 6.36 -28.17
N VAL I 472 -23.65 7.05 -29.24
CA VAL I 472 -25.04 7.31 -29.55
C VAL I 472 -25.32 6.90 -30.99
N ALA I 473 -26.51 6.36 -31.24
CA ALA I 473 -26.85 5.97 -32.60
C ALA I 473 -28.36 5.96 -32.77
N PRO I 474 -28.88 6.36 -33.92
CA PRO I 474 -30.34 6.35 -34.13
C PRO I 474 -30.86 4.99 -34.58
N THR I 475 -32.10 4.71 -34.17
CA THR I 475 -32.74 3.45 -34.51
C THR I 475 -34.25 3.60 -34.30
N LYS I 476 -34.97 2.53 -34.58
CA LYS I 476 -36.43 2.49 -34.41
C LYS I 476 -36.77 1.85 -33.07
N CYS I 477 -36.38 2.54 -32.01
CA CYS I 477 -36.57 2.08 -30.65
C CYS I 477 -37.87 2.55 -30.02
N ARG I 478 -38.68 3.31 -30.76
CA ARG I 478 -39.93 3.89 -30.28
C ARG I 478 -39.77 4.60 -28.93
N GLY J 3 -8.28 -7.22 -13.07
CA GLY J 3 -9.57 -7.83 -12.81
C GLY J 3 -10.73 -7.06 -13.41
N ILE J 4 -10.64 -5.73 -13.34
CA ILE J 4 -11.66 -4.84 -13.89
C ILE J 4 -11.12 -3.97 -15.01
N GLY J 5 -9.89 -3.46 -14.86
CA GLY J 5 -9.34 -2.57 -15.86
C GLY J 5 -9.15 -3.23 -17.21
N ALA J 6 -8.81 -4.52 -17.20
CA ALA J 6 -8.55 -5.23 -18.45
C ALA J 6 -9.75 -5.17 -19.40
N VAL J 7 -10.95 -5.00 -18.85
CA VAL J 7 -12.14 -4.85 -19.69
C VAL J 7 -11.95 -3.72 -20.70
N PHE J 8 -11.46 -2.58 -20.21
CA PHE J 8 -11.25 -1.42 -21.07
C PHE J 8 -10.27 -1.72 -22.20
N LEU J 9 -9.41 -2.74 -22.04
CA LEU J 9 -8.54 -3.16 -23.12
C LEU J 9 -9.18 -4.20 -24.02
N GLY J 10 -10.00 -5.08 -23.45
CA GLY J 10 -10.80 -5.98 -24.27
C GLY J 10 -11.95 -5.32 -24.97
N PHE J 11 -12.12 -4.01 -24.73
CA PHE J 11 -13.22 -3.26 -25.29
C PHE J 11 -13.13 -3.13 -26.80
N LEU J 12 -11.96 -3.40 -27.37
CA LEU J 12 -11.63 -3.08 -28.75
C LEU J 12 -11.62 -4.31 -29.65
N GLY J 13 -12.19 -5.42 -29.20
CA GLY J 13 -12.11 -6.65 -29.97
C GLY J 13 -12.82 -6.56 -31.32
N ALA J 14 -14.00 -5.96 -31.33
CA ALA J 14 -14.81 -5.86 -32.55
C ALA J 14 -14.68 -4.50 -33.21
N ALA J 15 -13.49 -3.90 -33.16
CA ALA J 15 -13.29 -2.58 -33.75
C ALA J 15 -13.43 -2.59 -35.27
N GLY J 16 -13.20 -3.72 -35.91
CA GLY J 16 -13.24 -3.78 -37.36
C GLY J 16 -14.60 -4.11 -37.93
N SER J 17 -15.41 -4.83 -37.17
CA SER J 17 -16.72 -5.25 -37.68
C SER J 17 -17.66 -4.05 -37.80
N THR J 18 -18.69 -4.21 -38.61
CA THR J 18 -19.70 -3.19 -38.76
C THR J 18 -20.56 -3.10 -37.51
N MET J 19 -21.54 -2.19 -37.54
CA MET J 19 -22.43 -2.04 -36.38
C MET J 19 -23.29 -3.29 -36.18
N GLY J 20 -23.73 -3.92 -37.26
CA GLY J 20 -24.58 -5.09 -37.12
C GLY J 20 -23.92 -6.22 -36.33
N ALA J 21 -22.63 -6.47 -36.59
CA ALA J 21 -21.90 -7.51 -35.89
C ALA J 21 -21.28 -7.03 -34.59
N ALA J 22 -21.29 -5.72 -34.32
CA ALA J 22 -20.75 -5.20 -33.08
C ALA J 22 -21.81 -5.05 -32.00
N SER J 23 -23.05 -4.75 -32.38
CA SER J 23 -24.12 -4.60 -31.40
C SER J 23 -24.60 -5.93 -30.85
N ILE J 24 -24.48 -7.01 -31.64
CA ILE J 24 -24.97 -8.31 -31.20
C ILE J 24 -24.08 -8.87 -30.09
N THR J 25 -22.77 -8.74 -30.23
CA THR J 25 -21.82 -9.35 -29.31
C THR J 25 -21.56 -8.51 -28.07
N LEU J 26 -22.23 -7.37 -27.92
CA LEU J 26 -21.89 -6.42 -26.85
C LEU J 26 -22.13 -7.03 -25.47
N THR J 27 -23.27 -7.71 -25.30
CA THR J 27 -23.62 -8.26 -24.00
C THR J 27 -22.60 -9.29 -23.55
N VAL J 28 -22.31 -10.27 -24.41
CA VAL J 28 -21.35 -11.30 -24.06
C VAL J 28 -19.96 -10.70 -23.88
N GLN J 29 -19.61 -9.68 -24.69
CA GLN J 29 -18.32 -9.04 -24.53
C GLN J 29 -18.18 -8.44 -23.14
N ALA J 30 -19.13 -7.62 -22.73
CA ALA J 30 -19.01 -6.92 -21.45
C ALA J 30 -19.08 -7.92 -20.30
N ARG J 31 -20.01 -8.87 -20.35
CA ARG J 31 -20.20 -9.79 -19.23
C ARG J 31 -19.00 -10.70 -19.07
N GLN J 32 -18.49 -11.28 -20.16
CA GLN J 32 -17.33 -12.15 -20.06
C GLN J 32 -16.06 -11.36 -19.77
N LEU J 33 -16.03 -10.08 -20.14
CA LEU J 33 -14.86 -9.26 -19.83
C LEU J 33 -14.77 -8.96 -18.34
N LEU J 34 -15.88 -8.54 -17.73
CA LEU J 34 -15.81 -8.20 -16.31
C LEU J 34 -15.71 -9.44 -15.44
N SER J 35 -16.24 -10.58 -15.91
CA SER J 35 -16.13 -11.80 -15.14
C SER J 35 -14.77 -12.46 -15.36
N GLY J 36 -13.70 -11.70 -15.18
CA GLY J 36 -12.36 -12.22 -15.28
C GLY J 36 -11.83 -12.67 -13.94
N ILE J 37 -12.34 -13.79 -13.44
CA ILE J 37 -11.97 -14.26 -12.11
C ILE J 37 -10.50 -14.65 -12.11
N VAL J 38 -9.72 -14.02 -11.21
CA VAL J 38 -8.29 -14.25 -11.11
C VAL J 38 -7.83 -13.73 -9.75
N GLN J 39 -6.66 -14.17 -9.31
CA GLN J 39 -6.08 -13.74 -8.04
C GLN J 39 -6.07 -12.22 -7.91
N ALA J 50 17.41 -10.13 0.78
CA ALA J 50 17.33 -9.72 2.18
C ALA J 50 16.06 -8.93 2.46
N GLN J 51 16.03 -8.23 3.60
CA GLN J 51 14.87 -7.43 3.94
C GLN J 51 14.69 -6.25 2.99
N GLN J 52 15.75 -5.80 2.33
CA GLN J 52 15.60 -4.77 1.31
C GLN J 52 14.75 -5.28 0.15
N HIS J 53 14.95 -6.54 -0.24
CA HIS J 53 14.09 -7.14 -1.25
C HIS J 53 12.68 -7.36 -0.73
N LEU J 54 12.52 -7.63 0.57
CA LEU J 54 11.20 -7.78 1.14
C LEU J 54 10.43 -6.46 1.14
N LEU J 55 11.14 -5.34 1.32
CA LEU J 55 10.48 -4.04 1.26
C LEU J 55 9.86 -3.79 -0.11
N GLN J 56 10.46 -4.37 -1.16
CA GLN J 56 10.07 -4.06 -2.53
C GLN J 56 8.68 -4.58 -2.87
N LEU J 57 8.14 -5.52 -2.08
CA LEU J 57 6.79 -6.02 -2.33
C LEU J 57 5.75 -4.92 -2.17
N THR J 58 5.97 -4.01 -1.22
CA THR J 58 5.00 -2.94 -0.98
C THR J 58 4.92 -2.00 -2.18
N VAL J 59 6.07 -1.60 -2.72
CA VAL J 59 6.06 -0.76 -3.91
C VAL J 59 5.63 -1.54 -5.14
N TRP J 60 5.77 -2.87 -5.14
CA TRP J 60 5.14 -3.68 -6.17
C TRP J 60 3.63 -3.50 -6.13
N GLY J 61 3.03 -3.68 -4.95
CA GLY J 61 1.58 -3.71 -4.85
C GLY J 61 0.90 -2.36 -4.88
N ILE J 62 1.60 -1.29 -4.50
CA ILE J 62 0.98 0.03 -4.48
C ILE J 62 0.54 0.44 -5.88
N LYS J 63 1.40 0.22 -6.88
CA LYS J 63 1.05 0.63 -8.23
C LYS J 63 -0.15 -0.15 -8.76
N GLN J 64 -0.18 -1.45 -8.51
CA GLN J 64 -1.32 -2.26 -8.95
C GLN J 64 -2.61 -1.84 -8.27
N LEU J 65 -2.53 -1.54 -6.97
CA LEU J 65 -3.71 -1.06 -6.26
C LEU J 65 -4.18 0.28 -6.83
N GLN J 66 -3.26 1.17 -7.15
CA GLN J 66 -3.63 2.44 -7.74
C GLN J 66 -4.32 2.23 -9.09
N THR J 67 -3.80 1.31 -9.90
CA THR J 67 -4.43 1.03 -11.19
C THR J 67 -5.84 0.51 -11.01
N ARG J 68 -6.03 -0.43 -10.08
CA ARG J 68 -7.36 -1.00 -9.86
C ARG J 68 -8.33 0.07 -9.37
N VAL J 69 -7.88 0.93 -8.45
CA VAL J 69 -8.75 1.99 -7.95
C VAL J 69 -9.09 2.97 -9.07
N LEU J 70 -8.13 3.27 -9.94
CA LEU J 70 -8.40 4.17 -11.06
C LEU J 70 -9.47 3.57 -11.97
N ALA J 71 -9.36 2.28 -12.27
CA ALA J 71 -10.38 1.64 -13.09
C ALA J 71 -11.74 1.69 -12.40
N ILE J 72 -11.77 1.49 -11.08
CA ILE J 72 -13.04 1.50 -10.36
C ILE J 72 -13.70 2.87 -10.44
N GLU J 73 -12.92 3.94 -10.22
CA GLU J 73 -13.54 5.25 -10.28
C GLU J 73 -13.94 5.64 -11.70
N ARG J 74 -13.20 5.19 -12.71
CA ARG J 74 -13.66 5.42 -14.09
C ARG J 74 -15.01 4.74 -14.33
N TYR J 75 -15.15 3.49 -13.88
CA TYR J 75 -16.41 2.79 -14.02
C TYR J 75 -17.53 3.54 -13.31
N LEU J 76 -17.28 3.98 -12.08
CA LEU J 76 -18.33 4.67 -11.33
C LEU J 76 -18.74 5.98 -12.00
N LYS J 77 -17.75 6.74 -12.49
CA LYS J 77 -18.05 8.00 -13.17
C LYS J 77 -18.91 7.75 -14.40
N ASP J 78 -18.53 6.78 -15.22
CA ASP J 78 -19.28 6.52 -16.44
C ASP J 78 -20.69 6.02 -16.12
N GLN J 79 -20.83 5.18 -15.08
CA GLN J 79 -22.14 4.69 -14.72
C GLN J 79 -23.04 5.83 -14.21
N GLN J 80 -22.47 6.76 -13.45
CA GLN J 80 -23.27 7.93 -13.06
C GLN J 80 -23.71 8.72 -14.29
N LEU J 81 -22.79 8.90 -15.25
CA LEU J 81 -23.15 9.64 -16.46
C LEU J 81 -24.28 8.95 -17.20
N LEU J 82 -24.24 7.62 -17.29
CA LEU J 82 -25.35 6.89 -17.88
C LEU J 82 -26.64 7.09 -17.09
N GLY J 83 -26.54 7.04 -15.76
CA GLY J 83 -27.72 7.14 -14.93
C GLY J 83 -28.38 8.50 -14.95
N ILE J 84 -27.64 9.56 -15.28
CA ILE J 84 -28.24 10.88 -15.38
C ILE J 84 -29.32 10.87 -16.45
N TRP J 85 -29.08 10.19 -17.57
CA TRP J 85 -30.07 10.04 -18.62
C TRP J 85 -31.07 8.96 -18.20
N GLY J 86 -31.91 8.52 -19.14
CA GLY J 86 -32.89 7.50 -18.84
C GLY J 86 -32.36 6.08 -18.95
N CYS J 87 -31.13 5.85 -18.50
CA CYS J 87 -30.50 4.54 -18.56
C CYS J 87 -29.78 4.29 -17.25
N SER J 88 -30.36 3.44 -16.39
CA SER J 88 -29.80 3.23 -15.07
C SER J 88 -28.49 2.45 -15.13
N GLY J 89 -28.55 1.21 -15.62
CA GLY J 89 -27.35 0.39 -15.72
C GLY J 89 -27.35 -0.46 -16.97
N LYS J 90 -28.37 -0.30 -17.80
CA LYS J 90 -28.51 -1.12 -19.00
C LYS J 90 -27.45 -0.76 -20.02
N LEU J 91 -27.21 -1.70 -20.95
CA LEU J 91 -26.22 -1.48 -22.00
C LEU J 91 -26.88 -0.90 -23.25
N ILE J 92 -27.82 -1.63 -23.84
CA ILE J 92 -28.54 -1.17 -25.03
C ILE J 92 -29.77 -0.44 -24.51
N CYS J 93 -29.59 0.84 -24.18
CA CYS J 93 -30.67 1.63 -23.59
C CYS J 93 -31.51 2.29 -24.67
N CYS J 94 -32.62 2.87 -24.24
CA CYS J 94 -33.54 3.56 -25.13
C CYS J 94 -33.89 4.93 -24.56
N THR J 95 -34.08 5.90 -25.45
CA THR J 95 -34.42 7.25 -25.05
C THR J 95 -35.47 7.80 -26.02
N ALA J 96 -36.24 8.78 -25.56
CA ALA J 96 -37.39 9.30 -26.29
C ALA J 96 -37.08 10.60 -27.04
N VAL J 97 -35.82 10.94 -27.21
CA VAL J 97 -35.46 12.15 -27.96
C VAL J 97 -35.56 11.85 -29.45
N PRO J 98 -36.32 12.64 -30.21
CA PRO J 98 -36.40 12.41 -31.66
C PRO J 98 -35.08 12.69 -32.35
N TRP J 99 -34.87 11.99 -33.46
CA TRP J 99 -33.65 12.11 -34.26
C TRP J 99 -33.97 12.94 -35.49
N ASN J 100 -33.58 14.21 -35.47
CA ASN J 100 -33.80 15.08 -36.61
C ASN J 100 -32.83 14.77 -37.74
N SER J 101 -33.24 15.10 -38.96
CA SER J 101 -32.41 14.80 -40.12
C SER J 101 -31.20 15.71 -40.23
N SER J 102 -31.17 16.82 -39.49
CA SER J 102 -30.06 17.76 -39.62
C SER J 102 -28.76 17.12 -39.14
N TRP J 103 -28.81 16.32 -38.09
CA TRP J 103 -27.60 15.68 -37.58
C TRP J 103 -26.99 14.75 -38.62
N SER J 104 -27.82 13.94 -39.27
CA SER J 104 -27.37 13.08 -40.35
C SER J 104 -28.57 12.56 -41.14
N ASN J 105 -28.53 12.71 -42.46
CA ASN J 105 -29.62 12.29 -43.32
C ASN J 105 -29.40 10.91 -43.93
N LYS J 106 -28.32 10.23 -43.58
CA LYS J 106 -28.03 8.92 -44.14
C LYS J 106 -29.07 7.90 -43.67
N SER J 107 -29.44 6.99 -44.57
CA SER J 107 -30.47 6.02 -44.25
C SER J 107 -29.99 5.02 -43.21
N GLN J 108 -30.95 4.34 -42.60
CA GLN J 108 -30.63 3.41 -41.52
C GLN J 108 -29.80 2.24 -42.02
N THR J 109 -30.18 1.66 -43.16
CA THR J 109 -29.56 0.41 -43.57
C THR J 109 -28.09 0.58 -43.89
N GLU J 110 -27.70 1.68 -44.56
CA GLU J 110 -26.31 1.82 -44.95
C GLU J 110 -25.41 1.93 -43.73
N ILE J 111 -25.81 2.74 -42.75
CA ILE J 111 -25.02 2.85 -41.54
C ILE J 111 -25.05 1.55 -40.75
N TRP J 112 -26.13 0.77 -40.85
CA TRP J 112 -26.24 -0.40 -40.00
C TRP J 112 -25.64 -1.67 -40.58
N ASN J 113 -25.22 -1.70 -41.84
CA ASN J 113 -24.38 -2.84 -42.23
C ASN J 113 -23.13 -2.45 -43.01
N ASN J 114 -22.85 -1.15 -43.20
CA ASN J 114 -21.72 -0.75 -44.02
C ASN J 114 -20.74 0.17 -43.32
N MET J 115 -21.13 0.84 -42.23
CA MET J 115 -20.28 1.82 -41.57
C MET J 115 -19.86 1.31 -40.21
N THR J 116 -18.55 1.29 -39.96
CA THR J 116 -18.05 0.93 -38.65
C THR J 116 -18.35 2.05 -37.65
N TRP J 117 -18.19 1.73 -36.38
CA TRP J 117 -18.55 2.67 -35.33
C TRP J 117 -17.69 3.93 -35.39
N MET J 118 -16.38 3.77 -35.62
CA MET J 118 -15.47 4.90 -35.61
C MET J 118 -15.75 5.85 -36.77
N GLN J 119 -16.11 5.32 -37.93
CA GLN J 119 -16.49 6.19 -39.04
C GLN J 119 -17.69 7.04 -38.67
N TRP J 120 -18.66 6.44 -37.98
CA TRP J 120 -19.79 7.20 -37.48
C TRP J 120 -19.36 8.25 -36.48
N ASP J 121 -18.42 7.90 -35.59
CA ASP J 121 -17.91 8.85 -34.62
C ASP J 121 -17.30 10.06 -35.33
N ARG J 122 -16.45 9.81 -36.33
CA ARG J 122 -15.84 10.90 -37.07
C ARG J 122 -16.87 11.74 -37.80
N GLU J 123 -17.90 11.10 -38.36
CA GLU J 123 -18.94 11.85 -39.05
C GLU J 123 -19.71 12.75 -38.07
N ILE J 124 -20.02 12.24 -36.88
CA ILE J 124 -20.95 12.91 -35.97
C ILE J 124 -20.24 13.64 -34.85
N ASN J 125 -18.90 13.68 -34.85
CA ASN J 125 -18.16 14.21 -33.71
C ASN J 125 -18.46 15.68 -33.43
N ASN J 126 -18.97 16.42 -34.42
CA ASN J 126 -19.24 17.84 -34.22
C ASN J 126 -20.54 18.09 -33.46
N TYR J 127 -21.46 17.13 -33.42
CA TYR J 127 -22.79 17.35 -32.88
C TYR J 127 -23.04 16.63 -31.56
N THR J 128 -22.00 16.06 -30.93
CA THR J 128 -22.24 15.18 -29.78
C THR J 128 -22.71 15.95 -28.56
N ASP J 129 -22.22 17.17 -28.35
CA ASP J 129 -22.56 17.91 -27.13
C ASP J 129 -24.02 18.34 -27.14
N ILE J 130 -24.52 18.76 -28.30
CA ILE J 130 -25.95 19.09 -28.41
C ILE J 130 -26.78 17.86 -28.09
N ILE J 131 -26.35 16.69 -28.56
CA ILE J 131 -27.08 15.45 -28.28
C ILE J 131 -27.10 15.18 -26.78
N TYR J 132 -25.95 15.34 -26.12
CA TYR J 132 -25.89 15.08 -24.68
C TYR J 132 -26.82 16.03 -23.92
N ARG J 133 -26.76 17.32 -24.24
CA ARG J 133 -27.61 18.28 -23.55
C ARG J 133 -29.08 18.00 -23.80
N LEU J 134 -29.44 17.67 -25.05
CA LEU J 134 -30.83 17.40 -25.36
C LEU J 134 -31.32 16.16 -24.61
N LEU J 135 -30.50 15.11 -24.55
CA LEU J 135 -30.89 13.92 -23.79
C LEU J 135 -31.15 14.26 -22.34
N GLU J 136 -30.20 14.96 -21.70
CA GLU J 136 -30.35 15.26 -20.28
C GLU J 136 -31.57 16.12 -20.01
N GLU J 137 -31.76 17.18 -20.81
CA GLU J 137 -32.88 18.08 -20.56
C GLU J 137 -34.22 17.43 -20.87
N SER J 138 -34.30 16.57 -21.89
CA SER J 138 -35.55 15.86 -22.15
C SER J 138 -35.88 14.88 -21.04
N GLN J 139 -34.86 14.19 -20.51
CA GLN J 139 -35.10 13.31 -19.37
C GLN J 139 -35.61 14.10 -18.17
N ASN J 140 -35.00 15.26 -17.90
CA ASN J 140 -35.43 16.08 -16.78
C ASN J 140 -36.86 16.57 -16.97
N GLN J 141 -37.20 17.00 -18.19
CA GLN J 141 -38.55 17.46 -18.46
C GLN J 141 -39.56 16.33 -18.31
N GLN J 142 -39.22 15.14 -18.80
CA GLN J 142 -40.11 14.00 -18.68
C GLN J 142 -40.33 13.63 -17.22
N GLU J 143 -39.28 13.71 -16.40
CA GLU J 143 -39.44 13.43 -14.98
C GLU J 143 -40.40 14.42 -14.33
N ASN J 144 -40.29 15.70 -14.69
CA ASN J 144 -41.17 16.72 -14.14
C ASN J 144 -42.51 16.73 -14.87
N GLN K 1 11.16 26.32 -10.98
CA GLN K 1 11.86 25.15 -10.46
C GLN K 1 13.36 25.40 -10.47
N VAL K 2 13.95 25.34 -11.65
CA VAL K 2 15.37 25.62 -11.82
C VAL K 2 15.59 27.12 -11.87
N GLN K 3 16.41 27.65 -10.99
CA GLN K 3 16.64 29.09 -10.93
C GLN K 3 18.05 29.38 -10.42
N LEU K 4 18.63 30.45 -10.96
CA LEU K 4 19.92 30.96 -10.53
C LEU K 4 19.72 32.33 -9.90
N VAL K 5 20.17 32.49 -8.66
CA VAL K 5 20.02 33.73 -7.92
C VAL K 5 21.41 34.35 -7.75
N GLN K 6 21.52 35.63 -8.13
CA GLN K 6 22.78 36.35 -8.09
C GLN K 6 22.86 37.23 -6.85
N SER K 7 23.98 37.93 -6.72
CA SER K 7 24.16 38.89 -5.65
C SER K 7 23.67 40.28 -6.07
N GLY K 8 23.66 41.20 -5.12
CA GLY K 8 23.20 42.55 -5.41
C GLY K 8 24.17 43.32 -6.27
N ALA K 9 23.69 44.45 -6.80
CA ALA K 9 24.52 45.31 -7.62
C ALA K 9 25.56 46.02 -6.77
N GLU K 10 26.82 45.97 -7.21
CA GLU K 10 27.95 46.55 -6.49
C GLU K 10 28.57 47.72 -7.24
N VAL K 11 29.10 48.66 -6.48
CA VAL K 11 29.93 49.74 -6.97
C VAL K 11 31.31 49.59 -6.34
N LYS K 12 32.35 49.68 -7.15
CA LYS K 12 33.72 49.44 -6.72
C LYS K 12 34.64 50.53 -7.25
N LYS K 13 35.74 50.73 -6.54
CA LYS K 13 36.76 51.68 -6.93
C LYS K 13 37.64 51.10 -8.03
N PRO K 14 38.26 51.96 -8.85
CA PRO K 14 39.20 51.46 -9.85
C PRO K 14 40.37 50.74 -9.20
N GLY K 15 40.82 49.67 -9.85
CA GLY K 15 41.92 48.87 -9.35
C GLY K 15 41.56 47.89 -8.25
N ALA K 16 40.29 47.82 -7.87
CA ALA K 16 39.82 46.93 -6.81
C ALA K 16 39.44 45.59 -7.41
N SER K 17 38.75 44.76 -6.62
CA SER K 17 38.28 43.46 -7.06
C SER K 17 36.80 43.29 -6.72
N VAL K 18 36.07 42.61 -7.60
CA VAL K 18 34.64 42.37 -7.43
C VAL K 18 34.41 40.87 -7.40
N LYS K 19 33.63 40.42 -6.42
CA LYS K 19 33.31 39.02 -6.24
C LYS K 19 31.81 38.85 -6.28
N VAL K 20 31.32 38.02 -7.20
CA VAL K 20 29.89 37.84 -7.44
C VAL K 20 29.54 36.37 -7.29
N SER K 21 28.44 36.10 -6.60
CA SER K 21 27.99 34.75 -6.32
C SER K 21 26.76 34.41 -7.16
N CYS K 22 26.56 33.11 -7.38
CA CYS K 22 25.44 32.61 -8.17
C CYS K 22 25.02 31.28 -7.57
N LYS K 23 23.82 31.25 -6.96
CA LYS K 23 23.29 30.06 -6.32
C LYS K 23 22.30 29.37 -7.25
N ALA K 24 22.42 28.05 -7.36
CA ALA K 24 21.59 27.25 -8.25
C ALA K 24 20.58 26.44 -7.44
N SER K 25 19.36 26.36 -7.95
CA SER K 25 18.30 25.59 -7.29
C SER K 25 17.45 24.89 -8.33
N GLY K 26 16.83 23.79 -7.92
CA GLY K 26 15.94 23.05 -8.77
C GLY K 26 16.57 21.93 -9.59
N TYR K 27 17.86 21.70 -9.44
CA TYR K 27 18.54 20.66 -10.20
C TYR K 27 19.84 20.31 -9.49
N THR K 28 20.48 19.23 -9.97
CA THR K 28 21.75 18.78 -9.41
C THR K 28 22.87 19.66 -9.95
N PHE K 29 23.43 20.50 -9.08
CA PHE K 29 24.45 21.45 -9.50
C PHE K 29 25.72 20.77 -10.00
N THR K 30 25.96 19.53 -9.59
CA THR K 30 27.18 18.83 -9.98
C THR K 30 27.09 18.22 -11.37
N SER K 31 25.93 18.29 -12.03
CA SER K 31 25.71 17.61 -13.31
C SER K 31 25.74 18.58 -14.49
N TYR K 32 26.24 19.80 -14.30
CA TYR K 32 26.31 20.76 -15.39
C TYR K 32 27.53 21.67 -15.17
N ASP K 33 27.73 22.57 -16.12
CA ASP K 33 28.76 23.61 -16.03
C ASP K 33 28.10 24.95 -15.73
N ILE K 34 28.93 25.95 -15.44
CA ILE K 34 28.46 27.29 -15.14
C ILE K 34 29.30 28.29 -15.93
N THR K 35 28.63 29.14 -16.70
CA THR K 35 29.29 30.15 -17.50
C THR K 35 28.82 31.54 -17.07
N TRP K 36 29.65 32.54 -17.37
CA TRP K 36 29.36 33.92 -17.03
C TRP K 36 29.52 34.79 -18.27
N VAL K 37 28.59 35.73 -18.45
CA VAL K 37 28.60 36.62 -19.61
C VAL K 37 28.24 38.03 -19.16
N ARG K 38 28.94 39.01 -19.68
CA ARG K 38 28.72 40.40 -19.30
C ARG K 38 28.11 41.19 -20.46
N GLN K 39 27.23 42.12 -20.13
CA GLN K 39 26.66 43.06 -21.07
C GLN K 39 26.91 44.47 -20.57
N ALA K 40 27.64 45.25 -21.36
CA ALA K 40 27.91 46.64 -21.02
C ALA K 40 26.71 47.51 -21.37
N PRO K 41 26.57 48.66 -20.71
CA PRO K 41 25.52 49.61 -21.10
C PRO K 41 25.66 49.98 -22.57
N GLY K 42 24.65 49.63 -23.36
CA GLY K 42 24.71 49.79 -24.80
C GLY K 42 24.21 48.57 -25.52
N GLN K 43 25.07 47.92 -26.30
CA GLN K 43 24.69 46.73 -27.04
C GLN K 43 25.86 45.76 -27.09
N GLY K 44 25.54 44.47 -26.98
CA GLY K 44 26.58 43.44 -27.12
C GLY K 44 26.76 42.62 -25.86
N LEU K 45 26.82 41.31 -26.04
CA LEU K 45 27.12 40.37 -24.96
C LEU K 45 28.46 39.70 -25.25
N GLU K 46 29.38 39.77 -24.29
CA GLU K 46 30.71 39.21 -24.44
C GLU K 46 30.89 38.03 -23.49
N TRP K 47 31.27 36.89 -24.05
CA TRP K 47 31.44 35.66 -23.27
C TRP K 47 32.73 35.74 -22.45
N MET K 48 32.59 35.65 -21.13
CA MET K 48 33.77 35.65 -20.27
C MET K 48 34.38 34.26 -20.18
N GLY K 49 33.58 33.26 -19.83
CA GLY K 49 34.09 31.90 -19.73
C GLY K 49 33.09 31.00 -19.06
N TRP K 50 33.55 29.77 -18.83
CA TRP K 50 32.77 28.73 -18.17
C TRP K 50 33.70 27.86 -17.34
N ILE K 51 33.11 27.17 -16.36
CA ILE K 51 33.85 26.27 -15.49
C ILE K 51 32.96 25.07 -15.16
N SER K 52 33.59 23.94 -14.92
CA SER K 52 32.89 22.69 -14.64
C SER K 52 32.63 22.56 -13.15
N ALA K 53 31.39 22.23 -12.80
CA ALA K 53 31.02 22.02 -11.41
C ALA K 53 31.37 20.62 -10.91
N TYR K 54 31.77 19.72 -11.80
CA TYR K 54 32.15 18.36 -11.42
C TYR K 54 33.66 18.15 -11.46
N ASN K 55 34.29 18.41 -12.60
CA ASN K 55 35.74 18.26 -12.69
C ASN K 55 36.46 19.45 -12.05
N GLY K 56 35.90 20.65 -12.19
CA GLY K 56 36.56 21.85 -11.73
C GLY K 56 37.38 22.57 -12.77
N ASP K 57 37.40 22.08 -14.01
CA ASP K 57 38.14 22.73 -15.07
C ASP K 57 37.52 24.08 -15.39
N THR K 58 38.37 25.04 -15.76
CA THR K 58 37.96 26.38 -16.10
C THR K 58 38.47 26.74 -17.49
N ASN K 59 37.70 27.56 -18.19
CA ASN K 59 38.08 28.07 -19.50
C ASN K 59 37.59 29.51 -19.59
N TYR K 60 38.52 30.45 -19.71
CA TYR K 60 38.24 31.87 -19.72
C TYR K 60 38.45 32.44 -21.12
N ALA K 61 37.99 33.68 -21.30
CA ALA K 61 38.24 34.38 -22.55
C ALA K 61 39.71 34.76 -22.66
N GLN K 62 40.17 34.93 -23.90
CA GLN K 62 41.58 35.24 -24.13
C GLN K 62 41.91 36.67 -23.76
N ARG K 63 40.97 37.60 -23.94
CA ARG K 63 41.23 38.99 -23.57
C ARG K 63 41.42 39.14 -22.07
N LEU K 64 40.60 38.44 -21.28
CA LEU K 64 40.74 38.43 -19.82
C LEU K 64 41.89 37.48 -19.49
N GLN K 65 43.11 38.04 -19.47
CA GLN K 65 44.31 37.22 -19.31
C GLN K 65 44.32 36.52 -17.95
N GLY K 66 44.38 37.30 -16.87
CA GLY K 66 44.43 36.74 -15.54
C GLY K 66 43.62 37.52 -14.54
N ARG K 67 42.79 38.44 -15.03
CA ARG K 67 41.94 39.25 -14.18
C ARG K 67 40.72 38.50 -13.68
N VAL K 68 40.48 37.29 -14.15
CA VAL K 68 39.28 36.53 -13.85
C VAL K 68 39.65 35.23 -13.13
N THR K 69 38.99 34.98 -12.00
CA THR K 69 39.14 33.75 -11.25
C THR K 69 37.76 33.20 -10.93
N MET K 70 37.58 31.89 -11.10
CA MET K 70 36.24 31.33 -11.01
C MET K 70 36.29 30.03 -10.22
N THR K 71 35.38 29.89 -9.25
CA THR K 71 35.36 28.72 -8.38
C THR K 71 33.93 28.29 -8.12
N THR K 72 33.78 27.08 -7.57
CA THR K 72 32.49 26.55 -7.16
C THR K 72 32.56 26.04 -5.74
N ASP K 73 31.40 26.00 -5.08
CA ASP K 73 31.23 25.35 -3.79
C ASP K 73 30.10 24.35 -3.95
N THR K 74 30.43 23.06 -3.87
CA THR K 74 29.46 21.99 -4.12
C THR K 74 28.43 21.90 -3.00
N SER K 75 28.87 22.04 -1.74
CA SER K 75 27.95 21.91 -0.62
C SER K 75 26.86 22.98 -0.67
N THR K 76 27.25 24.23 -0.96
CA THR K 76 26.28 25.29 -1.15
C THR K 76 25.83 25.42 -2.60
N SER K 77 26.44 24.68 -3.52
CA SER K 77 26.07 24.70 -4.93
C SER K 77 26.10 26.12 -5.49
N THR K 78 27.16 26.87 -5.13
CA THR K 78 27.25 28.28 -5.48
C THR K 78 28.54 28.54 -6.24
N ALA K 79 28.43 29.24 -7.36
CA ALA K 79 29.58 29.60 -8.18
C ALA K 79 30.00 31.03 -7.89
N TYR K 80 31.30 31.24 -7.74
CA TYR K 80 31.86 32.54 -7.39
C TYR K 80 32.80 33.00 -8.50
N MET K 81 32.67 34.27 -8.88
CA MET K 81 33.41 34.86 -9.99
C MET K 81 34.09 36.12 -9.48
N GLU K 82 35.38 36.26 -9.77
CA GLU K 82 36.22 37.28 -9.15
C GLU K 82 36.97 38.01 -10.25
N LEU K 83 36.80 39.33 -10.30
CA LEU K 83 37.42 40.19 -11.31
C LEU K 83 38.34 41.19 -10.60
N ARG K 84 39.61 41.17 -10.96
CA ARG K 84 40.59 42.09 -10.39
C ARG K 84 41.07 43.08 -11.46
N SER K 85 41.69 44.17 -10.99
CA SER K 85 42.23 45.21 -11.86
C SER K 85 41.15 45.79 -12.77
N LEU K 86 40.16 46.42 -12.13
CA LEU K 86 39.05 47.00 -12.86
C LEU K 86 39.50 48.21 -13.67
N ARG K 87 38.95 48.35 -14.88
CA ARG K 87 39.13 49.52 -15.71
C ARG K 87 37.81 50.25 -15.86
N SER K 88 37.89 51.48 -16.38
CA SER K 88 36.71 52.32 -16.49
C SER K 88 35.66 51.74 -17.41
N ASP K 89 36.03 50.81 -18.29
CA ASP K 89 35.11 50.18 -19.22
C ASP K 89 34.49 48.90 -18.68
N ASP K 90 34.76 48.56 -17.42
CA ASP K 90 34.27 47.32 -16.83
C ASP K 90 32.87 47.44 -16.25
N THR K 91 32.25 48.61 -16.29
CA THR K 91 30.88 48.77 -15.80
C THR K 91 29.92 47.97 -16.68
N ALA K 92 29.27 46.97 -16.10
CA ALA K 92 28.41 46.09 -16.89
C ALA K 92 27.52 45.26 -15.97
N VAL K 93 26.51 44.63 -16.58
CA VAL K 93 25.65 43.67 -15.89
C VAL K 93 26.15 42.28 -16.23
N TYR K 94 26.42 41.49 -15.19
CA TYR K 94 26.99 40.16 -15.33
C TYR K 94 25.91 39.12 -15.05
N TYR K 95 25.77 38.15 -15.94
CA TYR K 95 24.81 37.08 -15.80
C TYR K 95 25.51 35.73 -15.68
N CYS K 96 24.99 34.88 -14.80
CA CYS K 96 25.45 33.51 -14.62
C CYS K 96 24.42 32.55 -15.20
N ALA K 97 24.88 31.56 -15.97
CA ALA K 97 24.03 30.59 -16.61
C ALA K 97 24.71 29.24 -16.55
N ARG K 98 24.04 28.20 -17.05
CA ARG K 98 24.66 26.89 -17.20
C ARG K 98 24.95 26.64 -18.67
N ALA K 99 26.09 26.00 -18.94
CA ALA K 99 26.58 25.86 -20.30
C ALA K 99 26.03 24.61 -20.98
N LYS K 100 26.29 23.45 -20.42
CA LYS K 100 25.89 22.19 -21.04
C LYS K 100 25.93 21.09 -19.99
N HIS K 101 25.69 19.86 -20.43
CA HIS K 101 25.86 18.71 -19.58
C HIS K 101 27.35 18.35 -19.49
N THR K 102 27.66 17.44 -18.57
CA THR K 102 29.02 16.96 -18.39
C THR K 102 29.33 15.73 -19.22
N VAL K 103 28.38 14.79 -19.30
CA VAL K 103 28.57 13.56 -20.04
C VAL K 103 27.93 13.65 -21.42
N LEU K 104 26.61 13.85 -21.45
CA LEU K 104 25.88 13.98 -22.71
C LEU K 104 26.07 15.42 -23.19
N VAL K 105 27.24 15.65 -23.79
CA VAL K 105 27.73 16.98 -24.08
C VAL K 105 27.59 17.35 -25.56
N THR K 106 27.24 16.39 -26.41
CA THR K 106 27.10 16.63 -27.83
C THR K 106 25.69 17.01 -28.25
N ALA K 107 24.77 17.18 -27.30
CA ALA K 107 23.38 17.47 -27.62
C ALA K 107 22.94 18.86 -27.18
N MET K 108 23.05 19.18 -25.89
CA MET K 108 22.66 20.49 -25.39
C MET K 108 23.86 21.43 -25.48
N ARG K 109 23.74 22.46 -26.32
CA ARG K 109 24.79 23.45 -26.51
C ARG K 109 24.24 24.86 -26.34
N TRP K 110 23.39 25.05 -25.33
CA TRP K 110 22.71 26.32 -25.12
C TRP K 110 22.78 26.72 -23.65
N PHE K 111 22.61 28.01 -23.40
CA PHE K 111 22.55 28.56 -22.04
C PHE K 111 21.10 28.63 -21.63
N ASP K 112 20.61 27.56 -20.98
CA ASP K 112 19.18 27.40 -20.79
C ASP K 112 18.67 28.44 -19.76
N PRO K 113 19.04 28.37 -18.46
CA PRO K 113 18.53 29.39 -17.54
C PRO K 113 19.51 30.54 -17.34
N TRP K 114 19.03 31.74 -17.04
CA TRP K 114 19.87 32.88 -16.76
C TRP K 114 19.46 33.54 -15.46
N GLY K 115 20.45 34.06 -14.75
CA GLY K 115 20.18 34.80 -13.53
C GLY K 115 19.68 36.21 -13.82
N GLN K 116 19.23 36.88 -12.75
CA GLN K 116 18.72 38.24 -12.89
C GLN K 116 19.82 39.20 -13.32
N GLY K 117 21.06 38.91 -12.99
CA GLY K 117 22.18 39.75 -13.35
C GLY K 117 22.58 40.70 -12.23
N THR K 118 23.88 40.94 -12.13
CA THR K 118 24.45 41.83 -11.13
C THR K 118 25.13 42.99 -11.82
N LEU K 119 24.75 44.22 -11.46
CA LEU K 119 25.33 45.41 -12.06
C LEU K 119 26.57 45.80 -11.28
N VAL K 120 27.72 45.79 -11.95
CA VAL K 120 28.99 46.21 -11.37
C VAL K 120 29.35 47.54 -12.00
N THR K 121 29.44 48.58 -11.17
CA THR K 121 29.77 49.92 -11.60
C THR K 121 31.11 50.33 -11.00
N VAL K 122 32.04 50.75 -11.85
CA VAL K 122 33.34 51.26 -11.40
C VAL K 122 33.38 52.75 -11.67
N SER K 123 33.86 53.51 -10.69
CA SER K 123 33.97 54.96 -10.78
C SER K 123 34.86 55.43 -9.65
N SER K 124 35.33 56.67 -9.77
CA SER K 124 36.18 57.27 -8.74
C SER K 124 35.36 58.15 -7.80
N ASP L 1 38.98 32.63 -35.05
CA ASP L 1 37.70 33.12 -34.55
C ASP L 1 36.67 33.15 -35.67
N ILE L 2 35.39 32.96 -35.32
CA ILE L 2 34.30 32.99 -36.28
C ILE L 2 33.37 34.14 -35.91
N GLN L 3 33.05 34.98 -36.90
CA GLN L 3 32.28 36.19 -36.68
C GLN L 3 30.80 35.95 -36.92
N MET L 4 29.97 36.67 -36.16
CA MET L 4 28.52 36.61 -36.26
C MET L 4 28.05 37.96 -36.79
N THR L 5 27.34 37.95 -37.92
CA THR L 5 26.86 39.19 -38.53
C THR L 5 25.36 39.10 -38.74
N GLN L 6 24.60 39.84 -37.95
CA GLN L 6 23.16 39.91 -38.12
C GLN L 6 22.82 40.99 -39.14
N SER L 7 22.04 40.62 -40.15
CA SER L 7 21.70 41.57 -41.21
C SER L 7 21.02 42.84 -40.71
N PRO L 8 19.98 42.79 -39.87
CA PRO L 8 19.37 44.02 -39.41
C PRO L 8 19.86 44.55 -38.07
N SER L 9 19.90 45.88 -37.94
CA SER L 9 20.23 46.52 -36.67
C SER L 9 18.99 46.96 -35.90
N SER L 10 17.95 47.41 -36.60
CA SER L 10 16.70 47.82 -35.98
C SER L 10 15.63 47.89 -37.05
N LEU L 11 14.50 47.22 -36.82
CA LEU L 11 13.39 47.21 -37.76
C LEU L 11 12.09 47.45 -37.01
N SER L 12 11.12 48.02 -37.72
CA SER L 12 9.80 48.31 -37.17
C SER L 12 8.73 47.77 -38.10
N ALA L 13 7.67 47.21 -37.52
CA ALA L 13 6.57 46.64 -38.28
C ALA L 13 5.30 46.73 -37.44
N SER L 14 4.20 46.21 -37.98
CA SER L 14 2.92 46.25 -37.31
C SER L 14 2.60 44.90 -36.67
N VAL L 15 1.56 44.89 -35.84
CA VAL L 15 1.12 43.66 -35.18
C VAL L 15 0.59 42.69 -36.21
N GLY L 16 1.05 41.44 -36.15
CA GLY L 16 0.66 40.41 -37.08
C GLY L 16 1.53 40.31 -38.33
N ASP L 17 2.47 41.23 -38.51
CA ASP L 17 3.33 41.24 -39.68
C ASP L 17 4.45 40.20 -39.47
N ARG L 18 5.02 39.75 -40.58
CA ARG L 18 6.07 38.73 -40.55
C ARG L 18 7.43 39.40 -40.74
N VAL L 19 8.31 39.21 -39.76
CA VAL L 19 9.63 39.82 -39.76
C VAL L 19 10.68 38.73 -39.81
N THR L 20 11.61 38.84 -40.76
CA THR L 20 12.67 37.86 -40.95
C THR L 20 14.01 38.48 -40.56
N ILE L 21 14.74 37.80 -39.69
CA ILE L 21 16.06 38.21 -39.25
C ILE L 21 17.08 37.26 -39.84
N THR L 22 18.06 37.79 -40.56
CA THR L 22 19.08 37.01 -41.23
C THR L 22 20.40 37.14 -40.49
N CYS L 23 21.00 36.00 -40.15
CA CYS L 23 22.27 35.95 -39.45
C CYS L 23 23.26 35.14 -40.26
N ARG L 24 24.47 35.67 -40.45
CA ARG L 24 25.46 35.09 -41.33
C ARG L 24 26.76 34.85 -40.58
N ALA L 25 27.52 33.88 -41.09
CA ALA L 25 28.80 33.49 -40.54
C ALA L 25 29.89 33.58 -41.60
N SER L 26 31.12 33.80 -41.16
CA SER L 26 32.27 33.81 -42.06
C SER L 26 32.75 32.41 -42.40
N GLN L 27 32.29 31.39 -41.69
CA GLN L 27 32.69 30.01 -41.94
C GLN L 27 31.48 29.11 -41.78
N SER L 28 31.51 27.96 -42.45
CA SER L 28 30.43 27.00 -42.35
C SER L 28 30.37 26.41 -40.94
N ILE L 29 29.18 26.40 -40.35
CA ILE L 29 28.99 25.95 -38.98
C ILE L 29 27.96 24.84 -38.89
N SER L 30 27.65 24.19 -40.02
CA SER L 30 26.68 23.09 -40.09
C SER L 30 25.34 23.62 -39.58
N ASN L 31 24.73 23.02 -38.57
CA ASN L 31 23.43 23.45 -38.07
C ASN L 31 23.47 23.79 -36.58
N TYR L 32 24.62 24.22 -36.09
CA TYR L 32 24.79 24.58 -34.68
C TYR L 32 24.64 26.09 -34.55
N LEU L 33 23.46 26.54 -34.13
CA LEU L 33 23.19 27.97 -34.01
C LEU L 33 21.94 28.17 -33.16
N ASN L 34 22.04 29.02 -32.14
CA ASN L 34 20.93 29.28 -31.24
C ASN L 34 20.52 30.75 -31.33
N TRP L 35 19.29 31.02 -30.90
CA TRP L 35 18.73 32.36 -30.89
C TRP L 35 18.33 32.74 -29.47
N TYR L 36 18.64 33.98 -29.10
CA TYR L 36 18.28 34.52 -27.79
C TYR L 36 17.45 35.77 -27.96
N GLN L 37 16.43 35.91 -27.11
CA GLN L 37 15.55 37.07 -27.09
C GLN L 37 15.73 37.79 -25.77
N GLN L 38 16.14 39.05 -25.82
CA GLN L 38 16.40 39.86 -24.63
C GLN L 38 15.36 40.98 -24.56
N LYS L 39 14.46 40.87 -23.60
CA LYS L 39 13.58 41.99 -23.27
C LYS L 39 14.38 43.08 -22.57
N PRO L 40 13.93 44.32 -22.64
CA PRO L 40 14.64 45.40 -21.93
C PRO L 40 14.71 45.11 -20.43
N GLY L 41 15.90 45.29 -19.88
CA GLY L 41 16.13 44.99 -18.46
C GLY L 41 16.38 43.54 -18.12
N LYS L 42 15.56 42.63 -18.63
CA LYS L 42 15.69 41.21 -18.31
C LYS L 42 16.78 40.56 -19.15
N ALA L 43 17.34 39.48 -18.60
CA ALA L 43 18.36 38.73 -19.32
C ALA L 43 17.75 38.00 -20.51
N PRO L 44 18.51 37.82 -21.59
CA PRO L 44 17.98 37.12 -22.76
C PRO L 44 17.67 35.66 -22.47
N LYS L 45 16.68 35.14 -23.19
CA LYS L 45 16.21 33.78 -23.03
C LYS L 45 16.32 33.02 -24.34
N LEU L 46 16.55 31.72 -24.24
CA LEU L 46 16.61 30.85 -25.41
C LEU L 46 15.23 30.70 -26.02
N LEU L 47 15.15 30.81 -27.34
CA LEU L 47 13.89 30.67 -28.05
C LEU L 47 13.93 29.64 -29.17
N ILE L 48 15.05 29.51 -29.87
CA ILE L 48 15.22 28.49 -30.91
C ILE L 48 16.63 27.93 -30.80
N SER L 49 16.75 26.60 -30.76
CA SER L 49 18.04 25.94 -30.65
C SER L 49 18.26 25.03 -31.85
N ALA L 50 19.41 25.18 -32.49
CA ALA L 50 19.82 24.30 -33.59
C ALA L 50 18.71 24.16 -34.63
N THR L 51 18.09 25.30 -34.96
CA THR L 51 16.93 25.35 -35.86
C THR L 51 15.77 24.51 -35.29
N SER L 52 15.27 24.96 -34.14
CA SER L 52 14.05 24.44 -33.51
C SER L 52 14.20 22.97 -33.13
N SER L 53 15.05 22.72 -32.15
CA SER L 53 15.22 21.40 -31.53
C SER L 53 15.15 21.49 -30.02
N LEU L 54 14.25 22.31 -29.49
CA LEU L 54 14.11 22.49 -28.05
C LEU L 54 13.30 21.35 -27.44
N GLN L 55 13.12 21.40 -26.12
CA GLN L 55 12.44 20.35 -25.38
C GLN L 55 11.11 20.77 -24.76
N SER L 56 10.97 22.02 -24.34
CA SER L 56 9.73 22.43 -23.68
C SER L 56 9.13 23.69 -24.28
N GLY L 57 9.95 24.66 -24.68
CA GLY L 57 9.44 25.93 -25.15
C GLY L 57 9.03 25.93 -26.61
N VAL L 58 9.50 26.92 -27.36
CA VAL L 58 9.15 27.11 -28.76
C VAL L 58 7.64 27.12 -28.93
N PRO L 59 6.95 28.20 -28.54
CA PRO L 59 5.54 28.33 -28.90
C PRO L 59 5.39 28.41 -30.42
N SER L 60 4.22 28.00 -30.91
CA SER L 60 4.03 27.90 -32.34
C SER L 60 3.89 29.27 -32.99
N ARG L 61 4.92 30.12 -32.81
CA ARG L 61 4.96 31.44 -33.40
C ARG L 61 6.30 31.78 -34.04
N PHE L 62 7.39 31.13 -33.66
CA PHE L 62 8.71 31.34 -34.21
C PHE L 62 9.07 30.19 -35.16
N SER L 63 10.00 30.46 -36.07
CA SER L 63 10.51 29.40 -36.92
C SER L 63 11.95 29.72 -37.31
N GLY L 64 12.72 28.67 -37.57
CA GLY L 64 14.09 28.83 -38.01
C GLY L 64 14.34 28.05 -39.28
N SER L 65 15.24 28.59 -40.10
CA SER L 65 15.53 27.95 -41.39
C SER L 65 16.95 28.29 -41.82
N GLY L 66 17.45 27.52 -42.76
CA GLY L 66 18.75 27.79 -43.34
C GLY L 66 19.84 26.91 -42.75
N SER L 67 20.89 26.70 -43.53
CA SER L 67 22.04 25.93 -43.09
C SER L 67 23.26 26.37 -43.89
N GLY L 68 24.43 26.00 -43.40
CA GLY L 68 25.67 26.38 -44.04
C GLY L 68 26.27 27.64 -43.45
N THR L 69 26.04 28.77 -44.10
CA THR L 69 26.59 30.05 -43.65
C THR L 69 25.54 31.13 -43.41
N ASP L 70 24.28 30.89 -43.78
CA ASP L 70 23.22 31.86 -43.58
C ASP L 70 22.05 31.18 -42.87
N PHE L 71 21.40 31.92 -41.97
CA PHE L 71 20.29 31.38 -41.21
C PHE L 71 19.24 32.47 -41.06
N THR L 72 17.98 32.05 -40.90
CA THR L 72 16.86 32.98 -40.86
C THR L 72 15.92 32.61 -39.74
N LEU L 73 15.55 33.62 -38.93
CA LEU L 73 14.48 33.51 -37.96
C LEU L 73 13.25 34.21 -38.52
N THR L 74 12.12 33.53 -38.52
CA THR L 74 10.90 34.03 -39.12
C THR L 74 9.78 34.02 -38.09
N ILE L 75 9.05 35.13 -38.00
CA ILE L 75 7.84 35.23 -37.20
C ILE L 75 6.65 35.06 -38.12
N SER L 76 5.57 34.53 -37.56
CA SER L 76 4.31 34.41 -38.30
C SER L 76 3.41 35.61 -38.07
N SER L 77 3.40 36.14 -36.85
CA SER L 77 2.61 37.33 -36.52
C SER L 77 3.22 37.94 -35.27
N LEU L 78 3.53 39.24 -35.35
CA LEU L 78 4.07 39.93 -34.18
C LEU L 78 2.98 40.23 -33.16
N GLN L 79 3.37 40.25 -31.90
CA GLN L 79 2.48 40.46 -30.77
C GLN L 79 3.11 41.49 -29.84
N PRO L 80 2.30 42.15 -28.99
CA PRO L 80 2.84 43.22 -28.16
C PRO L 80 3.96 42.79 -27.23
N ASP L 81 4.01 41.52 -26.82
CA ASP L 81 5.06 41.04 -25.93
C ASP L 81 6.36 40.72 -26.67
N ASP L 82 6.53 41.21 -27.90
CA ASP L 82 7.69 40.85 -28.71
C ASP L 82 8.73 41.96 -28.79
N PHE L 83 8.52 43.08 -28.10
CA PHE L 83 9.55 44.12 -28.04
C PHE L 83 10.81 43.59 -27.37
N ALA L 84 11.86 43.36 -28.15
CA ALA L 84 13.08 42.76 -27.62
C ALA L 84 14.19 42.91 -28.65
N THR L 85 15.39 42.47 -28.26
CA THR L 85 16.54 42.39 -29.14
C THR L 85 16.91 40.92 -29.32
N TYR L 86 17.09 40.51 -30.57
CA TYR L 86 17.38 39.13 -30.91
C TYR L 86 18.85 38.97 -31.27
N TYR L 87 19.48 37.92 -30.73
CA TYR L 87 20.89 37.66 -30.92
C TYR L 87 21.07 36.23 -31.42
N CYS L 88 21.92 36.05 -32.43
CA CYS L 88 22.25 34.73 -32.95
C CYS L 88 23.63 34.33 -32.42
N GLN L 89 23.70 33.20 -31.73
CA GLN L 89 24.93 32.70 -31.15
C GLN L 89 25.35 31.41 -31.84
N GLN L 90 26.63 31.30 -32.13
CA GLN L 90 27.18 30.06 -32.67
C GLN L 90 27.60 29.14 -31.54
N SER L 91 27.57 27.83 -31.82
CA SER L 91 28.03 26.82 -30.88
C SER L 91 28.98 25.84 -31.55
N TYR L 92 29.59 26.24 -32.67
CA TYR L 92 30.44 25.34 -33.44
C TYR L 92 31.78 25.12 -32.75
N SER L 93 32.48 26.20 -32.44
CA SER L 93 33.84 26.15 -31.91
C SER L 93 33.93 27.02 -30.67
N THR L 94 34.92 26.73 -29.82
CA THR L 94 35.15 27.38 -28.53
C THR L 94 34.81 28.87 -28.52
N PRO L 95 35.20 29.69 -29.53
CA PRO L 95 34.74 31.08 -29.53
C PRO L 95 33.24 31.20 -29.78
N TRP L 96 32.44 31.04 -28.73
CA TRP L 96 30.98 31.08 -28.86
C TRP L 96 30.50 32.51 -29.02
N THR L 97 30.95 33.20 -30.06
CA THR L 97 30.66 34.63 -30.22
C THR L 97 29.17 34.87 -30.48
N PHE L 98 28.67 35.97 -29.95
CA PHE L 98 27.28 36.36 -30.13
C PHE L 98 27.17 37.34 -31.28
N GLY L 99 25.94 37.60 -31.69
CA GLY L 99 25.69 38.65 -32.65
C GLY L 99 25.51 39.99 -31.96
N GLN L 100 25.74 41.08 -32.71
CA GLN L 100 25.57 42.39 -32.13
C GLN L 100 24.10 42.69 -31.81
N GLY L 101 23.19 41.91 -32.37
CA GLY L 101 21.80 41.98 -31.98
C GLY L 101 20.97 42.83 -32.93
N THR L 102 19.68 42.53 -32.99
CA THR L 102 18.72 43.32 -33.74
C THR L 102 17.57 43.70 -32.83
N LYS L 103 17.34 45.00 -32.65
CA LYS L 103 16.24 45.48 -31.85
C LYS L 103 15.00 45.55 -32.72
N LEU L 104 13.90 44.94 -32.27
CA LEU L 104 12.68 44.88 -33.04
C LEU L 104 11.66 45.84 -32.44
N GLU L 105 11.19 46.79 -33.25
CA GLU L 105 10.12 47.69 -32.86
C GLU L 105 8.82 47.24 -33.53
N ILE L 106 7.70 47.54 -32.89
CA ILE L 106 6.38 47.26 -33.44
C ILE L 106 5.63 48.58 -33.55
N LYS L 107 5.10 48.86 -34.74
CA LYS L 107 4.44 50.13 -35.01
C LYS L 107 2.99 50.08 -34.52
N ARG L 108 2.52 51.20 -34.00
CA ARG L 108 1.15 51.32 -33.55
C ARG L 108 0.56 52.68 -33.93
C1 NAG M . -23.70 -26.39 18.92
C2 NAG M . -24.51 -26.49 20.21
C3 NAG M . -24.36 -25.20 21.01
C4 NAG M . -22.90 -24.84 21.21
C5 NAG M . -22.12 -24.90 19.89
C6 NAG M . -20.62 -24.78 20.07
C7 NAG M . -26.43 -27.99 19.88
C8 NAG M . -27.89 -28.08 19.57
N2 NAG M . -25.91 -26.75 19.91
O3 NAG M . -25.00 -25.36 22.26
O4 NAG M . -22.81 -23.50 21.70
O5 NAG M . -22.34 -26.16 19.24
O6 NAG M . -20.18 -25.49 21.20
O7 NAG M . -25.74 -28.98 20.10
C1 NAG M . -22.10 -23.44 22.95
C2 NAG M . -21.36 -22.11 22.98
C3 NAG M . -20.61 -21.95 24.31
C4 NAG M . -21.57 -22.15 25.48
C5 NAG M . -22.30 -23.47 25.34
C6 NAG M . -23.36 -23.68 26.41
C7 NAG M . -20.27 -20.87 21.16
C8 NAG M . -19.28 -20.94 20.04
N2 NAG M . -20.43 -22.00 21.86
O3 NAG M . -20.02 -20.66 24.36
O4 NAG M . -20.84 -22.13 26.70
O5 NAG M . -22.98 -23.53 24.08
O6 NAG M . -24.56 -24.20 25.85
O7 NAG M . -20.89 -19.84 21.42
C1 NAG N . 4.91 -29.05 23.46
C2 NAG N . 6.37 -29.04 23.02
C3 NAG N . 7.25 -28.44 24.12
C4 NAG N . 6.74 -27.07 24.53
C5 NAG N . 5.27 -27.19 24.94
C6 NAG N . 4.63 -25.85 25.27
C7 NAG N . 7.38 -30.70 21.52
C8 NAG N . 7.77 -32.13 21.34
N2 NAG N . 6.81 -30.38 22.69
O3 NAG N . 8.60 -28.34 23.66
O4 NAG N . 7.51 -26.57 25.61
O5 NAG N . 4.51 -27.72 23.85
O6 NAG N . 3.22 -25.94 25.26
O7 NAG N . 7.58 -29.85 20.65
C1 NAG N . 8.04 -25.27 25.22
C2 NAG N . 8.35 -24.47 26.50
C3 NAG N . 8.91 -23.10 26.13
C4 NAG N . 10.11 -23.25 25.21
C5 NAG N . 9.75 -24.11 24.00
C6 NAG N . 10.94 -24.41 23.10
C7 NAG N . 6.85 -25.20 28.29
C8 NAG N . 5.59 -24.91 29.06
N2 NAG N . 7.16 -24.34 27.32
O3 NAG N . 9.29 -22.42 27.31
O4 NAG N . 10.54 -21.97 24.76
O5 NAG N . 9.24 -25.38 24.43
O6 NAG N . 11.05 -25.80 22.84
O7 NAG N . 7.55 -26.18 28.55
C1 NAG O . -15.35 36.81 5.07
C2 NAG O . -15.32 38.16 4.39
C3 NAG O . -14.44 38.10 3.14
C4 NAG O . -13.06 37.53 3.47
C5 NAG O . -13.18 36.24 4.29
C6 NAG O . -11.86 35.75 4.83
C7 NAG O . -17.41 39.37 4.82
C8 NAG O . -18.77 39.72 4.31
N2 NAG O . -16.67 38.59 4.03
O3 NAG O . -14.31 39.41 2.59
O4 NAG O . -12.40 37.22 2.25
O5 NAG O . -14.03 36.43 5.43
O6 NAG O . -11.05 36.83 5.29
O7 NAG O . -17.00 39.78 5.91
C1 NAG O . -11.12 37.90 2.15
C2 NAG O . -10.17 36.98 1.39
C3 NAG O . -8.82 37.66 1.22
C4 NAG O . -8.99 39.03 0.57
C5 NAG O . -10.00 39.86 1.37
C6 NAG O . -10.31 41.19 0.71
C7 NAG O . -9.98 34.54 1.42
C8 NAG O . -9.81 33.32 2.29
N2 NAG O . -10.01 35.71 2.07
O3 NAG O . -7.98 36.85 0.39
O4 NAG O . -7.74 39.71 0.53
O5 NAG O . -11.24 39.16 1.47
O6 NAG O . -11.70 41.47 0.76
O7 NAG O . -10.07 34.46 0.20
C1 NAG P . 9.34 30.97 19.32
C2 NAG P . 10.28 30.08 20.13
C3 NAG P . 11.73 30.31 19.72
C4 NAG P . 11.89 30.15 18.21
C5 NAG P . 10.90 31.06 17.49
C6 NAG P . 10.92 30.91 15.99
C7 NAG P . 9.84 29.34 22.43
C8 NAG P . 9.69 29.78 23.86
N2 NAG P . 10.11 30.32 21.56
O3 NAG P . 12.57 29.40 20.40
O4 NAG P . 13.22 30.44 17.82
O5 NAG P . 9.57 30.76 17.92
O6 NAG P . 9.76 31.47 15.40
O7 NAG P . 9.74 28.17 22.09
C1 NAG P . 13.77 29.30 17.12
C2 NAG P . 14.89 29.79 16.22
C3 NAG P . 15.50 28.61 15.46
C4 NAG P . 15.91 27.51 16.42
C5 NAG P . 14.75 27.12 17.33
C6 NAG P . 15.15 26.14 18.40
C7 NAG P . 14.50 32.12 15.58
C8 NAG P . 13.98 33.04 14.52
N2 NAG P . 14.44 30.82 15.30
O3 NAG P . 16.62 29.06 14.70
O4 NAG P . 16.33 26.36 15.69
O5 NAG P . 14.25 28.30 18.02
O6 NAG P . 14.73 26.57 19.69
O7 NAG P . 14.94 32.54 16.64
C1 NAG Q . -0.20 -8.59 -39.27
C2 NAG Q . -0.20 -9.81 -40.17
C3 NAG Q . -0.19 -11.08 -39.33
C4 NAG Q . 0.94 -11.06 -38.31
C5 NAG Q . 0.97 -9.73 -37.54
C6 NAG Q . 2.20 -9.57 -36.68
C7 NAG Q . -1.33 -9.29 -42.29
C8 NAG Q . -2.61 -9.35 -43.06
N2 NAG Q . -1.36 -9.80 -41.05
O3 NAG Q . -0.05 -12.20 -40.19
O4 NAG Q . 0.74 -12.11 -37.38
O5 NAG Q . 0.96 -8.62 -38.46
O6 NAG Q . 3.36 -10.04 -37.34
O7 NAG Q . -0.30 -8.79 -42.77
C1 NAG Q . 1.87 -12.99 -37.31
C2 NAG Q . 1.99 -13.50 -35.87
C3 NAG Q . 3.14 -14.48 -35.75
C4 NAG Q . 3.00 -15.60 -36.77
C5 NAG Q . 2.84 -15.02 -38.18
C6 NAG Q . 2.57 -16.07 -39.23
C7 NAG Q . 1.55 -12.32 -33.77
C8 NAG Q . 1.83 -11.11 -32.94
N2 NAG Q . 2.16 -12.39 -34.95
O3 NAG Q . 3.16 -15.02 -34.43
O4 NAG Q . 4.16 -16.43 -36.74
O5 NAG Q . 1.73 -14.11 -38.20
O6 NAG Q . 1.56 -15.65 -40.12
O7 NAG Q . 0.79 -13.21 -33.38
C1 NAG R . 25.83 -3.77 -27.18
C2 NAG R . 26.79 -3.05 -26.25
C3 NAG R . 27.78 -4.03 -25.63
C4 NAG R . 27.05 -5.19 -24.97
C5 NAG R . 26.11 -5.84 -25.97
C6 NAG R . 25.26 -6.94 -25.37
C7 NAG R . 27.51 -0.72 -26.53
C8 NAG R . 28.28 0.24 -27.40
N2 NAG R . 27.49 -1.99 -26.96
O3 NAG R . 28.60 -3.36 -24.68
O4 NAG R . 27.98 -6.14 -24.47
O5 NAG R . 25.19 -4.85 -26.47
O6 NAG R . 24.15 -7.25 -26.21
O7 NAG R . 26.95 -0.37 -25.51
C1 NAG R . 27.75 -6.33 -23.06
C2 NAG R . 28.29 -7.69 -22.65
C3 NAG R . 28.05 -7.93 -21.17
C4 NAG R . 28.63 -6.79 -20.35
C5 NAG R . 28.11 -5.44 -20.85
C6 NAG R . 28.75 -4.26 -20.17
C7 NAG R . 28.20 -9.21 -24.58
C8 NAG R . 27.45 -10.31 -25.27
N2 NAG R . 27.68 -8.75 -23.44
O3 NAG R . 28.66 -9.17 -20.77
O4 NAG R . 28.28 -6.95 -18.97
O5 NAG R . 28.37 -5.30 -22.25
O6 NAG R . 29.23 -3.31 -21.11
O7 NAG R . 29.25 -8.75 -25.04
C1 NAG S . -36.78 -26.48 9.15
C2 NAG S . -37.99 -25.55 9.02
C3 NAG S . -39.13 -26.28 8.32
C4 NAG S . -38.65 -26.85 6.99
C5 NAG S . -37.42 -27.72 7.20
C6 NAG S . -36.81 -28.23 5.91
C7 NAG S . -37.83 -24.06 10.96
C8 NAG S . -38.42 -23.68 12.28
N2 NAG S . -38.42 -25.07 10.32
O3 NAG S . -40.21 -25.38 8.10
O4 NAG S . -39.68 -27.63 6.39
O5 NAG S . -36.40 -26.96 7.87
O6 NAG S . -35.46 -28.60 6.09
O7 NAG S . -36.87 -23.47 10.49
C1 NAG T . -23.36 -37.18 15.44
C2 NAG T . -24.62 -37.05 16.31
C3 NAG T . -25.25 -38.43 16.52
C4 NAG T . -25.48 -39.13 15.19
C5 NAG T . -24.17 -39.18 14.40
C6 NAG T . -24.34 -39.77 13.02
C7 NAG T . -25.04 -35.44 18.11
C8 NAG T . -26.23 -34.99 17.30
N2 NAG T . -24.32 -36.43 17.58
O3 NAG T . -26.49 -38.28 17.21
O4 NAG T . -25.94 -40.47 15.41
O5 NAG T . -23.67 -37.85 14.22
O6 NAG T . -23.15 -39.62 12.25
O7 NAG T . -24.76 -34.93 19.19
C1 NAG U . -17.67 -42.68 10.05
C2 NAG U . -17.20 -44.00 9.45
C3 NAG U . -18.02 -44.34 8.22
C4 NAG U . -19.51 -44.32 8.54
C5 NAG U . -19.88 -42.99 9.19
C6 NAG U . -21.32 -42.95 9.66
C7 NAG U . -14.83 -44.33 9.98
C8 NAG U . -13.42 -44.21 9.49
N2 NAG U . -15.78 -43.95 9.13
O3 NAG U . -17.64 -45.63 7.73
O4 NAG U . -20.27 -44.50 7.35
O5 NAG U . -19.06 -42.75 10.34
O6 NAG U . -22.04 -41.90 9.02
O7 NAG U . -15.08 -44.73 11.11
C1 NAG V . -11.59 -50.21 0.12
C2 NAG V . -12.22 -49.72 -1.17
C3 NAG V . -13.07 -50.82 -1.80
C4 NAG V . -12.24 -52.08 -1.98
C5 NAG V . -11.60 -52.48 -0.65
C6 NAG V . -10.66 -53.66 -0.78
C7 NAG V . -12.56 -47.29 -1.06
C8 NAG V . -13.53 -46.19 -0.77
N2 NAG V . -13.03 -48.53 -0.93
O3 NAG V . -13.56 -50.37 -3.06
O4 NAG V . -13.07 -53.15 -2.44
O5 NAG V . -10.82 -51.39 -0.14
O6 NAG V . -9.30 -53.24 -0.84
O7 NAG V . -11.40 -47.06 -1.40
C1 NAG W . 10.15 -56.54 18.83
C2 NAG W . 11.64 -56.39 18.56
C3 NAG W . 12.34 -57.74 18.61
C4 NAG W . 12.03 -58.45 19.93
C5 NAG W . 10.52 -58.52 20.14
C6 NAG W . 10.14 -59.10 21.49
C7 NAG W . 12.50 -54.54 17.19
C8 NAG W . 12.68 -54.02 15.80
N2 NAG W . 11.89 -55.73 17.30
O3 NAG W . 13.74 -57.57 18.47
O4 NAG W . 12.56 -59.77 19.90
O5 NAG W . 9.94 -57.22 20.07
O6 NAG W . 10.77 -58.39 22.54
O7 NAG W . 12.89 -53.92 18.17
C1 NAG X . 14.83 -52.27 21.83
C2 NAG X . 16.05 -52.84 21.11
C3 NAG X . 15.98 -54.37 21.11
C4 NAG X . 15.80 -54.90 22.51
C5 NAG X . 14.60 -54.24 23.20
C6 NAG X . 14.45 -54.63 24.64
C7 NAG X . 17.27 -51.78 19.26
C8 NAG X . 18.45 -51.74 20.19
N2 NAG X . 16.15 -52.33 19.76
O3 NAG X . 17.17 -54.89 20.53
O4 NAG X . 15.61 -56.30 22.48
O5 NAG X . 14.75 -52.81 23.16
O6 NAG X . 14.84 -55.97 24.86
O7 NAG X . 17.32 -51.36 18.11
C1 NAG Y . 4.17 -61.10 22.74
C2 NAG Y . 4.19 -62.15 23.85
C3 NAG Y . 4.25 -63.55 23.24
C4 NAG Y . 3.11 -63.75 22.25
C5 NAG Y . 3.12 -62.64 21.21
C6 NAG Y . 1.94 -62.70 20.26
C7 NAG Y . 5.25 -61.11 25.80
C8 NAG Y . 6.50 -61.01 26.62
N2 NAG Y . 5.31 -61.93 24.74
O3 NAG Y . 4.15 -64.51 24.29
O4 NAG Y . 3.26 -65.00 21.60
O5 NAG Y . 3.06 -61.36 21.86
O6 NAG Y . 0.71 -62.74 20.96
O7 NAG Y . 4.24 -60.50 26.09
C1 NAG Z . 9.00 -40.73 37.43
C2 NAG Z . 10.26 -39.88 37.50
C3 NAG Z . 10.03 -38.66 38.38
C4 NAG Z . 8.81 -37.90 37.91
C5 NAG Z . 7.59 -38.82 37.83
C6 NAG Z . 6.37 -38.16 37.25
C7 NAG Z . 12.62 -40.61 37.45
C8 NAG Z . 12.79 -39.69 36.28
N2 NAG Z . 11.39 -40.66 37.99
O3 NAG Z . 11.18 -37.81 38.34
O4 NAG Z . 8.52 -36.83 38.82
O5 NAG Z . 7.90 -39.94 36.97
O6 NAG Z . 5.47 -39.11 36.70
O7 NAG Z . 13.55 -41.28 37.88
C1 NAG AA . -0.92 -31.26 28.14
C2 NAG AA . -0.32 -29.86 28.06
C3 NAG AA . -0.73 -29.03 29.28
C4 NAG AA . -2.25 -29.04 29.44
C5 NAG AA . -2.76 -30.49 29.48
C6 NAG AA . -4.27 -30.56 29.52
C7 NAG AA . 1.84 -28.97 27.32
C8 NAG AA . 3.32 -29.19 27.31
N2 NAG AA . 1.12 -29.92 27.95
O3 NAG AA . -0.28 -27.70 29.12
O4 NAG AA . -2.61 -28.38 30.65
O5 NAG AA . -2.34 -31.18 28.29
O6 NAG AA . -4.86 -29.29 29.71
O7 NAG AA . 1.32 -28.00 26.80
C1 NAG BA . -31.14 34.11 1.97
C2 NAG BA . -31.94 33.99 0.68
C3 NAG BA . -33.43 34.23 0.96
C4 NAG BA . -33.91 33.30 2.05
C5 NAG BA . -33.03 33.44 3.29
C6 NAG BA . -33.37 32.45 4.38
C7 NAG BA . -30.39 34.71 -1.09
C8 NAG BA . -30.04 35.78 -2.07
N2 NAG BA . -31.47 34.93 -0.33
O3 NAG BA . -34.18 34.02 -0.24
O4 NAG BA . -35.26 33.60 2.40
O5 NAG BA . -31.66 33.19 2.93
O6 NAG BA . -32.29 32.27 5.28
O7 NAG BA . -29.71 33.69 -0.98
C1 NAG CA . -19.70 39.32 15.24
C2 NAG CA . -20.21 40.40 14.29
C3 NAG CA . -20.94 41.50 15.06
C4 NAG CA . -22.03 40.89 15.95
C5 NAG CA . -21.42 39.80 16.83
C6 NAG CA . -22.46 39.08 17.67
C7 NAG CA . -19.17 41.18 12.19
C8 NAG CA . -20.43 40.76 11.51
N2 NAG CA . -19.11 40.98 13.52
O3 NAG CA . -21.52 42.42 14.15
O4 NAG CA . -22.61 41.90 16.76
O5 NAG CA . -20.79 38.81 16.02
O6 NAG CA . -21.89 37.95 18.33
O7 NAG CA . -18.22 41.66 11.58
C1 NAG DA . -19.48 35.70 24.09
C2 NAG DA . -19.76 35.71 25.60
C3 NAG DA . -21.18 35.22 25.87
C4 NAG DA . -22.18 36.02 25.06
C5 NAG DA . -21.80 36.00 23.58
C6 NAG DA . -22.68 36.90 22.73
C7 NAG DA . -17.65 35.40 26.82
C8 NAG DA . -16.77 34.43 27.53
N2 NAG DA . -18.79 34.90 26.31
O3 NAG DA . -21.47 35.34 27.26
O4 NAG DA . -23.49 35.47 25.21
O5 NAG DA . -20.45 36.49 23.41
O6 NAG DA . -23.34 36.15 21.71
O7 NAG DA . -17.35 36.58 26.69
C1 NAG EA . -21.92 29.39 36.21
C2 NAG EA . -23.01 28.38 35.88
C3 NAG EA . -24.30 28.74 36.59
C4 NAG EA . -24.06 28.93 38.09
C5 NAG EA . -22.92 29.91 38.32
C6 NAG EA . -22.54 30.05 39.78
C7 NAG EA . -22.60 27.37 33.68
C8 NAG EA . -22.94 27.41 32.22
N2 NAG EA . -23.22 28.28 34.46
O3 NAG EA . -25.27 27.72 36.38
O4 NAG EA . -25.24 29.41 38.72
O5 NAG EA . -21.75 29.48 37.62
O6 NAG EA . -21.38 29.29 40.07
O7 NAG EA . -21.80 26.57 34.14
C1 NAG FA . 4.03 39.05 45.99
C2 NAG FA . 5.13 38.20 46.64
C3 NAG FA . 5.36 38.65 48.08
C4 NAG FA . 5.64 40.14 48.13
C5 NAG FA . 4.53 40.92 47.42
C6 NAG FA . 4.82 42.40 47.32
C7 NAG FA . 5.53 35.88 45.93
C8 NAG FA . 5.04 34.48 45.99
N2 NAG FA . 4.80 36.79 46.60
O3 NAG FA . 6.45 37.93 48.63
O4 NAG FA . 5.73 40.58 49.48
O5 NAG FA . 4.37 40.43 46.08
O6 NAG FA . 6.08 42.64 46.70
O7 NAG FA . 6.53 36.21 45.30
C1 NAG GA . 10.49 37.52 43.73
C2 NAG GA . 10.93 36.79 44.99
C3 NAG GA . 10.48 37.56 46.23
C4 NAG GA . 10.98 39.00 46.17
C5 NAG GA . 10.55 39.65 44.85
C6 NAG GA . 11.11 41.04 44.67
C7 NAG GA . 11.16 34.36 45.24
C8 NAG GA . 12.62 34.61 45.48
N2 NAG GA . 10.41 35.43 45.02
O3 NAG GA . 10.99 36.92 47.39
O4 NAG GA . 10.44 39.75 47.25
O5 NAG GA . 11.01 38.86 43.75
O6 NAG GA . 11.21 41.73 45.90
O7 NAG GA . 10.70 33.22 45.26
C1 NAG HA . 0.21 46.61 45.79
C2 NAG HA . 0.57 47.99 46.33
C3 NAG HA . -0.07 48.19 47.70
C4 NAG HA . -1.56 47.94 47.64
C5 NAG HA . -1.84 46.57 47.03
C6 NAG HA . -3.31 46.29 46.83
C7 NAG HA . 2.74 48.61 45.38
C8 NAG HA . 4.22 48.73 45.63
N2 NAG HA . 2.01 48.16 46.41
O3 NAG HA . 0.18 49.52 48.14
O4 NAG HA . -2.12 48.00 48.95
O5 NAG HA . -1.22 46.46 45.74
O6 NAG HA . -3.93 47.33 46.06
O7 NAG HA . 2.24 48.91 44.30
C1 NAG IA . 17.24 46.19 26.70
C2 NAG IA . 18.50 45.34 26.58
C3 NAG IA . 19.11 45.50 25.18
C4 NAG IA . 18.06 45.22 24.11
C5 NAG IA . 16.81 46.07 24.35
C6 NAG IA . 15.69 45.75 23.39
C7 NAG IA . 20.17 44.78 28.29
C8 NAG IA . 19.91 43.34 27.97
N2 NAG IA . 19.47 45.68 27.60
O3 NAG IA . 20.22 44.62 25.03
O4 NAG IA . 18.59 45.51 22.83
O5 NAG IA . 16.31 45.84 25.67
O6 NAG IA . 14.43 46.12 23.93
O7 NAG IA . 20.98 45.11 29.15
C1 NAG JA . 6.66 37.92 17.01
C2 NAG JA . 7.44 36.94 16.15
C3 NAG JA . 7.98 37.63 14.90
C4 NAG JA . 6.86 38.33 14.16
C5 NAG JA . 6.11 39.27 15.09
C6 NAG JA . 4.91 39.91 14.44
C7 NAG JA . 9.00 35.12 16.65
C8 NAG JA . 10.12 34.65 17.54
N2 NAG JA . 8.53 36.33 16.90
O3 NAG JA . 8.60 36.68 14.05
O4 NAG JA . 7.39 39.08 13.06
O5 NAG JA . 5.62 38.54 16.23
O6 NAG JA . 4.86 39.64 13.05
O7 NAG JA . 8.55 34.41 15.76
C1 NAG KA . -15.21 -3.77 -43.48
C2 NAG KA . -16.59 -4.42 -43.38
C3 NAG KA . -17.55 -3.76 -44.35
C4 NAG KA . -17.58 -2.25 -44.14
C5 NAG KA . -16.17 -1.69 -44.21
C6 NAG KA . -16.11 -0.22 -43.89
C7 NAG KA . -16.11 -6.73 -42.70
C8 NAG KA . -16.09 -8.17 -43.14
N2 NAG KA . -16.50 -5.86 -43.62
O3 NAG KA . -18.86 -4.31 -44.16
O4 NAG KA . -18.39 -1.63 -45.12
O5 NAG KA . -15.32 -2.36 -43.26
O6 NAG KA . -14.79 0.17 -43.50
O7 NAG KA . -15.78 -6.39 -41.58
C1 NAG LA . 2.48 -0.25 -46.48
C2 NAG LA . 1.84 -1.35 -47.33
C3 NAG LA . 1.95 -1.00 -48.81
C4 NAG LA . 1.40 0.40 -49.08
C5 NAG LA . 2.09 1.41 -48.17
C6 NAG LA . 1.53 2.81 -48.30
C7 NAG LA . 1.73 -3.76 -46.84
C8 NAG LA . 0.24 -3.61 -46.89
N2 NAG LA . 2.44 -2.64 -47.06
O3 NAG LA . 1.21 -1.96 -49.57
O4 NAG LA . 1.64 0.75 -50.43
O5 NAG LA . 1.92 1.02 -46.80
O6 NAG LA . 2.07 3.67 -47.31
O7 NAG LA . 2.27 -4.84 -46.62
C1 NAG MA . 6.57 8.40 -46.05
C2 NAG MA . 7.15 9.67 -46.66
C3 NAG MA . 6.04 10.66 -46.99
C4 NAG MA . 5.00 10.00 -47.88
C5 NAG MA . 4.50 8.71 -47.24
C6 NAG MA . 3.56 7.94 -48.13
C7 NAG MA . 9.42 9.99 -45.77
C8 NAG MA . 10.28 10.71 -44.77
N2 NAG MA . 8.11 10.27 -45.75
O3 NAG MA . 6.59 11.79 -47.65
O4 NAG MA . 3.90 10.88 -48.07
O5 NAG MA . 5.61 7.84 -46.95
O6 NAG MA . 2.29 7.76 -47.51
O7 NAG MA . 9.90 9.19 -46.57
C1 NAG NA . 9.59 21.93 -45.63
C2 NAG NA . 8.28 22.59 -45.20
C3 NAG NA . 7.73 23.45 -46.33
C4 NAG NA . 8.79 24.44 -46.82
C5 NAG NA . 10.07 23.70 -47.18
C6 NAG NA . 11.20 24.63 -47.54
C7 NAG NA . 7.16 21.21 -43.51
C8 NAG NA . 6.11 20.17 -43.26
N2 NAG NA . 7.31 21.59 -44.78
O3 NAG NA . 6.58 24.15 -45.87
O4 NAG NA . 8.31 25.13 -47.96
O5 NAG NA . 10.52 22.93 -46.06
O6 NAG NA . 12.10 24.81 -46.46
O7 NAG NA . 7.85 21.67 -42.60
C1 NAG OA . 38.12 15.08 -44.45
C2 NAG OA . 39.14 15.59 -43.43
C3 NAG OA . 40.22 16.40 -44.14
C4 NAG OA . 40.86 15.59 -45.25
C5 NAG OA . 39.77 15.07 -46.21
C6 NAG OA . 40.32 14.14 -47.25
C7 NAG OA . 38.49 16.03 -41.11
C8 NAG OA . 37.79 16.97 -40.18
N2 NAG OA . 38.49 16.39 -42.40
O3 NAG OA . 41.21 16.79 -43.19
O4 NAG OA . 41.77 16.40 -45.98
O5 NAG OA . 38.79 14.32 -45.46
O6 NAG OA . 41.06 13.07 -46.69
O7 NAG OA . 39.03 15.00 -40.71
C1 NAG PA . 41.68 11.64 -39.48
C2 NAG PA . 42.53 12.83 -39.05
C3 NAG PA . 43.03 13.58 -40.27
C4 NAG PA . 43.76 12.62 -41.21
C5 NAG PA . 42.87 11.44 -41.55
C6 NAG PA . 43.58 10.39 -42.38
C7 NAG PA . 42.24 14.15 -36.99
C8 NAG PA . 43.60 13.66 -36.59
N2 NAG PA . 41.78 13.72 -38.17
O3 NAG PA . 43.92 14.62 -39.85
O4 NAG PA . 44.12 13.31 -42.41
O5 NAG PA . 42.44 10.79 -40.34
O6 NAG PA . 44.49 10.98 -43.29
O7 NAG PA . 41.58 14.91 -36.28
C1 NAG QA . 36.87 12.59 -52.46
C2 NAG QA . 37.80 12.19 -53.60
C3 NAG QA . 38.09 13.40 -54.48
C4 NAG QA . 36.79 14.04 -54.95
C5 NAG QA . 35.89 14.34 -53.76
C6 NAG QA . 34.54 14.86 -54.16
C7 NAG QA . 39.19 10.32 -52.80
C8 NAG QA . 40.53 9.91 -52.29
N2 NAG QA . 39.04 11.61 -53.08
O3 NAG QA . 38.87 12.98 -55.61
O4 NAG QA . 37.07 15.23 -55.66
O5 NAG QA . 35.67 13.15 -52.98
O6 NAG QA . 33.89 13.99 -55.07
O7 NAG QA . 38.27 9.51 -52.96
C1 NAG RA . 40.02 -8.52 -38.35
C2 NAG RA . 40.75 -8.67 -37.01
C3 NAG RA . 40.51 -10.07 -36.44
C4 NAG RA . 39.02 -10.37 -36.37
C5 NAG RA . 38.37 -10.15 -37.72
C6 NAG RA . 36.87 -10.32 -37.70
C7 NAG RA . 42.87 -7.67 -36.28
C8 NAG RA . 42.11 -7.11 -35.12
N2 NAG RA . 42.17 -8.40 -37.15
O3 NAG RA . 41.09 -10.16 -35.15
O4 NAG RA . 38.82 -11.73 -35.97
O5 NAG RA . 38.63 -8.81 -38.17
O6 NAG RA . 36.24 -9.61 -38.76
O7 NAG RA . 44.07 -7.46 -36.44
C1 NAG SA . 24.18 -8.04 -33.51
C2 NAG SA . 24.10 -8.52 -32.06
C3 NAG SA . 24.03 -10.04 -32.00
C4 NAG SA . 22.90 -10.56 -32.88
C5 NAG SA . 23.04 -10.00 -34.30
C6 NAG SA . 21.88 -10.38 -35.20
C7 NAG SA . 25.15 -7.79 -29.96
C8 NAG SA . 26.41 -7.30 -29.33
N2 NAG SA . 25.23 -8.03 -31.28
O3 NAG SA . 23.82 -10.46 -30.67
O4 NAG SA . 22.92 -11.97 -32.93
O5 NAG SA . 23.08 -8.56 -34.26
O6 NAG SA . 21.03 -11.32 -34.57
O7 NAG SA . 24.12 -7.98 -29.33
#